data_8VPB
#
_entry.id   8VPB
#
_cell.length_a   1.00
_cell.length_b   1.00
_cell.length_c   1.00
_cell.angle_alpha   90.00
_cell.angle_beta   90.00
_cell.angle_gamma   90.00
#
_symmetry.space_group_name_H-M   'P 1'
#
loop_
_entity.id
_entity.type
_entity.pdbx_description
1 polymer 'ABC-type bacteriocin transporter'
2 non-polymer "ADENOSINE-5'-DIPHOSPHATE"
3 non-polymer 'MAGNESIUM ION'
#
_entity_poly.entity_id   1
_entity_poly.type   'polypeptide(L)'
_entity_poly.pdbx_seq_one_letter_code
;MGHHHHHHHHHHSSGHIDDDDKHMLRRLFKKKYVCVRQYDLTDCGAACLSSIAQYYGLKMSLAKIREMTGTDTQGTNAYG
LIHAAKQLGFSAKGVKASKEDLLKDFRLPAIANVIVDNRLAHFVVIYSIKNRIITVADPGKGIVRYSMDDFCSIWTGGLV
LLEPGEAFQKGDYTQNMMVKFAGFLKPLKKTVLCIFLASLLYTALGIAGSFYIKFLFDDLIKFEKLNDLHIISAGFAVIF
LLQIFLNYYRSILVTKLGMSIDKSIMMEYYSHVLKLPMNFFNSRKVGEIISRFMDASKIRQAISGATLTIMIDTIMAVIG
GILLYIQNSSLFFISFIIILLYGIIVTVFNKPIQNANRQIMEDNAKLTSALVESVKGIETIKSFGAEEQTEKSTRDKIET
VMKSSFKEGMLYINLSSLTGIVAGLGGIVILWAGAYNVIKGNMSGGQLLAFNALLAYFLTPVKNLIDLQPLIQTAVVASN
RLGEILELATEKELREDSDDFVISLKGDIEFRNVDFRYGLRKPVLKNINLTIPKGKTVAIVGESGSGKTTLAKLLMNFYS
PEKGDILINGHSIKNISLELIRKKIAFVSQDVFIFSGTVKENLCLGNENVDMDEIIKAAKMANAHDFIEKLPLKYDTFLN
ESGANLSEGQKQRLAIARALLKKPDILILDEATSNLDSITENHIKDAIYGLEDDVTVIIIAHRLSTIVNCDKIYLLKDGE
IVESGSHTELIALKGCYFKMWKQTENTLAS
;
_entity_poly.pdbx_strand_id   A,B
#
loop_
_chem_comp.id
_chem_comp.type
_chem_comp.name
_chem_comp.formula
ADP non-polymer ADENOSINE-5'-DIPHOSPHATE 'C10 H15 N5 O10 P2'
MG non-polymer 'MAGNESIUM ION' 'Mg 2'
#
# COMPACT_ATOMS: atom_id res chain seq x y z
N VAL A 34 -9.23 -25.37 17.88
CA VAL A 34 -8.71 -24.01 18.01
C VAL A 34 -7.91 -23.65 16.77
N CYS A 35 -8.30 -22.54 16.13
CA CYS A 35 -7.70 -22.07 14.89
C CYS A 35 -7.44 -20.57 14.97
N VAL A 36 -6.79 -20.14 16.07
CA VAL A 36 -6.56 -18.73 16.31
C VAL A 36 -5.88 -18.10 15.11
N ARG A 37 -6.42 -16.96 14.67
CA ARG A 37 -5.94 -16.30 13.47
C ARG A 37 -4.50 -15.82 13.65
N GLN A 38 -3.73 -15.88 12.56
CA GLN A 38 -2.36 -15.37 12.58
C GLN A 38 -2.39 -13.86 12.38
N TYR A 39 -1.75 -13.13 13.31
CA TYR A 39 -1.67 -11.68 13.20
C TYR A 39 -0.58 -11.20 12.27
N ASP A 40 0.38 -12.08 11.94
CA ASP A 40 1.45 -11.76 11.01
C ASP A 40 1.56 -12.85 9.96
N LEU A 41 2.13 -12.49 8.81
CA LEU A 41 2.29 -13.44 7.73
C LEU A 41 3.40 -14.45 7.98
N THR A 42 4.21 -14.27 9.02
CA THR A 42 5.36 -15.12 9.28
C THR A 42 5.27 -15.87 10.60
N ASP A 43 4.13 -15.87 11.27
CA ASP A 43 3.98 -16.45 12.60
C ASP A 43 3.01 -17.62 12.62
N CYS A 44 2.89 -18.32 11.49
CA CYS A 44 1.94 -19.43 11.40
C CYS A 44 2.28 -20.54 12.39
N GLY A 45 3.56 -20.91 12.48
CA GLY A 45 3.94 -21.97 13.40
C GLY A 45 3.64 -21.63 14.85
N ALA A 46 3.91 -20.39 15.24
CA ALA A 46 3.54 -19.95 16.58
C ALA A 46 2.03 -20.01 16.78
N ALA A 47 1.26 -19.69 15.73
CA ALA A 47 -0.20 -19.78 15.84
C ALA A 47 -0.65 -21.20 16.08
N CYS A 48 -0.09 -22.17 15.35
CA CYS A 48 -0.45 -23.57 15.57
C CYS A 48 -0.02 -24.04 16.97
N LEU A 49 1.16 -23.62 17.42
CA LEU A 49 1.61 -23.98 18.76
C LEU A 49 0.66 -23.43 19.82
N SER A 50 0.23 -22.17 19.65
CA SER A 50 -0.72 -21.58 20.58
C SER A 50 -2.06 -22.30 20.53
N SER A 51 -2.49 -22.71 19.34
CA SER A 51 -3.73 -23.47 19.21
C SER A 51 -3.64 -24.79 19.96
N ILE A 52 -2.51 -25.49 19.82
CA ILE A 52 -2.32 -26.75 20.55
C ILE A 52 -2.33 -26.50 22.04
N ALA A 53 -1.64 -25.45 22.49
CA ALA A 53 -1.60 -25.15 23.93
C ALA A 53 -2.98 -24.84 24.47
N GLN A 54 -3.77 -24.05 23.72
CA GLN A 54 -5.12 -23.71 24.15
C GLN A 54 -6.01 -24.95 24.18
N TYR A 55 -5.89 -25.82 23.18
CA TYR A 55 -6.66 -27.05 23.17
C TYR A 55 -6.26 -27.95 24.34
N TYR A 56 -5.01 -27.84 24.80
CA TYR A 56 -4.53 -28.63 25.93
C TYR A 56 -4.66 -27.89 27.26
N GLY A 57 -5.27 -26.72 27.27
CA GLY A 57 -5.57 -26.02 28.51
C GLY A 57 -4.61 -24.95 28.95
N LEU A 58 -3.67 -24.54 28.10
CA LEU A 58 -2.71 -23.49 28.43
C LEU A 58 -2.88 -22.34 27.44
N LYS A 59 -3.36 -21.21 27.92
CA LYS A 59 -3.58 -20.03 27.11
C LYS A 59 -2.57 -18.95 27.49
N MET A 60 -1.91 -18.38 26.48
CA MET A 60 -0.92 -17.33 26.71
C MET A 60 -0.87 -16.44 25.47
N SER A 61 -0.23 -15.28 25.64
CA SER A 61 -0.17 -14.30 24.56
C SER A 61 0.60 -14.86 23.36
N LEU A 62 0.14 -14.51 22.17
CA LEU A 62 0.80 -15.00 20.95
C LEU A 62 2.17 -14.38 20.74
N ALA A 63 2.35 -13.12 21.18
CA ALA A 63 3.65 -12.47 21.02
C ALA A 63 4.71 -13.16 21.85
N LYS A 64 4.36 -13.61 23.06
CA LYS A 64 5.32 -14.31 23.90
C LYS A 64 5.78 -15.61 23.24
N ILE A 65 4.85 -16.35 22.63
CA ILE A 65 5.22 -17.57 21.93
C ILE A 65 6.05 -17.25 20.68
N ARG A 66 5.67 -16.20 19.96
CA ARG A 66 6.39 -15.84 18.73
C ARG A 66 7.84 -15.47 19.03
N GLU A 67 8.07 -14.70 20.09
CA GLU A 67 9.44 -14.40 20.49
C GLU A 67 10.10 -15.62 21.13
N MET A 68 9.30 -16.50 21.75
CA MET A 68 9.85 -17.68 22.41
C MET A 68 10.28 -18.73 21.40
N THR A 69 9.50 -18.91 20.33
CA THR A 69 9.84 -19.86 19.27
C THR A 69 11.03 -19.40 18.46
N GLY A 70 11.44 -18.14 18.58
CA GLY A 70 12.49 -17.60 17.75
C GLY A 70 12.05 -17.35 16.32
N THR A 71 10.81 -16.90 16.12
CA THR A 71 10.32 -16.59 14.78
C THR A 71 11.07 -15.39 14.21
N ASP A 72 11.44 -15.49 12.93
CA ASP A 72 12.16 -14.44 12.23
C ASP A 72 11.31 -13.94 11.07
N THR A 73 11.89 -13.05 10.26
CA THR A 73 11.19 -12.52 9.10
C THR A 73 10.93 -13.60 8.04
N GLN A 74 11.69 -14.70 8.07
CA GLN A 74 11.51 -15.79 7.12
C GLN A 74 10.60 -16.90 7.65
N GLY A 75 10.01 -16.72 8.83
CA GLY A 75 9.18 -17.72 9.44
C GLY A 75 9.95 -18.68 10.31
N THR A 76 9.21 -19.53 11.03
CA THR A 76 9.78 -20.49 11.94
C THR A 76 9.90 -21.86 11.28
N ASN A 77 10.61 -22.76 11.97
CA ASN A 77 10.85 -24.10 11.49
C ASN A 77 10.50 -25.10 12.59
N ALA A 78 10.74 -26.39 12.32
CA ALA A 78 10.40 -27.43 13.28
C ALA A 78 11.23 -27.32 14.55
N TYR A 79 12.50 -26.96 14.42
CA TYR A 79 13.38 -26.87 15.58
C TYR A 79 12.88 -25.85 16.59
N GLY A 80 12.45 -24.67 16.10
CA GLY A 80 11.89 -23.68 17.00
C GLY A 80 10.64 -24.18 17.70
N LEU A 81 9.77 -24.87 16.96
CA LEU A 81 8.54 -25.40 17.55
C LEU A 81 8.84 -26.39 18.67
N ILE A 82 9.75 -27.34 18.40
CA ILE A 82 10.03 -28.36 19.41
C ILE A 82 10.74 -27.74 20.62
N HIS A 83 11.65 -26.79 20.37
CA HIS A 83 12.33 -26.13 21.49
C HIS A 83 11.33 -25.38 22.36
N ALA A 84 10.44 -24.61 21.73
CA ALA A 84 9.45 -23.85 22.50
C ALA A 84 8.53 -24.78 23.26
N ALA A 85 8.07 -25.86 22.64
CA ALA A 85 7.18 -26.79 23.32
C ALA A 85 7.88 -27.46 24.49
N LYS A 86 9.14 -27.87 24.30
CA LYS A 86 9.87 -28.51 25.39
C LYS A 86 10.10 -27.54 26.54
N GLN A 87 10.39 -26.29 26.24
CA GLN A 87 10.56 -25.30 27.31
C GLN A 87 9.25 -25.06 28.03
N LEU A 88 8.13 -25.03 27.29
CA LEU A 88 6.81 -24.90 27.91
C LEU A 88 6.40 -26.12 28.71
N GLY A 89 7.11 -27.24 28.58
CA GLY A 89 6.79 -28.45 29.30
C GLY A 89 6.33 -29.60 28.44
N PHE A 90 6.10 -29.38 27.14
CA PHE A 90 5.68 -30.45 26.26
C PHE A 90 6.82 -31.43 26.01
N SER A 91 6.45 -32.66 25.69
CA SER A 91 7.42 -33.68 25.28
C SER A 91 7.50 -33.71 23.76
N ALA A 92 7.93 -32.59 23.20
CA ALA A 92 7.94 -32.41 21.75
C ALA A 92 8.99 -33.30 21.10
N LYS A 93 8.74 -33.64 19.83
CA LYS A 93 9.68 -34.43 19.05
C LYS A 93 9.42 -34.16 17.58
N GLY A 94 10.42 -34.44 16.76
CA GLY A 94 10.32 -34.30 15.31
C GLY A 94 10.54 -35.63 14.63
N VAL A 95 9.71 -35.92 13.64
CA VAL A 95 9.79 -37.19 12.92
C VAL A 95 9.20 -36.98 11.53
N LYS A 96 9.68 -37.76 10.57
CA LYS A 96 9.18 -37.73 9.21
C LYS A 96 8.25 -38.92 8.98
N ALA A 97 7.04 -38.64 8.52
CA ALA A 97 6.02 -39.66 8.34
C ALA A 97 5.67 -39.82 6.87
N SER A 98 4.90 -40.87 6.58
CA SER A 98 4.46 -41.18 5.23
C SER A 98 2.93 -41.26 5.21
N LYS A 99 2.39 -41.58 4.03
CA LYS A 99 0.94 -41.70 3.89
C LYS A 99 0.41 -42.86 4.73
N GLU A 100 1.13 -43.98 4.77
CA GLU A 100 0.70 -45.11 5.60
C GLU A 100 0.76 -44.76 7.09
N ASP A 101 1.69 -43.88 7.48
CA ASP A 101 1.76 -43.46 8.87
C ASP A 101 0.52 -42.69 9.29
N LEU A 102 -0.04 -41.89 8.38
CA LEU A 102 -1.29 -41.20 8.68
C LEU A 102 -2.42 -42.19 8.94
N LEU A 103 -2.42 -43.33 8.25
CA LEU A 103 -3.42 -44.36 8.51
C LEU A 103 -3.24 -44.98 9.90
N LYS A 104 -2.00 -45.12 10.35
CA LYS A 104 -1.74 -45.67 11.67
C LYS A 104 -2.17 -44.70 12.76
N ASP A 105 -2.49 -45.24 13.93
CA ASP A 105 -2.99 -44.45 15.05
C ASP A 105 -1.83 -43.94 15.89
N PHE A 106 -1.79 -42.63 16.08
CA PHE A 106 -0.80 -41.98 16.94
C PHE A 106 -1.44 -40.74 17.54
N ARG A 107 -0.61 -39.86 18.11
CA ARG A 107 -1.11 -38.63 18.72
C ARG A 107 -1.79 -37.75 17.68
N LEU A 108 -3.12 -37.64 17.76
CA LEU A 108 -3.86 -36.86 16.77
C LEU A 108 -3.49 -35.38 16.77
N PRO A 109 -3.43 -34.67 17.92
CA PRO A 109 -3.06 -33.25 17.86
C PRO A 109 -1.58 -33.06 17.57
N ALA A 110 -1.27 -32.62 16.35
CA ALA A 110 0.11 -32.42 15.93
C ALA A 110 0.16 -31.40 14.82
N ILE A 111 1.34 -30.80 14.63
CA ILE A 111 1.57 -29.80 13.60
C ILE A 111 2.20 -30.47 12.39
N ALA A 112 1.60 -30.26 11.22
CA ALA A 112 2.07 -30.87 9.98
C ALA A 112 2.51 -29.78 9.01
N ASN A 113 3.76 -29.88 8.54
CA ASN A 113 4.28 -28.91 7.59
C ASN A 113 3.59 -29.07 6.23
N VAL A 114 3.48 -27.96 5.51
CA VAL A 114 2.83 -27.95 4.20
C VAL A 114 3.38 -26.77 3.41
N ILE A 115 3.59 -27.00 2.10
CA ILE A 115 4.07 -25.97 1.19
C ILE A 115 2.93 -25.62 0.25
N VAL A 116 2.56 -24.34 0.21
CA VAL A 116 1.48 -23.88 -0.65
C VAL A 116 2.00 -23.63 -2.07
N ALA A 121 5.93 -22.26 2.65
CA ALA A 121 6.03 -23.12 3.82
C ALA A 121 5.07 -22.66 4.92
N HIS A 122 3.96 -23.38 5.05
CA HIS A 122 2.94 -23.09 6.05
C HIS A 122 2.83 -24.25 7.04
N PHE A 123 2.14 -23.99 8.14
CA PHE A 123 1.93 -24.99 9.18
C PHE A 123 0.44 -25.11 9.47
N VAL A 124 -0.07 -26.33 9.46
CA VAL A 124 -1.45 -26.64 9.80
C VAL A 124 -1.45 -27.74 10.85
N VAL A 125 -2.30 -27.59 11.86
CA VAL A 125 -2.43 -28.58 12.92
C VAL A 125 -3.59 -29.50 12.59
N ILE A 126 -3.35 -30.80 12.65
CA ILE A 126 -4.38 -31.81 12.42
C ILE A 126 -5.00 -32.19 13.76
N TYR A 127 -6.31 -32.38 13.75
CA TYR A 127 -7.05 -32.70 14.97
C TYR A 127 -7.53 -34.14 15.02
N SER A 128 -8.01 -34.68 13.90
CA SER A 128 -8.47 -36.06 13.87
C SER A 128 -8.40 -36.58 12.44
N ILE A 129 -8.16 -37.88 12.33
CA ILE A 129 -8.16 -38.57 11.04
C ILE A 129 -9.28 -39.60 11.11
N LYS A 130 -10.46 -39.22 10.62
CA LYS A 130 -11.64 -40.07 10.70
C LYS A 130 -11.64 -41.04 9.51
N ASN A 131 -12.77 -41.68 9.27
CA ASN A 131 -12.88 -42.70 8.23
C ASN A 131 -12.81 -42.03 6.87
N ARG A 132 -11.64 -42.11 6.24
CA ARG A 132 -11.39 -41.57 4.90
C ARG A 132 -11.62 -40.06 4.84
N ILE A 133 -11.36 -39.36 5.94
CA ILE A 133 -11.48 -37.91 5.98
C ILE A 133 -10.60 -37.40 7.12
N ILE A 134 -10.09 -36.18 6.97
CA ILE A 134 -9.18 -35.58 7.94
C ILE A 134 -9.75 -34.24 8.36
N THR A 135 -9.33 -33.79 9.55
CA THR A 135 -9.74 -32.51 10.11
C THR A 135 -8.49 -31.72 10.46
N VAL A 136 -8.38 -30.50 9.92
CA VAL A 136 -7.24 -29.63 10.15
C VAL A 136 -7.75 -28.25 10.52
N ALA A 137 -6.83 -27.41 11.01
CA ALA A 137 -7.13 -26.04 11.37
C ALA A 137 -5.95 -25.16 10.97
N ASP A 138 -6.15 -24.29 9.97
CA ASP A 138 -5.07 -23.43 9.53
C ASP A 138 -5.32 -21.98 9.93
N PRO A 139 -4.29 -21.30 10.44
CA PRO A 139 -4.47 -19.89 10.83
C PRO A 139 -4.87 -18.99 9.67
N GLY A 140 -4.43 -19.30 8.45
CA GLY A 140 -4.74 -18.44 7.32
C GLY A 140 -6.23 -18.37 7.02
N LYS A 141 -6.93 -19.49 7.16
CA LYS A 141 -8.34 -19.56 6.82
C LYS A 141 -9.22 -19.89 8.03
N GLY A 142 -8.86 -20.92 8.79
CA GLY A 142 -9.67 -21.32 9.93
C GLY A 142 -9.60 -22.81 10.19
N ILE A 143 -10.76 -23.46 10.33
CA ILE A 143 -10.83 -24.91 10.48
C ILE A 143 -11.55 -25.47 9.25
N VAL A 144 -10.90 -26.40 8.56
CA VAL A 144 -11.40 -26.96 7.32
C VAL A 144 -11.10 -28.46 7.32
N ARG A 145 -11.51 -29.13 6.24
CA ARG A 145 -11.25 -30.55 6.03
C ARG A 145 -10.53 -30.73 4.71
N TYR A 146 -9.80 -31.84 4.60
CA TYR A 146 -9.01 -32.13 3.42
C TYR A 146 -9.10 -33.62 3.09
N SER A 147 -8.65 -33.97 1.89
CA SER A 147 -8.59 -35.34 1.42
C SER A 147 -7.17 -35.87 1.51
N MET A 148 -7.05 -37.20 1.55
CA MET A 148 -5.73 -37.82 1.69
C MET A 148 -4.83 -37.50 0.49
N ASP A 149 -5.38 -37.57 -0.72
CA ASP A 149 -4.57 -37.32 -1.91
C ASP A 149 -4.08 -35.88 -1.94
N ASP A 150 -4.99 -34.92 -1.74
CA ASP A 150 -4.60 -33.51 -1.77
C ASP A 150 -3.63 -33.20 -0.65
N PHE A 151 -3.87 -33.72 0.56
CA PHE A 151 -2.97 -33.48 1.67
C PHE A 151 -1.58 -34.02 1.36
N CYS A 152 -1.48 -35.29 0.95
CA CYS A 152 -0.19 -35.87 0.62
C CYS A 152 0.49 -35.12 -0.52
N SER A 153 -0.30 -34.53 -1.41
CA SER A 153 0.30 -33.69 -2.45
C SER A 153 0.86 -32.39 -1.88
N ILE A 154 0.22 -31.84 -0.84
CA ILE A 154 0.67 -30.57 -0.28
C ILE A 154 1.46 -30.72 1.02
N TRP A 155 1.25 -31.79 1.78
CA TRP A 155 1.89 -31.93 3.09
C TRP A 155 3.33 -32.41 2.94
N THR A 156 4.26 -31.68 3.55
CA THR A 156 5.66 -32.07 3.55
C THR A 156 5.92 -33.15 4.59
N GLY A 157 6.92 -33.99 4.33
CA GLY A 157 7.19 -35.13 5.18
C GLY A 157 7.50 -34.78 6.63
N GLY A 158 7.98 -33.56 6.87
CA GLY A 158 8.29 -33.18 8.24
C GLY A 158 7.04 -33.15 9.11
N LEU A 159 7.18 -33.64 10.35
CA LEU A 159 6.08 -33.70 11.29
C LEU A 159 6.60 -33.47 12.70
N VAL A 160 5.80 -32.79 13.51
CA VAL A 160 6.14 -32.48 14.89
C VAL A 160 5.05 -33.04 15.80
N LEU A 161 5.47 -33.81 16.81
CA LEU A 161 4.56 -34.41 17.78
C LEU A 161 4.72 -33.72 19.13
N LEU A 162 3.60 -33.44 19.78
CA LEU A 162 3.57 -32.73 21.05
C LEU A 162 2.80 -33.53 22.08
N GLU A 163 3.25 -33.47 23.33
CA GLU A 163 2.62 -34.16 24.44
C GLU A 163 3.05 -33.54 25.76
N PRO A 164 2.11 -33.20 26.64
CA PRO A 164 2.49 -32.55 27.91
C PRO A 164 3.34 -33.46 28.78
N GLY A 165 4.25 -32.84 29.52
CA GLY A 165 5.12 -33.56 30.44
C GLY A 165 4.56 -33.57 31.84
N GLU A 166 5.40 -34.04 32.77
CA GLU A 166 5.00 -34.10 34.17
C GLU A 166 4.76 -32.71 34.75
N ALA A 167 5.65 -31.76 34.45
CA ALA A 167 5.54 -30.40 34.96
C ALA A 167 4.91 -29.52 33.88
N PHE A 168 3.58 -29.60 33.81
CA PHE A 168 2.79 -28.84 32.83
C PHE A 168 1.59 -28.19 33.51
N GLN A 169 1.84 -27.50 34.62
CA GLN A 169 0.77 -26.81 35.33
C GLN A 169 0.08 -25.82 34.40
N LYS A 170 -1.26 -25.87 34.38
CA LYS A 170 -2.03 -25.02 33.49
C LYS A 170 -2.07 -23.59 34.02
N GLY A 171 -2.46 -22.68 33.13
CA GLY A 171 -2.59 -21.28 33.50
C GLY A 171 -3.21 -20.49 32.37
N ASP A 172 -3.62 -19.27 32.70
CA ASP A 172 -4.21 -18.33 31.75
C ASP A 172 -3.45 -17.01 31.90
N TYR A 173 -2.34 -16.89 31.17
CA TYR A 173 -1.48 -15.71 31.28
C TYR A 173 -1.84 -14.68 30.22
N THR A 174 -3.08 -14.22 30.29
CA THR A 174 -3.58 -13.21 29.36
C THR A 174 -4.58 -12.33 30.08
N GLN A 175 -4.79 -11.13 29.53
CA GLN A 175 -5.70 -10.15 30.08
C GLN A 175 -6.78 -9.80 29.07
N ASN A 176 -7.97 -9.48 29.57
CA ASN A 176 -9.05 -9.06 28.69
C ASN A 176 -8.75 -7.66 28.19
N MET A 177 -8.05 -7.58 27.06
CA MET A 177 -7.43 -6.33 26.63
C MET A 177 -8.45 -5.30 26.15
N MET A 178 -9.70 -5.70 25.95
CA MET A 178 -10.74 -4.71 25.69
C MET A 178 -10.97 -3.84 26.92
N VAL A 179 -10.91 -4.44 28.11
CA VAL A 179 -11.08 -3.68 29.34
C VAL A 179 -9.92 -2.72 29.55
N LYS A 180 -8.70 -3.18 29.28
CA LYS A 180 -7.53 -2.31 29.45
C LYS A 180 -7.61 -1.09 28.55
N PHE A 181 -8.02 -1.28 27.29
CA PHE A 181 -8.13 -0.15 26.37
C PHE A 181 -9.34 0.72 26.69
N ALA A 182 -10.41 0.12 27.22
CA ALA A 182 -11.54 0.91 27.69
C ALA A 182 -11.20 1.73 28.92
N GLY A 183 -10.17 1.32 29.67
CA GLY A 183 -9.72 2.09 30.81
C GLY A 183 -9.18 3.45 30.44
N PHE A 184 -8.88 3.68 29.16
CA PHE A 184 -8.52 5.01 28.70
C PHE A 184 -9.66 6.00 28.84
N LEU A 185 -10.89 5.53 28.97
CA LEU A 185 -12.05 6.38 29.19
C LEU A 185 -12.19 6.81 30.65
N LYS A 186 -11.46 6.19 31.56
CA LYS A 186 -11.59 6.53 32.98
C LYS A 186 -11.27 7.98 33.29
N PRO A 187 -10.18 8.57 32.79
CA PRO A 187 -9.97 10.00 33.07
C PRO A 187 -10.91 10.91 32.31
N LEU A 188 -11.42 10.46 31.15
CA LEU A 188 -12.36 11.25 30.35
C LEU A 188 -13.77 10.75 30.68
N LYS A 189 -14.26 11.15 31.85
CA LYS A 189 -15.60 10.79 32.29
C LYS A 189 -16.56 11.97 32.34
N LYS A 190 -16.06 13.21 32.25
CA LYS A 190 -16.95 14.36 32.13
C LYS A 190 -17.54 14.47 30.73
N THR A 191 -16.75 14.15 29.71
CA THR A 191 -17.25 14.19 28.34
C THR A 191 -18.32 13.12 28.13
N VAL A 192 -18.12 11.92 28.68
CA VAL A 192 -19.12 10.87 28.56
C VAL A 192 -20.41 11.28 29.27
N LEU A 193 -20.30 11.86 30.47
CA LEU A 193 -21.48 12.34 31.16
C LEU A 193 -22.10 13.55 30.48
N CYS A 194 -21.34 14.27 29.65
CA CYS A 194 -21.88 15.36 28.86
C CYS A 194 -22.40 14.90 27.51
N ILE A 195 -22.33 13.59 27.23
CA ILE A 195 -22.88 13.01 26.02
C ILE A 195 -24.12 12.18 26.33
N PHE A 196 -24.13 11.47 27.45
CA PHE A 196 -25.29 10.68 27.84
C PHE A 196 -26.50 11.58 28.09
N LEU A 197 -26.30 12.71 28.76
CA LEU A 197 -27.39 13.65 29.00
C LEU A 197 -27.92 14.24 27.70
N ALA A 198 -27.01 14.59 26.78
CA ALA A 198 -27.43 15.10 25.49
C ALA A 198 -28.23 14.04 24.72
N SER A 199 -27.82 12.79 24.79
CA SER A 199 -28.57 11.71 24.14
C SER A 199 -29.94 11.54 24.77
N LEU A 200 -30.02 11.64 26.10
CA LEU A 200 -31.32 11.54 26.78
C LEU A 200 -32.25 12.66 26.34
N LEU A 201 -31.73 13.89 26.29
CA LEU A 201 -32.56 15.02 25.89
C LEU A 201 -32.98 14.90 24.42
N TYR A 202 -32.07 14.42 23.57
CA TYR A 202 -32.42 14.20 22.17
C TYR A 202 -33.51 13.15 22.03
N THR A 203 -33.41 12.07 22.82
CA THR A 203 -34.45 11.05 22.83
C THR A 203 -35.80 11.64 23.25
N ALA A 204 -35.80 12.42 24.32
CA ALA A 204 -37.05 13.01 24.81
C ALA A 204 -37.65 13.95 23.78
N LEU A 205 -36.82 14.79 23.15
CA LEU A 205 -37.32 15.71 22.15
C LEU A 205 -37.90 14.98 20.95
N GLY A 206 -37.21 13.93 20.48
CA GLY A 206 -37.73 13.16 19.35
C GLY A 206 -39.03 12.46 19.68
N ILE A 207 -39.12 11.84 20.86
CA ILE A 207 -40.34 11.16 21.25
C ILE A 207 -41.49 12.14 21.38
N ALA A 208 -41.23 13.31 21.98
CA ALA A 208 -42.28 14.31 22.12
C ALA A 208 -42.73 14.85 20.76
N GLY A 209 -41.79 15.07 19.84
CA GLY A 209 -42.13 15.58 18.53
C GLY A 209 -42.72 14.57 17.58
N SER A 210 -42.63 13.28 17.89
CA SER A 210 -43.25 12.26 17.06
C SER A 210 -44.76 12.20 17.22
N PHE A 211 -45.32 12.90 18.21
CA PHE A 211 -46.76 12.92 18.44
C PHE A 211 -47.47 14.04 17.67
N TYR A 212 -46.74 14.77 16.83
CA TYR A 212 -47.35 15.80 16.00
C TYR A 212 -48.40 15.21 15.08
N ILE A 213 -48.10 14.07 14.45
CA ILE A 213 -49.05 13.45 13.54
C ILE A 213 -50.28 12.95 14.27
N LYS A 214 -50.11 12.46 15.51
CA LYS A 214 -51.27 12.07 16.31
C LYS A 214 -52.12 13.28 16.68
N PHE A 215 -51.47 14.38 17.06
CA PHE A 215 -52.23 15.59 17.41
C PHE A 215 -52.96 16.16 16.20
N LEU A 216 -52.39 16.00 15.00
CA LEU A 216 -53.02 16.55 13.80
C LEU A 216 -54.34 15.85 13.49
N PHE A 217 -54.32 14.52 13.46
CA PHE A 217 -55.47 13.76 12.97
C PHE A 217 -56.52 13.48 14.05
N ASP A 218 -56.10 13.33 15.30
CA ASP A 218 -57.06 12.99 16.36
C ASP A 218 -57.98 14.17 16.66
N ASP A 219 -57.41 15.36 16.83
CA ASP A 219 -58.17 16.52 17.26
C ASP A 219 -58.13 17.67 16.27
N LEU A 220 -56.96 18.04 15.78
CA LEU A 220 -56.81 19.30 15.07
C LEU A 220 -57.52 19.27 13.71
N ILE A 221 -57.29 18.22 12.93
CA ILE A 221 -57.91 18.14 11.61
C ILE A 221 -59.41 17.91 11.72
N LYS A 222 -59.82 17.05 12.65
CA LYS A 222 -61.23 16.67 12.77
C LYS A 222 -62.10 17.86 13.18
N PHE A 223 -61.63 18.69 14.10
CA PHE A 223 -62.42 19.76 14.67
C PHE A 223 -62.22 21.10 13.98
N GLU A 224 -61.40 21.17 12.94
CA GLU A 224 -61.19 22.38 12.14
C GLU A 224 -60.71 23.55 13.01
N LYS A 225 -59.52 23.39 13.57
CA LYS A 225 -58.87 24.44 14.36
C LYS A 225 -57.67 24.96 13.59
N LEU A 226 -57.59 26.28 13.45
CA LEU A 226 -56.54 26.93 12.66
C LEU A 226 -55.46 27.59 13.50
N ASN A 227 -55.86 28.47 14.43
CA ASN A 227 -54.88 29.14 15.28
C ASN A 227 -54.14 28.13 16.16
N ASP A 228 -54.89 27.16 16.72
CA ASP A 228 -54.26 26.10 17.48
C ASP A 228 -53.33 25.28 16.61
N LEU A 229 -53.70 25.05 15.35
CA LEU A 229 -52.83 24.35 14.42
C LEU A 229 -51.52 25.10 14.24
N HIS A 230 -51.60 26.41 14.00
CA HIS A 230 -50.38 27.20 13.82
C HIS A 230 -49.51 27.16 15.07
N ILE A 231 -50.11 27.34 16.24
CA ILE A 231 -49.34 27.37 17.49
C ILE A 231 -48.66 26.03 17.72
N ILE A 232 -49.40 24.93 17.56
CA ILE A 232 -48.85 23.61 17.83
C ILE A 232 -47.76 23.26 16.82
N SER A 233 -47.96 23.61 15.55
CA SER A 233 -46.93 23.34 14.55
C SER A 233 -45.66 24.14 14.83
N ALA A 234 -45.81 25.40 15.25
CA ALA A 234 -44.64 26.20 15.60
C ALA A 234 -43.91 25.59 16.79
N GLY A 235 -44.66 25.12 17.80
CA GLY A 235 -44.04 24.49 18.94
C GLY A 235 -43.27 23.23 18.57
N PHE A 236 -43.84 22.41 17.68
CA PHE A 236 -43.15 21.20 17.26
C PHE A 236 -41.93 21.51 16.40
N ALA A 237 -42.01 22.55 15.57
CA ALA A 237 -40.84 22.98 14.81
C ALA A 237 -39.72 23.44 15.74
N VAL A 238 -40.07 24.18 16.80
CA VAL A 238 -39.07 24.60 17.78
C VAL A 238 -38.46 23.40 18.48
N ILE A 239 -39.30 22.40 18.83
CA ILE A 239 -38.78 21.19 19.45
C ILE A 239 -37.79 20.49 18.52
N PHE A 240 -38.12 20.39 17.24
CA PHE A 240 -37.21 19.74 16.29
C PHE A 240 -35.91 20.51 16.14
N LEU A 241 -35.99 21.85 16.13
CA LEU A 241 -34.77 22.66 16.05
C LEU A 241 -33.88 22.44 17.28
N LEU A 242 -34.49 22.36 18.46
CA LEU A 242 -33.72 22.05 19.66
C LEU A 242 -33.08 20.67 19.55
N GLN A 243 -33.81 19.71 18.98
CA GLN A 243 -33.25 18.38 18.75
C GLN A 243 -32.03 18.43 17.84
N ILE A 244 -32.12 19.23 16.77
CA ILE A 244 -30.99 19.35 15.84
C ILE A 244 -29.79 19.98 16.53
N PHE A 245 -30.02 21.01 17.33
CA PHE A 245 -28.91 21.64 18.05
C PHE A 245 -28.24 20.67 19.02
N LEU A 246 -29.05 19.87 19.72
CA LEU A 246 -28.49 18.87 20.62
C LEU A 246 -27.69 17.83 19.85
N ASN A 247 -28.18 17.42 18.68
CA ASN A 247 -27.44 16.47 17.85
C ASN A 247 -26.10 17.06 17.41
N TYR A 248 -26.09 18.33 17.03
CA TYR A 248 -24.84 19.00 16.65
C TYR A 248 -23.84 19.00 17.79
N TYR A 249 -24.29 19.38 18.99
CA TYR A 249 -23.40 19.40 20.15
C TYR A 249 -22.88 18.01 20.48
N ARG A 250 -23.76 17.00 20.44
CA ARG A 250 -23.34 15.63 20.74
C ARG A 250 -22.34 15.13 19.72
N SER A 251 -22.54 15.46 18.44
CA SER A 251 -21.59 15.04 17.42
C SER A 251 -20.22 15.67 17.64
N ILE A 252 -20.19 16.97 18.00
CA ILE A 252 -18.92 17.61 18.30
C ILE A 252 -18.21 16.90 19.44
N LEU A 253 -18.94 16.62 20.52
CA LEU A 253 -18.34 15.97 21.68
C LEU A 253 -17.82 14.57 21.34
N VAL A 254 -18.60 13.81 20.56
CA VAL A 254 -18.20 12.46 20.20
C VAL A 254 -16.94 12.48 19.34
N THR A 255 -16.88 13.41 18.37
CA THR A 255 -15.69 13.52 17.54
C THR A 255 -14.46 13.86 18.37
N LYS A 256 -14.59 14.82 19.30
CA LYS A 256 -13.45 15.18 20.14
C LYS A 256 -13.00 14.00 21.01
N LEU A 257 -13.96 13.28 21.59
CA LEU A 257 -13.61 12.13 22.42
C LEU A 257 -12.89 11.07 21.62
N GLY A 258 -13.38 10.77 20.42
CA GLY A 258 -12.73 9.78 19.57
C GLY A 258 -11.32 10.19 19.19
N MET A 259 -11.12 11.46 18.83
CA MET A 259 -9.79 11.93 18.48
C MET A 259 -8.84 11.79 19.67
N SER A 260 -9.29 12.18 20.87
CA SER A 260 -8.42 12.08 22.04
C SER A 260 -8.05 10.64 22.35
N ILE A 261 -9.03 9.73 22.28
CA ILE A 261 -8.77 8.32 22.58
C ILE A 261 -7.79 7.75 21.56
N ASP A 262 -8.01 8.03 20.28
CA ASP A 262 -7.10 7.53 19.25
C ASP A 262 -5.68 8.03 19.47
N LYS A 263 -5.53 9.34 19.74
CA LYS A 263 -4.19 9.87 19.94
C LYS A 263 -3.51 9.22 21.14
N SER A 264 -4.24 9.06 22.25
CA SER A 264 -3.64 8.47 23.44
C SER A 264 -3.20 7.03 23.18
N ILE A 265 -4.06 6.25 22.52
CA ILE A 265 -3.74 4.84 22.29
C ILE A 265 -2.53 4.70 21.37
N MET A 266 -2.53 5.44 20.27
CA MET A 266 -1.39 5.35 19.34
C MET A 266 -0.10 5.82 20.00
N MET A 267 -0.17 6.89 20.79
CA MET A 267 1.03 7.38 21.47
C MET A 267 1.56 6.34 22.46
N GLU A 268 0.67 5.71 23.22
CA GLU A 268 1.11 4.68 24.16
C GLU A 268 1.77 3.52 23.43
N TYR A 269 1.15 3.07 22.33
CA TYR A 269 1.71 1.95 21.60
C TYR A 269 3.09 2.30 21.02
N TYR A 270 3.22 3.48 20.43
CA TYR A 270 4.50 3.86 19.83
C TYR A 270 5.57 4.04 20.89
N SER A 271 5.23 4.64 22.03
CA SER A 271 6.21 4.82 23.10
C SER A 271 6.65 3.48 23.67
N HIS A 272 5.76 2.49 23.71
CA HIS A 272 6.19 1.17 24.16
C HIS A 272 7.05 0.48 23.11
N VAL A 273 6.71 0.65 21.83
CA VAL A 273 7.47 0.01 20.75
C VAL A 273 8.91 0.55 20.72
N LEU A 274 9.06 1.86 20.90
CA LEU A 274 10.41 2.44 20.85
C LEU A 274 11.29 2.05 22.04
N LYS A 275 10.83 1.14 22.90
CA LYS A 275 11.60 0.68 24.05
C LYS A 275 11.94 -0.80 23.99
N LEU A 276 11.38 -1.55 23.06
CA LEU A 276 11.57 -2.99 23.00
C LEU A 276 13.00 -3.34 22.61
N PRO A 277 13.47 -4.54 22.97
CA PRO A 277 14.85 -4.93 22.65
C PRO A 277 15.09 -4.99 21.14
N MET A 278 16.36 -5.06 20.79
CA MET A 278 16.76 -5.02 19.38
C MET A 278 16.28 -6.26 18.62
N ASN A 279 16.14 -7.40 19.30
CA ASN A 279 15.71 -8.61 18.62
C ASN A 279 14.26 -8.53 18.14
N PHE A 280 13.50 -7.55 18.62
CA PHE A 280 12.12 -7.38 18.16
C PHE A 280 12.04 -6.75 16.77
N PHE A 281 12.99 -5.86 16.45
CA PHE A 281 12.89 -5.12 15.19
C PHE A 281 13.39 -5.93 14.00
N ASN A 282 14.45 -6.71 14.18
CA ASN A 282 14.99 -7.50 13.08
C ASN A 282 14.27 -8.82 12.90
N SER A 283 13.33 -9.15 13.78
CA SER A 283 12.49 -10.34 13.64
C SER A 283 11.09 -9.99 13.14
N ARG A 284 10.91 -8.80 12.58
CA ARG A 284 9.61 -8.34 12.10
C ARG A 284 9.82 -7.41 10.92
N LYS A 285 8.76 -7.28 10.13
CA LYS A 285 8.76 -6.36 9.00
C LYS A 285 8.23 -4.99 9.44
N VAL A 286 8.54 -3.97 8.65
CA VAL A 286 8.12 -2.61 8.98
C VAL A 286 6.59 -2.51 8.96
N GLY A 287 5.95 -3.11 7.94
CA GLY A 287 4.51 -3.09 7.88
C GLY A 287 3.85 -3.78 9.06
N GLU A 288 4.47 -4.85 9.56
CA GLU A 288 3.97 -5.55 10.74
C GLU A 288 4.00 -4.69 11.99
N ILE A 289 4.80 -3.62 12.00
CA ILE A 289 4.80 -2.68 13.12
C ILE A 289 3.98 -1.43 12.81
N ILE A 290 3.72 -1.14 11.54
CA ILE A 290 2.96 0.05 11.18
C ILE A 290 1.45 -0.21 11.18
N SER A 291 1.02 -1.41 10.79
CA SER A 291 -0.42 -1.71 10.74
C SER A 291 -1.08 -1.59 12.11
N ARG A 292 -0.30 -1.61 13.18
CA ARG A 292 -0.88 -1.44 14.51
C ARG A 292 -1.52 -0.07 14.69
N PHE A 293 -1.16 0.92 13.87
CA PHE A 293 -1.83 2.20 13.96
C PHE A 293 -3.26 2.12 13.43
N MET A 294 -3.46 1.43 12.31
CA MET A 294 -4.82 1.14 11.86
C MET A 294 -5.56 0.27 12.87
N ASP A 295 -4.84 -0.64 13.53
CA ASP A 295 -5.44 -1.43 14.60
C ASP A 295 -5.92 -0.53 15.74
N ALA A 296 -5.12 0.48 16.09
CA ALA A 296 -5.51 1.44 17.12
C ALA A 296 -6.71 2.26 16.68
N SER A 297 -6.76 2.61 15.39
CA SER A 297 -7.94 3.32 14.87
C SER A 297 -9.19 2.46 15.01
N LYS A 298 -9.09 1.17 14.70
CA LYS A 298 -10.22 0.26 14.89
C LYS A 298 -10.60 0.17 16.37
N ILE A 299 -9.60 0.14 17.25
CA ILE A 299 -9.86 0.10 18.68
C ILE A 299 -10.64 1.35 19.11
N ARG A 300 -10.24 2.51 18.62
CA ARG A 300 -10.95 3.75 18.92
C ARG A 300 -12.38 3.69 18.41
N GLN A 301 -12.56 3.21 17.17
CA GLN A 301 -13.90 3.06 16.63
C GLN A 301 -14.76 2.17 17.52
N ALA A 302 -14.16 1.14 18.11
CA ALA A 302 -14.90 0.30 19.05
C ALA A 302 -15.26 1.07 20.31
N ILE A 303 -14.28 1.74 20.93
CA ILE A 303 -14.51 2.37 22.23
C ILE A 303 -15.42 3.59 22.08
N SER A 304 -15.16 4.43 21.08
CA SER A 304 -15.95 5.64 20.93
C SER A 304 -17.38 5.32 20.51
N GLY A 305 -17.55 4.40 19.57
CA GLY A 305 -18.86 4.11 19.04
C GLY A 305 -19.65 3.08 19.81
N ALA A 306 -19.10 1.87 19.95
CA ALA A 306 -19.86 0.75 20.49
C ALA A 306 -20.24 0.97 21.95
N THR A 307 -19.27 1.38 22.77
CA THR A 307 -19.53 1.50 24.20
C THR A 307 -20.60 2.54 24.50
N LEU A 308 -20.53 3.69 23.83
CA LEU A 308 -21.56 4.72 24.03
C LEU A 308 -22.90 4.29 23.46
N THR A 309 -22.88 3.74 22.23
CA THR A 309 -24.13 3.44 21.56
C THR A 309 -24.87 2.30 22.24
N ILE A 310 -24.16 1.39 22.93
CA ILE A 310 -24.85 0.31 23.63
C ILE A 310 -25.79 0.88 24.69
N MET A 311 -25.26 1.75 25.55
CA MET A 311 -26.09 2.35 26.59
C MET A 311 -27.15 3.27 25.99
N ILE A 312 -26.77 4.10 25.01
CA ILE A 312 -27.70 5.06 24.44
C ILE A 312 -28.89 4.33 23.80
N ASP A 313 -28.59 3.33 22.97
CA ASP A 313 -29.65 2.60 22.28
C ASP A 313 -30.42 1.69 23.22
N THR A 314 -29.78 1.20 24.29
CA THR A 314 -30.52 0.41 25.27
C THR A 314 -31.58 1.26 25.95
N ILE A 315 -31.20 2.47 26.40
CA ILE A 315 -32.19 3.36 27.01
C ILE A 315 -33.25 3.77 26.01
N MET A 316 -32.82 4.14 24.79
CA MET A 316 -33.76 4.56 23.76
C MET A 316 -34.76 3.46 23.43
N ALA A 317 -34.29 2.23 23.29
CA ALA A 317 -35.16 1.11 22.96
C ALA A 317 -36.08 0.75 24.12
N VAL A 318 -35.59 0.83 25.36
CA VAL A 318 -36.45 0.55 26.50
C VAL A 318 -37.60 1.54 26.55
N ILE A 319 -37.29 2.83 26.40
CA ILE A 319 -38.34 3.85 26.43
C ILE A 319 -39.30 3.66 25.26
N GLY A 320 -38.76 3.40 24.06
CA GLY A 320 -39.62 3.21 22.91
C GLY A 320 -40.53 2.00 23.03
N GLY A 321 -40.00 0.90 23.57
CA GLY A 321 -40.81 -0.28 23.76
C GLY A 321 -41.90 -0.07 24.80
N ILE A 322 -41.57 0.63 25.88
CA ILE A 322 -42.60 0.94 26.88
C ILE A 322 -43.70 1.79 26.26
N LEU A 323 -43.30 2.81 25.48
CA LEU A 323 -44.28 3.68 24.83
C LEU A 323 -45.15 2.89 23.85
N LEU A 324 -44.54 2.01 23.06
CA LEU A 324 -45.31 1.22 22.10
C LEU A 324 -46.28 0.29 22.81
N TYR A 325 -45.84 -0.35 23.90
CA TYR A 325 -46.74 -1.21 24.67
C TYR A 325 -47.87 -0.40 25.27
N ILE A 326 -47.62 0.86 25.63
CA ILE A 326 -48.69 1.74 26.06
C ILE A 326 -49.67 2.00 24.92
N GLN A 327 -49.16 2.24 23.72
CA GLN A 327 -50.02 2.51 22.58
C GLN A 327 -50.88 1.29 22.23
N ASN A 328 -50.24 0.13 22.05
CA ASN A 328 -50.94 -1.10 21.70
C ASN A 328 -49.99 -2.27 21.87
N SER A 329 -50.54 -3.42 22.29
CA SER A 329 -49.71 -4.57 22.61
C SER A 329 -49.42 -5.42 21.37
N SER A 330 -50.44 -5.70 20.56
CA SER A 330 -50.26 -6.57 19.40
C SER A 330 -49.30 -5.97 18.40
N LEU A 331 -49.42 -4.67 18.13
CA LEU A 331 -48.49 -4.01 17.21
C LEU A 331 -47.07 -4.01 17.77
N PHE A 332 -46.92 -3.87 19.08
CA PHE A 332 -45.59 -3.96 19.69
C PHE A 332 -45.01 -5.36 19.51
N PHE A 333 -45.84 -6.40 19.67
CA PHE A 333 -45.37 -7.75 19.43
C PHE A 333 -44.96 -7.95 17.97
N ILE A 334 -45.72 -7.34 17.04
CA ILE A 334 -45.36 -7.42 15.63
C ILE A 334 -44.00 -6.77 15.38
N SER A 335 -43.77 -5.61 16.00
CA SER A 335 -42.48 -4.94 15.86
C SER A 335 -41.35 -5.79 16.44
N PHE A 336 -41.61 -6.43 17.58
CA PHE A 336 -40.60 -7.31 18.18
C PHE A 336 -40.27 -8.47 17.26
N ILE A 337 -41.29 -9.06 16.62
CA ILE A 337 -41.04 -10.14 15.68
C ILE A 337 -40.25 -9.64 14.49
N ILE A 338 -40.56 -8.42 14.01
CA ILE A 338 -39.84 -7.84 12.89
C ILE A 338 -38.35 -7.72 13.23
N ILE A 339 -38.06 -7.16 14.40
CA ILE A 339 -36.65 -6.95 14.76
C ILE A 339 -35.94 -8.27 15.02
N LEU A 340 -36.66 -9.27 15.54
CA LEU A 340 -36.06 -10.59 15.72
C LEU A 340 -35.67 -11.20 14.38
N LEU A 341 -36.57 -11.12 13.39
CA LEU A 341 -36.26 -11.62 12.07
C LEU A 341 -35.07 -10.88 11.46
N TYR A 342 -35.04 -9.55 11.65
CA TYR A 342 -33.94 -8.76 11.11
C TYR A 342 -32.61 -9.21 11.72
N GLY A 343 -32.57 -9.38 13.05
CA GLY A 343 -31.32 -9.81 13.67
C GLY A 343 -30.87 -11.18 13.22
N ILE A 344 -31.81 -12.13 13.14
CA ILE A 344 -31.47 -13.48 12.70
C ILE A 344 -30.86 -13.44 11.31
N ILE A 345 -31.53 -12.73 10.39
CA ILE A 345 -31.03 -12.65 9.02
C ILE A 345 -29.66 -11.99 8.99
N VAL A 346 -29.48 -10.92 9.78
CA VAL A 346 -28.23 -10.17 9.75
C VAL A 346 -27.06 -11.06 10.16
N THR A 347 -27.19 -11.79 11.26
CA THR A 347 -26.09 -12.66 11.68
C THR A 347 -25.84 -13.79 10.67
N VAL A 348 -26.93 -14.45 10.26
CA VAL A 348 -26.82 -15.64 9.42
C VAL A 348 -26.14 -15.30 8.10
N PHE A 349 -26.45 -14.13 7.54
CA PHE A 349 -25.77 -13.72 6.31
C PHE A 349 -24.49 -12.95 6.58
N ASN A 350 -24.24 -12.52 7.83
CA ASN A 350 -23.02 -11.80 8.13
C ASN A 350 -21.81 -12.72 8.13
N LYS A 351 -21.98 -13.96 8.58
CA LYS A 351 -20.85 -14.89 8.57
C LYS A 351 -20.32 -15.17 7.15
N PRO A 352 -21.13 -15.68 6.20
CA PRO A 352 -20.55 -16.00 4.88
C PRO A 352 -20.12 -14.77 4.10
N ILE A 353 -20.67 -13.60 4.42
CA ILE A 353 -20.18 -12.37 3.80
C ILE A 353 -18.73 -12.12 4.19
N GLN A 354 -18.40 -12.34 5.47
CA GLN A 354 -17.01 -12.24 5.90
C GLN A 354 -16.14 -13.26 5.19
N ASN A 355 -16.62 -14.50 5.06
CA ASN A 355 -15.84 -15.52 4.36
C ASN A 355 -15.55 -15.09 2.91
N ALA A 356 -16.58 -14.63 2.20
CA ALA A 356 -16.43 -14.24 0.81
C ALA A 356 -15.52 -13.02 0.68
N ASN A 357 -15.60 -12.08 1.63
CA ASN A 357 -14.71 -10.93 1.60
C ASN A 357 -13.26 -11.35 1.75
N ARG A 358 -12.98 -12.30 2.65
CA ARG A 358 -11.62 -12.80 2.79
C ARG A 358 -11.15 -13.45 1.48
N GLN A 359 -12.02 -14.25 0.86
CA GLN A 359 -11.62 -14.93 -0.37
C GLN A 359 -11.33 -13.93 -1.50
N ILE A 360 -12.19 -12.92 -1.65
CA ILE A 360 -11.96 -11.94 -2.72
C ILE A 360 -10.72 -11.11 -2.44
N MET A 361 -10.43 -10.81 -1.17
CA MET A 361 -9.19 -10.12 -0.85
C MET A 361 -7.98 -10.95 -1.24
N GLU A 362 -8.02 -12.26 -0.96
CA GLU A 362 -6.93 -13.14 -1.37
C GLU A 362 -6.76 -13.15 -2.89
N ASP A 363 -7.88 -13.23 -3.62
CA ASP A 363 -7.79 -13.25 -5.08
C ASP A 363 -7.23 -11.93 -5.62
N ASN A 364 -7.63 -10.81 -5.03
CA ASN A 364 -7.09 -9.52 -5.45
C ASN A 364 -5.60 -9.42 -5.18
N ALA A 365 -5.16 -9.94 -4.02
CA ALA A 365 -3.73 -9.94 -3.73
C ALA A 365 -2.95 -10.77 -4.75
N LYS A 366 -3.49 -11.94 -5.11
CA LYS A 366 -2.83 -12.75 -6.13
C LYS A 366 -2.76 -12.00 -7.47
N LEU A 367 -3.86 -11.36 -7.85
CA LEU A 367 -3.89 -10.65 -9.13
C LEU A 367 -2.87 -9.50 -9.16
N THR A 368 -2.81 -8.72 -8.08
CA THR A 368 -1.88 -7.59 -8.07
C THR A 368 -0.43 -8.06 -8.01
N SER A 369 -0.16 -9.18 -7.32
CA SER A 369 1.19 -9.74 -7.35
C SER A 369 1.56 -10.17 -8.77
N ALA A 370 0.62 -10.81 -9.49
CA ALA A 370 0.88 -11.20 -10.86
C ALA A 370 1.16 -10.00 -11.74
N LEU A 371 0.36 -8.93 -11.59
CA LEU A 371 0.59 -7.72 -12.39
C LEU A 371 1.95 -7.10 -12.09
N VAL A 372 2.34 -7.06 -10.81
CA VAL A 372 3.63 -6.48 -10.45
C VAL A 372 4.76 -7.29 -11.06
N GLU A 373 4.69 -8.63 -10.92
CA GLU A 373 5.77 -9.47 -11.44
C GLU A 373 5.81 -9.45 -12.96
N SER A 374 4.67 -9.20 -13.62
CA SER A 374 4.66 -9.13 -15.07
C SER A 374 5.20 -7.79 -15.57
N VAL A 375 4.91 -6.70 -14.86
CA VAL A 375 5.29 -5.38 -15.34
C VAL A 375 6.70 -4.98 -14.90
N LYS A 376 7.26 -5.62 -13.88
CA LYS A 376 8.64 -5.33 -13.50
C LYS A 376 9.64 -6.23 -14.20
N GLY A 377 9.19 -7.13 -15.07
CA GLY A 377 10.09 -7.97 -15.84
C GLY A 377 9.75 -7.92 -17.31
N ILE A 378 9.36 -6.74 -17.80
CA ILE A 378 8.89 -6.60 -19.17
C ILE A 378 9.99 -6.82 -20.20
N GLU A 379 11.26 -6.77 -19.79
CA GLU A 379 12.35 -6.89 -20.75
C GLU A 379 12.33 -8.24 -21.45
N THR A 380 12.28 -9.33 -20.68
CA THR A 380 12.26 -10.66 -21.28
C THR A 380 10.95 -10.90 -22.05
N ILE A 381 9.83 -10.40 -21.51
CA ILE A 381 8.55 -10.56 -22.17
C ILE A 381 8.58 -9.93 -23.56
N LYS A 382 9.11 -8.71 -23.66
CA LYS A 382 9.22 -8.06 -24.96
C LYS A 382 10.23 -8.77 -25.86
N SER A 383 11.37 -9.18 -25.30
CA SER A 383 12.32 -9.95 -26.11
C SER A 383 12.12 -11.44 -25.97
N PHE A 384 10.87 -11.89 -26.02
CA PHE A 384 10.55 -13.29 -26.31
C PHE A 384 9.35 -13.47 -27.23
N GLY A 385 8.57 -12.42 -27.48
CA GLY A 385 7.38 -12.56 -28.29
C GLY A 385 6.17 -13.09 -27.55
N ALA A 386 6.21 -13.12 -26.22
CA ALA A 386 5.16 -13.71 -25.40
C ALA A 386 4.23 -12.67 -24.80
N GLU A 387 3.95 -11.59 -25.53
CA GLU A 387 3.03 -10.58 -25.02
C GLU A 387 1.61 -11.13 -24.91
N GLU A 388 1.26 -12.09 -25.78
CA GLU A 388 -0.09 -12.63 -25.77
C GLU A 388 -0.33 -13.57 -24.59
N GLN A 389 0.68 -14.38 -24.24
CA GLN A 389 0.51 -15.35 -23.16
C GLN A 389 0.26 -14.66 -21.82
N THR A 390 1.00 -13.59 -21.54
CA THR A 390 0.80 -12.86 -20.29
C THR A 390 -0.59 -12.25 -20.23
N GLU A 391 -1.10 -11.80 -21.38
CA GLU A 391 -2.49 -11.32 -21.43
C GLU A 391 -3.46 -12.43 -21.07
N LYS A 392 -3.21 -13.65 -21.56
CA LYS A 392 -4.08 -14.77 -21.23
C LYS A 392 -4.06 -15.08 -19.74
N SER A 393 -2.87 -15.11 -19.14
CA SER A 393 -2.79 -15.39 -17.71
C SER A 393 -3.46 -14.30 -16.88
N THR A 394 -3.23 -13.03 -17.25
CA THR A 394 -3.87 -11.92 -16.54
C THR A 394 -5.38 -11.98 -16.68
N ARG A 395 -5.87 -12.33 -17.88
CA ARG A 395 -7.32 -12.43 -18.07
C ARG A 395 -7.90 -13.57 -17.24
N ASP A 396 -7.18 -14.68 -17.14
CA ASP A 396 -7.65 -15.79 -16.30
C ASP A 396 -7.74 -15.36 -14.83
N LYS A 397 -6.72 -14.66 -14.34
CA LYS A 397 -6.76 -14.20 -12.96
C LYS A 397 -7.85 -13.16 -12.74
N ILE A 398 -8.07 -12.30 -13.73
CA ILE A 398 -9.14 -11.31 -13.63
C ILE A 398 -10.50 -11.99 -13.60
N GLU A 399 -10.68 -13.04 -14.40
CA GLU A 399 -11.92 -13.80 -14.36
C GLU A 399 -12.14 -14.45 -13.01
N THR A 400 -11.08 -15.00 -12.42
CA THR A 400 -11.20 -15.58 -11.09
C THR A 400 -11.59 -14.52 -10.06
N VAL A 401 -10.98 -13.33 -10.14
CA VAL A 401 -11.33 -12.24 -9.23
C VAL A 401 -12.79 -11.84 -9.43
N MET A 402 -13.24 -11.77 -10.68
CA MET A 402 -14.63 -11.41 -10.96
C MET A 402 -15.59 -12.42 -10.38
N LYS A 403 -15.29 -13.71 -10.50
CA LYS A 403 -16.15 -14.74 -9.93
C LYS A 403 -16.20 -14.63 -8.40
N SER A 404 -15.03 -14.42 -7.78
CA SER A 404 -14.99 -14.30 -6.33
C SER A 404 -15.71 -13.04 -5.85
N SER A 405 -15.75 -12.00 -6.68
CA SER A 405 -16.52 -10.80 -6.35
C SER A 405 -18.01 -11.01 -6.56
N PHE A 406 -18.37 -11.77 -7.58
CA PHE A 406 -19.78 -12.06 -7.82
C PHE A 406 -20.38 -12.92 -6.72
N LYS A 407 -19.58 -13.79 -6.11
CA LYS A 407 -20.04 -14.53 -4.94
C LYS A 407 -20.51 -13.59 -3.84
N GLU A 408 -19.66 -12.62 -3.48
CA GLU A 408 -20.01 -11.65 -2.45
C GLU A 408 -21.16 -10.76 -2.90
N GLY A 409 -21.22 -10.42 -4.18
CA GLY A 409 -22.35 -9.65 -4.69
C GLY A 409 -23.67 -10.37 -4.50
N MET A 410 -23.68 -11.68 -4.80
CA MET A 410 -24.89 -12.47 -4.58
C MET A 410 -25.23 -12.56 -3.10
N LEU A 411 -24.22 -12.71 -2.24
CA LEU A 411 -24.49 -12.74 -0.80
C LEU A 411 -25.12 -11.43 -0.34
N TYR A 412 -24.56 -10.30 -0.76
CA TYR A 412 -25.12 -9.00 -0.40
C TYR A 412 -26.53 -8.84 -0.95
N ILE A 413 -26.76 -9.28 -2.18
CA ILE A 413 -28.08 -9.13 -2.79
C ILE A 413 -29.12 -9.95 -2.04
N ASN A 414 -28.77 -11.19 -1.68
CA ASN A 414 -29.70 -12.02 -0.91
C ASN A 414 -30.00 -11.39 0.44
N LEU A 415 -28.97 -10.90 1.14
CA LEU A 415 -29.18 -10.28 2.44
C LEU A 415 -30.08 -9.06 2.32
N SER A 416 -29.80 -8.19 1.33
CA SER A 416 -30.60 -6.98 1.17
C SER A 416 -32.04 -7.31 0.78
N SER A 417 -32.24 -8.31 -0.08
CA SER A 417 -33.60 -8.67 -0.47
C SER A 417 -34.39 -9.22 0.70
N LEU A 418 -33.77 -10.08 1.51
CA LEU A 418 -34.48 -10.62 2.68
C LEU A 418 -34.79 -9.52 3.69
N THR A 419 -33.83 -8.62 3.94
CA THR A 419 -34.07 -7.54 4.88
C THR A 419 -35.17 -6.60 4.38
N GLY A 420 -35.15 -6.28 3.09
CA GLY A 420 -36.19 -5.43 2.54
C GLY A 420 -37.57 -6.08 2.58
N ILE A 421 -37.64 -7.38 2.29
CA ILE A 421 -38.90 -8.10 2.42
C ILE A 421 -39.40 -7.99 3.86
N VAL A 422 -38.53 -8.26 4.83
CA VAL A 422 -38.95 -8.23 6.23
C VAL A 422 -39.46 -6.84 6.59
N ALA A 423 -38.70 -5.80 6.25
CA ALA A 423 -39.07 -4.45 6.65
C ALA A 423 -40.38 -4.02 5.99
N GLY A 424 -40.48 -4.17 4.68
CA GLY A 424 -41.68 -3.70 3.98
C GLY A 424 -42.92 -4.49 4.37
N LEU A 425 -42.82 -5.81 4.42
CA LEU A 425 -43.97 -6.62 4.80
C LEU A 425 -44.37 -6.36 6.24
N GLY A 426 -43.40 -6.11 7.13
CA GLY A 426 -43.75 -5.77 8.49
C GLY A 426 -44.44 -4.43 8.60
N GLY A 427 -43.99 -3.44 7.82
CA GLY A 427 -44.69 -2.17 7.80
C GLY A 427 -46.11 -2.30 7.29
N ILE A 428 -46.32 -3.08 6.23
CA ILE A 428 -47.66 -3.29 5.69
C ILE A 428 -48.53 -4.01 6.71
N VAL A 429 -47.97 -5.03 7.39
CA VAL A 429 -48.73 -5.78 8.38
C VAL A 429 -49.09 -4.88 9.56
N ILE A 430 -48.16 -4.00 9.96
CA ILE A 430 -48.44 -3.07 11.06
C ILE A 430 -49.56 -2.12 10.68
N LEU A 431 -49.54 -1.59 9.45
CA LEU A 431 -50.63 -0.72 9.01
C LEU A 431 -51.95 -1.47 8.98
N TRP A 432 -51.94 -2.71 8.50
CA TRP A 432 -53.14 -3.54 8.45
C TRP A 432 -53.70 -3.77 9.85
N ALA A 433 -52.84 -4.16 10.78
CA ALA A 433 -53.28 -4.42 12.15
C ALA A 433 -53.79 -3.15 12.82
N GLY A 434 -53.13 -2.02 12.57
CA GLY A 434 -53.61 -0.77 13.12
C GLY A 434 -54.97 -0.38 12.58
N ALA A 435 -55.18 -0.56 11.28
CA ALA A 435 -56.50 -0.28 10.71
C ALA A 435 -57.55 -1.20 11.31
N TYR A 436 -57.23 -2.49 11.47
CA TYR A 436 -58.18 -3.42 12.07
C TYR A 436 -58.52 -3.02 13.50
N ASN A 437 -57.50 -2.61 14.27
CA ASN A 437 -57.74 -2.18 15.64
C ASN A 437 -58.60 -0.93 15.68
N VAL A 438 -58.36 0.02 14.78
CA VAL A 438 -59.19 1.22 14.70
C VAL A 438 -60.64 0.83 14.38
N ILE A 439 -60.82 -0.14 13.49
CA ILE A 439 -62.18 -0.61 13.18
C ILE A 439 -62.83 -1.22 14.41
N LYS A 440 -62.08 -2.03 15.17
CA LYS A 440 -62.62 -2.70 16.34
C LYS A 440 -62.70 -1.81 17.56
N GLY A 441 -62.29 -0.54 17.46
CA GLY A 441 -62.38 0.37 18.58
C GLY A 441 -61.45 0.06 19.74
N ASN A 442 -60.21 -0.32 19.44
CA ASN A 442 -59.18 -0.46 20.46
C ASN A 442 -58.22 0.71 20.50
N MET A 443 -58.02 1.37 19.36
CA MET A 443 -57.22 2.60 19.27
C MET A 443 -57.99 3.56 18.37
N SER A 444 -57.39 4.71 18.07
CA SER A 444 -58.15 5.76 17.39
C SER A 444 -57.22 6.55 16.46
N GLY A 445 -57.31 6.25 15.17
CA GLY A 445 -56.81 7.14 14.13
C GLY A 445 -55.35 7.52 14.19
N GLY A 446 -55.07 8.78 14.51
CA GLY A 446 -53.71 9.28 14.53
C GLY A 446 -52.80 8.56 15.50
N GLN A 447 -53.37 7.81 16.45
CA GLN A 447 -52.55 6.97 17.30
C GLN A 447 -51.77 5.95 16.50
N LEU A 448 -52.33 5.49 15.36
CA LEU A 448 -51.61 4.56 14.51
C LEU A 448 -50.41 5.22 13.84
N LEU A 449 -50.57 6.46 13.38
CA LEU A 449 -49.45 7.17 12.77
C LEU A 449 -48.38 7.51 13.80
N ALA A 450 -48.80 7.87 15.01
CA ALA A 450 -47.85 8.06 16.10
C ALA A 450 -47.12 6.77 16.42
N PHE A 451 -47.83 5.64 16.38
CA PHE A 451 -47.19 4.35 16.59
C PHE A 451 -46.20 4.06 15.48
N ASN A 452 -46.51 4.44 14.24
CA ASN A 452 -45.55 4.26 13.15
C ASN A 452 -44.28 5.08 13.39
N ALA A 453 -44.45 6.34 13.80
CA ALA A 453 -43.28 7.18 14.07
C ALA A 453 -42.43 6.62 15.20
N LEU A 454 -43.07 6.24 16.31
CA LEU A 454 -42.33 5.64 17.41
C LEU A 454 -41.78 4.26 17.04
N LEU A 455 -42.43 3.57 16.10
CA LEU A 455 -41.93 2.30 15.61
C LEU A 455 -40.61 2.49 14.88
N ALA A 456 -40.53 3.51 14.04
CA ALA A 456 -39.25 3.86 13.43
C ALA A 456 -38.23 4.24 14.51
N TYR A 457 -38.65 5.07 15.46
CA TYR A 457 -37.75 5.57 16.50
C TYR A 457 -37.26 4.46 17.43
N PHE A 458 -37.95 3.32 17.46
CA PHE A 458 -37.55 2.18 18.28
C PHE A 458 -36.83 1.10 17.49
N LEU A 459 -37.20 0.90 16.22
CA LEU A 459 -36.55 -0.12 15.41
C LEU A 459 -35.16 0.33 14.96
N THR A 460 -35.01 1.60 14.60
CA THR A 460 -33.70 2.08 14.15
C THR A 460 -32.60 1.86 15.19
N PRO A 461 -32.79 2.17 16.48
CA PRO A 461 -31.72 1.88 17.46
C PRO A 461 -31.40 0.40 17.59
N VAL A 462 -32.42 -0.46 17.66
CA VAL A 462 -32.15 -1.88 17.81
C VAL A 462 -31.50 -2.44 16.55
N LYS A 463 -31.93 -1.98 15.38
CA LYS A 463 -31.33 -2.47 14.14
C LYS A 463 -29.99 -1.82 13.85
N ASN A 464 -29.59 -0.80 14.61
CA ASN A 464 -28.23 -0.29 14.55
C ASN A 464 -27.34 -0.95 15.59
N LEU A 465 -27.92 -1.40 16.70
CA LEU A 465 -27.18 -2.16 17.70
C LEU A 465 -26.93 -3.59 17.23
N ILE A 466 -27.83 -4.14 16.42
CA ILE A 466 -27.62 -5.46 15.85
C ILE A 466 -26.48 -5.44 14.84
N ASP A 467 -26.36 -4.36 14.07
CA ASP A 467 -25.29 -4.17 13.09
C ASP A 467 -23.93 -3.90 13.74
N LEU A 468 -23.86 -4.00 15.07
CA LEU A 468 -22.62 -3.83 15.81
C LEU A 468 -21.79 -5.12 15.86
N GLN A 469 -22.33 -6.22 15.34
CA GLN A 469 -21.57 -7.47 15.35
C GLN A 469 -20.28 -7.41 14.55
N PRO A 470 -20.23 -6.88 13.30
CA PRO A 470 -18.94 -6.74 12.64
C PRO A 470 -18.22 -5.47 13.06
N LEU A 471 -18.29 -5.16 14.35
CA LEU A 471 -17.44 -4.17 15.00
C LEU A 471 -16.69 -4.77 16.17
N ILE A 472 -17.39 -5.52 17.03
CA ILE A 472 -16.77 -6.11 18.21
C ILE A 472 -15.76 -7.18 17.81
N GLN A 473 -16.07 -7.99 16.79
CA GLN A 473 -15.14 -9.03 16.38
C GLN A 473 -13.85 -8.44 15.82
N THR A 474 -13.97 -7.53 14.85
CA THR A 474 -12.82 -6.87 14.25
C THR A 474 -12.15 -5.90 15.19
N ALA A 475 -12.78 -5.60 16.33
CA ALA A 475 -12.16 -4.78 17.36
C ALA A 475 -11.40 -5.62 18.38
N VAL A 476 -11.95 -6.77 18.77
CA VAL A 476 -11.26 -7.65 19.68
C VAL A 476 -10.02 -8.24 19.04
N VAL A 477 -10.11 -8.63 17.76
CA VAL A 477 -8.92 -9.16 17.10
C VAL A 477 -7.83 -8.09 17.01
N ALA A 478 -8.21 -6.86 16.67
CA ALA A 478 -7.23 -5.77 16.59
C ALA A 478 -6.67 -5.43 17.97
N SER A 479 -7.50 -5.49 19.01
CA SER A 479 -7.04 -5.19 20.36
C SER A 479 -6.02 -6.22 20.81
N ASN A 480 -6.30 -7.50 20.57
CA ASN A 480 -5.33 -8.54 20.92
C ASN A 480 -4.04 -8.35 20.14
N ARG A 481 -4.15 -8.08 18.83
CA ARG A 481 -2.98 -7.90 17.99
C ARG A 481 -2.12 -6.74 18.47
N LEU A 482 -2.74 -5.62 18.85
CA LEU A 482 -1.99 -4.46 19.28
C LEU A 482 -1.42 -4.64 20.69
N GLY A 483 -2.19 -5.26 21.59
CA GLY A 483 -1.79 -5.32 22.98
C GLY A 483 -0.94 -6.49 23.38
N GLU A 484 -0.79 -7.50 22.50
CA GLU A 484 0.20 -8.53 22.78
C GLU A 484 1.61 -7.94 22.82
N ILE A 485 1.85 -6.91 21.99
CA ILE A 485 3.13 -6.21 22.04
C ILE A 485 3.30 -5.49 23.37
N LEU A 486 2.24 -4.86 23.87
CA LEU A 486 2.36 -3.97 25.02
C LEU A 486 2.87 -4.66 26.27
N GLU A 487 2.69 -5.98 26.40
CA GLU A 487 3.17 -6.68 27.58
C GLU A 487 4.56 -7.28 27.39
N LEU A 488 5.14 -7.16 26.20
CA LEU A 488 6.50 -7.64 25.98
C LEU A 488 7.47 -6.85 26.84
N ALA A 489 8.38 -7.56 27.51
CA ALA A 489 9.38 -6.90 28.33
C ALA A 489 10.36 -6.12 27.47
N THR A 490 10.68 -4.91 27.91
CA THR A 490 11.57 -4.03 27.17
C THR A 490 13.02 -4.24 27.64
N GLU A 491 13.91 -3.37 27.18
CA GLU A 491 15.33 -3.52 27.50
C GLU A 491 15.60 -3.33 28.99
N LYS A 492 14.95 -2.35 29.61
CA LYS A 492 15.31 -1.96 30.97
C LYS A 492 15.01 -3.06 31.98
N GLU A 493 13.85 -3.70 31.88
CA GLU A 493 13.49 -4.73 32.85
C GLU A 493 14.33 -6.00 32.66
N LEU A 494 14.72 -6.31 31.43
CA LEU A 494 15.55 -7.49 31.18
C LEU A 494 16.95 -7.33 31.77
N ARG A 495 17.37 -6.11 32.09
CA ARG A 495 18.69 -5.90 32.66
C ARG A 495 18.78 -6.52 34.05
N GLU A 496 19.95 -7.07 34.38
CA GLU A 496 20.12 -7.74 35.66
C GLU A 496 20.27 -6.71 36.79
N ASP A 497 21.31 -5.87 36.71
CA ASP A 497 21.56 -4.89 37.76
C ASP A 497 22.48 -3.81 37.20
N SER A 498 22.28 -2.59 37.67
CA SER A 498 23.11 -1.47 37.29
C SER A 498 24.29 -1.33 38.26
N ASP A 499 25.07 -0.27 38.08
CA ASP A 499 26.19 0.04 38.96
C ASP A 499 26.19 1.51 39.28
N ASP A 500 26.80 1.86 40.42
CA ASP A 500 26.82 3.24 40.90
C ASP A 500 28.18 3.91 40.74
N PHE A 501 29.28 3.20 40.98
CA PHE A 501 30.60 3.80 40.96
C PHE A 501 31.25 3.81 39.58
N VAL A 502 30.63 3.21 38.57
CA VAL A 502 31.17 3.19 37.22
C VAL A 502 30.62 4.39 36.47
N ILE A 503 31.50 5.29 36.04
CA ILE A 503 31.11 6.46 35.26
C ILE A 503 31.78 6.49 33.89
N SER A 504 32.96 5.92 33.73
CA SER A 504 33.69 5.95 32.47
C SER A 504 33.94 4.52 32.00
N LEU A 505 33.81 4.31 30.69
CA LEU A 505 34.06 3.02 30.07
C LEU A 505 35.51 2.84 29.66
N LYS A 506 36.37 3.81 29.95
CA LYS A 506 37.78 3.71 29.61
C LYS A 506 38.42 2.52 30.34
N GLY A 507 39.18 1.74 29.60
CA GLY A 507 39.87 0.59 30.17
C GLY A 507 40.01 -0.50 29.14
N ASP A 508 40.58 -1.61 29.61
CA ASP A 508 40.76 -2.77 28.74
C ASP A 508 39.42 -3.42 28.42
N ILE A 509 39.28 -3.91 27.20
CA ILE A 509 38.09 -4.61 26.76
C ILE A 509 38.45 -6.09 26.61
N GLU A 510 37.75 -6.94 27.35
CA GLU A 510 38.03 -8.38 27.38
C GLU A 510 36.86 -9.13 26.78
N PHE A 511 37.16 -9.97 25.78
CA PHE A 511 36.17 -10.82 25.11
C PHE A 511 36.54 -12.26 25.46
N ARG A 512 35.94 -12.80 26.51
CA ARG A 512 36.15 -14.20 26.86
C ARG A 512 35.50 -15.08 25.80
N ASN A 513 35.65 -16.40 25.97
CA ASN A 513 35.01 -17.33 25.05
C ASN A 513 33.50 -17.11 25.07
N VAL A 514 32.93 -16.76 23.93
CA VAL A 514 31.56 -16.30 23.83
C VAL A 514 30.85 -17.04 22.70
N ASP A 515 29.60 -17.41 22.94
CA ASP A 515 28.73 -17.96 21.93
C ASP A 515 27.61 -16.98 21.63
N PHE A 516 27.15 -16.96 20.38
CA PHE A 516 26.08 -16.07 19.97
C PHE A 516 25.39 -16.64 18.76
N ARG A 517 24.08 -16.87 18.87
CA ARG A 517 23.25 -17.33 17.76
C ARG A 517 22.08 -16.37 17.58
N TYR A 518 21.78 -16.04 16.32
CA TYR A 518 20.68 -15.15 16.02
C TYR A 518 19.35 -15.87 16.20
N GLY A 519 18.82 -15.88 17.43
CA GLY A 519 17.61 -16.60 17.72
C GLY A 519 17.87 -18.08 17.93
N LEU A 520 17.46 -18.90 16.97
CA LEU A 520 17.69 -20.34 17.01
C LEU A 520 18.38 -20.84 15.75
N ARG A 521 19.11 -19.97 15.05
CA ARG A 521 19.79 -20.33 13.82
C ARG A 521 21.19 -20.86 14.14
N LYS A 522 21.97 -21.13 13.09
CA LYS A 522 23.32 -21.65 13.28
C LYS A 522 24.20 -20.61 13.95
N PRO A 523 25.14 -21.05 14.79
CA PRO A 523 25.99 -20.09 15.51
C PRO A 523 26.94 -19.34 14.59
N VAL A 524 27.29 -18.13 15.01
CA VAL A 524 28.29 -17.32 14.33
C VAL A 524 29.49 -17.03 15.22
N LEU A 525 29.25 -16.71 16.49
CA LEU A 525 30.31 -16.46 17.46
C LEU A 525 30.57 -17.75 18.22
N LYS A 526 31.80 -18.27 18.14
CA LYS A 526 32.12 -19.55 18.73
C LYS A 526 33.11 -19.45 19.88
N ASN A 527 34.32 -18.95 19.63
CA ASN A 527 35.36 -18.90 20.67
C ASN A 527 36.18 -17.62 20.56
N ILE A 528 35.51 -16.49 20.33
CA ILE A 528 36.20 -15.22 20.13
C ILE A 528 36.66 -14.68 21.48
N ASN A 529 37.97 -14.69 21.70
CA ASN A 529 38.58 -14.16 22.92
C ASN A 529 39.61 -13.11 22.52
N LEU A 530 39.37 -11.85 22.90
CA LEU A 530 40.23 -10.74 22.53
C LEU A 530 40.55 -9.88 23.74
N THR A 531 41.64 -9.12 23.62
CA THR A 531 42.05 -8.17 24.65
C THR A 531 42.42 -6.86 23.96
N ILE A 532 41.68 -5.80 24.28
CA ILE A 532 41.85 -4.48 23.69
C ILE A 532 42.42 -3.57 24.77
N PRO A 533 43.67 -3.12 24.63
CA PRO A 533 44.23 -2.17 25.61
C PRO A 533 43.53 -0.83 25.53
N LYS A 534 43.51 -0.13 26.67
CA LYS A 534 42.84 1.15 26.76
C LYS A 534 43.57 2.21 25.94
N GLY A 535 42.80 3.07 25.28
CA GLY A 535 43.35 4.19 24.55
C GLY A 535 44.20 3.84 23.35
N LYS A 536 44.12 2.60 22.86
CA LYS A 536 44.93 2.16 21.74
C LYS A 536 44.04 1.86 20.54
N THR A 537 44.37 2.46 19.40
CA THR A 537 43.60 2.22 18.18
C THR A 537 43.76 0.78 17.73
N VAL A 538 42.65 0.16 17.36
CA VAL A 538 42.62 -1.25 16.96
C VAL A 538 41.86 -1.37 15.64
N ALA A 539 42.35 -2.22 14.75
CA ALA A 539 41.73 -2.49 13.47
C ALA A 539 41.34 -3.96 13.39
N ILE A 540 40.13 -4.21 12.89
CA ILE A 540 39.59 -5.55 12.73
C ILE A 540 39.28 -5.77 11.26
N VAL A 541 39.84 -6.84 10.69
CA VAL A 541 39.69 -7.15 9.27
C VAL A 541 39.15 -8.57 9.13
N GLY A 542 38.45 -8.81 8.04
CA GLY A 542 37.89 -10.11 7.78
C GLY A 542 37.11 -10.11 6.49
N GLU A 543 36.53 -11.26 6.18
CA GLU A 543 35.72 -11.44 4.99
C GLU A 543 34.27 -11.04 5.26
N SER A 544 33.53 -10.83 4.18
CA SER A 544 32.11 -10.50 4.30
C SER A 544 31.35 -11.67 4.91
N GLY A 545 30.46 -11.36 5.85
CA GLY A 545 29.71 -12.38 6.55
C GLY A 545 30.45 -13.06 7.68
N SER A 546 31.62 -12.57 8.06
CA SER A 546 32.37 -13.18 9.16
C SER A 546 31.70 -12.93 10.51
N GLY A 547 31.19 -11.72 10.72
CA GLY A 547 30.57 -11.37 11.98
C GLY A 547 31.19 -10.14 12.63
N LYS A 548 31.87 -9.33 11.82
CA LYS A 548 32.50 -8.12 12.33
C LYS A 548 31.46 -7.13 12.84
N THR A 549 30.46 -6.81 12.02
CA THR A 549 29.40 -5.92 12.46
C THR A 549 28.60 -6.52 13.60
N THR A 550 28.38 -7.84 13.57
CA THR A 550 27.70 -8.49 14.67
C THR A 550 28.48 -8.33 15.97
N LEU A 551 29.80 -8.54 15.91
CA LEU A 551 30.65 -8.34 17.08
C LEU A 551 30.58 -6.91 17.58
N ALA A 552 30.60 -5.94 16.67
CA ALA A 552 30.43 -4.54 17.08
C ALA A 552 29.10 -4.34 17.79
N LYS A 553 28.06 -5.01 17.31
CA LYS A 553 26.73 -4.88 17.93
C LYS A 553 26.72 -5.45 19.34
N LEU A 554 27.30 -6.61 19.53
CA LEU A 554 27.39 -7.19 20.85
C LEU A 554 28.18 -6.27 21.75
N LEU A 555 29.18 -5.60 21.18
CA LEU A 555 30.02 -4.69 21.96
C LEU A 555 29.19 -3.56 22.56
N MET A 556 28.16 -3.10 21.85
CA MET A 556 27.32 -2.02 22.33
C MET A 556 26.08 -2.53 23.07
N ASN A 557 26.18 -3.73 23.63
CA ASN A 557 25.14 -4.38 24.42
C ASN A 557 23.90 -4.76 23.60
N PHE A 558 23.90 -4.53 22.29
CA PHE A 558 22.85 -5.08 21.45
C PHE A 558 22.90 -6.61 21.53
N TYR A 559 21.72 -7.22 21.71
CA TYR A 559 21.63 -8.66 21.94
C TYR A 559 22.43 -9.06 23.18
N SER A 560 22.60 -10.36 23.40
CA SER A 560 23.36 -10.82 24.55
C SER A 560 23.93 -12.19 24.25
N PRO A 561 25.21 -12.43 24.53
CA PRO A 561 25.77 -13.78 24.34
C PRO A 561 25.23 -14.74 25.38
N GLU A 562 24.67 -15.85 24.90
CA GLU A 562 24.11 -16.85 25.81
C GLU A 562 25.19 -17.47 26.68
N LYS A 563 26.36 -17.75 26.10
CA LYS A 563 27.50 -18.28 26.84
C LYS A 563 28.67 -17.30 26.70
N GLY A 564 29.32 -17.01 27.82
CA GLY A 564 30.44 -16.08 27.84
C GLY A 564 30.05 -14.75 28.47
N ASP A 565 31.00 -13.82 28.43
CA ASP A 565 30.77 -12.50 28.99
C ASP A 565 31.71 -11.51 28.33
N ILE A 566 31.37 -10.23 28.47
CA ILE A 566 32.18 -9.11 27.99
C ILE A 566 32.61 -8.29 29.19
N LEU A 567 33.91 -8.04 29.31
CA LEU A 567 34.48 -7.37 30.48
C LEU A 567 34.98 -5.99 30.07
N ILE A 568 34.59 -4.98 30.83
CA ILE A 568 35.06 -3.61 30.64
C ILE A 568 35.86 -3.22 31.87
N ASN A 569 37.17 -2.97 31.66
CA ASN A 569 38.14 -2.59 32.70
C ASN A 569 37.94 -3.36 34.00
N GLY A 570 37.66 -4.66 33.89
CA GLY A 570 37.47 -5.51 35.05
C GLY A 570 36.05 -5.64 35.53
N HIS A 571 35.07 -5.11 34.80
CA HIS A 571 33.67 -5.18 35.19
C HIS A 571 32.84 -5.72 34.02
N SER A 572 31.89 -6.58 34.34
CA SER A 572 31.04 -7.17 33.32
C SER A 572 30.12 -6.13 32.70
N ILE A 573 29.84 -6.30 31.40
CA ILE A 573 29.00 -5.36 30.68
C ILE A 573 27.55 -5.43 31.17
N LYS A 574 27.11 -6.61 31.62
CA LYS A 574 25.73 -6.77 32.06
C LYS A 574 25.46 -6.15 33.41
N ASN A 575 26.48 -5.72 34.14
CA ASN A 575 26.32 -5.11 35.45
C ASN A 575 26.35 -3.59 35.40
N ILE A 576 26.31 -3.01 34.20
CA ILE A 576 26.34 -1.56 34.03
C ILE A 576 24.98 -1.09 33.53
N SER A 577 24.60 0.12 33.92
CA SER A 577 23.34 0.70 33.46
C SER A 577 23.39 0.89 31.94
N LEU A 578 22.30 0.48 31.27
CA LEU A 578 22.28 0.51 29.81
C LEU A 578 22.40 1.92 29.26
N GLU A 579 21.85 2.91 29.97
CA GLU A 579 21.95 4.29 29.52
C GLU A 579 23.39 4.78 29.51
N LEU A 580 24.27 4.19 30.32
CA LEU A 580 25.66 4.62 30.34
C LEU A 580 26.41 4.13 29.10
N ILE A 581 26.17 2.89 28.68
CA ILE A 581 26.88 2.33 27.53
C ILE A 581 26.57 3.12 26.26
N ARG A 582 25.28 3.36 26.01
CA ARG A 582 24.90 4.08 24.80
C ARG A 582 25.32 5.55 24.84
N LYS A 583 25.54 6.10 26.02
CA LYS A 583 26.00 7.48 26.15
C LYS A 583 27.52 7.62 26.03
N LYS A 584 28.26 6.53 26.07
CA LYS A 584 29.73 6.58 26.06
C LYS A 584 30.35 5.78 24.93
N ILE A 585 29.54 5.22 24.02
CA ILE A 585 30.05 4.48 22.87
C ILE A 585 29.39 5.03 21.62
N ALA A 586 30.20 5.41 20.64
CA ALA A 586 29.72 5.92 19.37
C ALA A 586 29.85 4.85 18.29
N PHE A 587 28.87 4.81 17.38
CA PHE A 587 28.79 3.80 16.34
C PHE A 587 28.68 4.46 14.98
N VAL A 588 29.48 3.99 14.04
CA VAL A 588 29.35 4.38 12.63
C VAL A 588 29.16 3.10 11.83
N SER A 589 27.92 2.88 11.44
CA SER A 589 27.57 1.63 10.80
C SER A 589 27.89 1.54 9.36
N GLN A 590 27.72 0.35 8.82
CA GLN A 590 28.01 0.13 7.42
C GLN A 590 27.02 0.82 6.49
N ASP A 591 26.06 1.57 7.03
CA ASP A 591 25.05 2.17 6.18
C ASP A 591 24.29 3.25 6.87
N VAL A 592 24.99 4.26 7.35
CA VAL A 592 24.35 5.34 8.10
C VAL A 592 23.13 5.92 7.40
N PHE A 593 22.08 6.17 8.17
CA PHE A 593 20.91 6.83 7.59
C PHE A 593 20.76 8.17 8.25
N ILE A 594 20.18 9.13 7.53
CA ILE A 594 20.04 10.48 8.05
C ILE A 594 18.55 10.81 8.04
N PHE A 595 17.98 10.98 9.23
CA PHE A 595 16.57 11.32 9.34
C PHE A 595 16.32 12.74 8.85
N SER A 596 15.20 12.92 8.15
CA SER A 596 14.88 14.21 7.57
C SER A 596 14.75 15.28 8.65
N GLY A 597 15.40 16.41 8.43
CA GLY A 597 15.38 17.49 9.39
C GLY A 597 16.62 18.35 9.25
N THR A 598 16.76 19.28 10.19
CA THR A 598 17.90 20.17 10.20
C THR A 598 19.18 19.41 10.56
N VAL A 599 20.29 19.83 9.95
CA VAL A 599 21.56 19.15 10.20
C VAL A 599 22.01 19.37 11.65
N LYS A 600 21.65 20.52 12.24
CA LYS A 600 21.97 20.74 13.64
C LYS A 600 21.26 19.73 14.53
N GLU A 601 20.00 19.43 14.23
CA GLU A 601 19.28 18.39 14.96
C GLU A 601 19.91 17.03 14.74
N ASN A 602 20.33 16.73 13.51
CA ASN A 602 20.92 15.44 13.22
C ASN A 602 22.28 15.25 13.85
N LEU A 603 22.98 16.35 14.17
CA LEU A 603 24.24 16.24 14.88
C LEU A 603 24.04 16.21 16.39
N CYS A 604 22.98 16.84 16.88
CA CYS A 604 22.62 16.79 18.30
C CYS A 604 21.50 15.77 18.56
N LEU A 605 21.52 14.65 17.83
CA LEU A 605 20.45 13.66 17.93
C LEU A 605 20.23 13.21 19.36
N GLY A 606 21.33 12.96 20.10
CA GLY A 606 21.20 12.50 21.46
C GLY A 606 21.08 13.62 22.48
N ASN A 607 22.03 14.55 22.47
CA ASN A 607 22.07 15.64 23.44
C ASN A 607 21.39 16.87 22.87
N GLU A 608 20.48 17.44 23.65
CA GLU A 608 19.75 18.65 23.25
C GLU A 608 20.38 19.92 23.79
N ASN A 609 21.52 19.83 24.48
CA ASN A 609 22.22 20.99 25.02
C ASN A 609 23.65 20.95 24.52
N VAL A 610 23.89 21.54 23.35
CA VAL A 610 25.20 21.56 22.71
C VAL A 610 25.47 22.97 22.22
N ASP A 611 26.70 23.44 22.43
CA ASP A 611 27.09 24.77 21.98
C ASP A 611 27.50 24.74 20.50
N MET A 612 27.57 25.94 19.92
CA MET A 612 27.88 26.06 18.50
C MET A 612 29.32 25.65 18.21
N ASP A 613 30.26 26.04 19.07
CA ASP A 613 31.68 25.77 18.82
C ASP A 613 31.97 24.27 18.82
N GLU A 614 31.28 23.50 19.66
CA GLU A 614 31.43 22.05 19.63
C GLU A 614 31.00 21.48 18.29
N ILE A 615 29.88 21.98 17.74
CA ILE A 615 29.46 21.55 16.42
C ILE A 615 30.48 21.95 15.37
N ILE A 616 31.06 23.15 15.50
CA ILE A 616 32.04 23.61 14.53
C ILE A 616 33.26 22.70 14.54
N LYS A 617 33.77 22.37 15.74
CA LYS A 617 34.95 21.52 15.82
C LYS A 617 34.65 20.08 15.41
N ALA A 618 33.42 19.61 15.65
CA ALA A 618 33.05 18.29 15.15
C ALA A 618 32.99 18.27 13.63
N ALA A 619 32.47 19.33 13.01
CA ALA A 619 32.48 19.42 11.56
C ALA A 619 33.91 19.48 11.03
N LYS A 620 34.77 20.25 11.68
CA LYS A 620 36.19 20.25 11.32
C LYS A 620 36.87 18.93 11.67
N MET A 621 36.25 18.12 12.53
CA MET A 621 36.89 16.89 12.97
C MET A 621 36.90 15.83 11.87
N ALA A 622 35.93 15.85 10.97
CA ALA A 622 35.79 14.80 9.96
C ALA A 622 35.45 15.38 8.60
N ASN A 623 36.12 16.46 8.21
CA ASN A 623 36.01 17.04 6.87
C ASN A 623 34.56 17.38 6.51
N ALA A 624 33.86 18.02 7.45
CA ALA A 624 32.45 18.32 7.26
C ALA A 624 32.15 19.81 7.12
N HIS A 625 33.01 20.70 7.62
CA HIS A 625 32.70 22.13 7.60
C HIS A 625 32.56 22.66 6.18
N ASP A 626 33.45 22.27 5.28
CA ASP A 626 33.44 22.80 3.92
C ASP A 626 32.17 22.38 3.17
N PHE A 627 31.69 21.15 3.40
CA PHE A 627 30.49 20.69 2.72
C PHE A 627 29.25 21.38 3.28
N ILE A 628 29.15 21.48 4.61
CA ILE A 628 27.97 22.08 5.22
C ILE A 628 27.88 23.56 4.88
N GLU A 629 29.01 24.27 4.93
CA GLU A 629 28.99 25.70 4.63
C GLU A 629 28.62 25.97 3.17
N LYS A 630 28.88 25.01 2.28
CA LYS A 630 28.54 25.20 0.87
C LYS A 630 27.04 25.05 0.63
N LEU A 631 26.37 24.21 1.42
CA LEU A 631 24.95 23.91 1.26
C LEU A 631 24.11 25.17 1.46
N PRO A 632 22.81 25.15 1.08
CA PRO A 632 21.95 26.33 1.31
C PRO A 632 21.99 26.83 2.75
N LEU A 633 21.84 28.14 2.91
CA LEU A 633 21.99 28.73 4.22
C LEU A 633 23.41 28.37 4.63
N LYS A 634 23.62 28.08 5.89
CA LYS A 634 24.94 27.64 6.32
C LYS A 634 24.90 26.32 7.08
N TYR A 635 23.91 26.13 7.95
CA TYR A 635 23.87 24.97 8.84
C TYR A 635 22.47 24.38 8.94
N ASP A 636 21.66 24.52 7.90
CA ASP A 636 20.31 23.95 7.92
C ASP A 636 19.94 23.37 6.56
N GLU A 648 26.23 9.78 -0.88
CA GLU A 648 26.50 8.79 0.16
C GLU A 648 27.69 9.20 1.00
N GLY A 649 28.74 9.69 0.34
CA GLY A 649 29.92 10.15 1.07
C GLY A 649 29.61 11.31 2.00
N GLN A 650 28.77 12.24 1.56
CA GLN A 650 28.40 13.37 2.41
C GLN A 650 27.65 12.89 3.64
N LYS A 651 26.69 11.98 3.45
CA LYS A 651 25.93 11.46 4.59
C LYS A 651 26.83 10.70 5.55
N GLN A 652 27.78 9.92 5.03
CA GLN A 652 28.63 9.12 5.89
C GLN A 652 29.63 10.01 6.64
N ARG A 653 30.14 11.05 5.99
CA ARG A 653 30.99 12.00 6.71
C ARG A 653 30.20 12.77 7.75
N LEU A 654 28.92 13.03 7.48
CA LEU A 654 28.05 13.63 8.48
C LEU A 654 27.90 12.69 9.67
N ALA A 655 27.77 11.39 9.40
CA ALA A 655 27.69 10.40 10.47
C ALA A 655 28.95 10.39 11.33
N ILE A 656 30.12 10.44 10.69
CA ILE A 656 31.36 10.48 11.46
C ILE A 656 31.45 11.77 12.28
N ALA A 657 31.04 12.90 11.68
CA ALA A 657 31.04 14.15 12.42
C ALA A 657 30.17 14.05 13.66
N ARG A 658 28.99 13.45 13.54
CA ARG A 658 28.13 13.19 14.69
C ARG A 658 28.83 12.26 15.69
N ALA A 659 29.55 11.26 15.19
CA ALA A 659 30.21 10.30 16.07
C ALA A 659 31.22 10.99 16.98
N LEU A 660 32.11 11.79 16.39
CA LEU A 660 33.04 12.55 17.23
C LEU A 660 32.34 13.66 18.02
N LEU A 661 31.18 14.14 17.56
CA LEU A 661 30.41 15.05 18.38
C LEU A 661 29.87 14.36 19.63
N LYS A 662 29.70 13.04 19.60
CA LYS A 662 29.23 12.31 20.77
C LYS A 662 30.26 12.30 21.90
N LYS A 663 31.52 12.67 21.62
CA LYS A 663 32.67 12.62 22.51
C LYS A 663 32.62 11.39 23.42
N PRO A 664 32.72 10.19 22.85
CA PRO A 664 32.55 8.97 23.66
C PRO A 664 33.83 8.44 24.27
N ASP A 665 33.72 7.37 25.04
CA ASP A 665 34.90 6.67 25.52
C ASP A 665 35.40 5.66 24.49
N ILE A 666 34.48 4.99 23.80
CA ILE A 666 34.81 4.02 22.77
C ILE A 666 34.11 4.43 21.48
N LEU A 667 34.84 4.39 20.37
CA LEU A 667 34.32 4.82 19.07
C LEU A 667 34.55 3.70 18.06
N ILE A 668 33.46 3.07 17.60
CA ILE A 668 33.52 1.95 16.68
C ILE A 668 33.00 2.41 15.33
N LEU A 669 33.77 2.16 14.28
CA LEU A 669 33.39 2.55 12.93
C LEU A 669 33.67 1.40 11.98
N ASP A 670 32.66 0.93 11.26
CA ASP A 670 32.86 -0.09 10.24
C ASP A 670 32.42 0.42 8.87
N GLU A 671 33.27 0.21 7.86
CA GLU A 671 33.03 0.70 6.50
C GLU A 671 32.75 2.20 6.49
N ALA A 672 33.54 2.94 7.27
CA ALA A 672 33.32 4.36 7.46
C ALA A 672 34.15 5.22 6.50
N THR A 673 35.30 4.73 6.07
CA THR A 673 36.20 5.50 5.22
C THR A 673 36.25 5.00 3.78
N SER A 674 35.47 3.96 3.44
CA SER A 674 35.55 3.38 2.11
C SER A 674 35.05 4.34 1.04
N ASN A 675 33.93 5.01 1.29
CA ASN A 675 33.31 5.82 0.24
C ASN A 675 34.06 7.12 0.02
N LEU A 676 34.72 7.66 1.05
CA LEU A 676 35.50 8.88 0.89
C LEU A 676 36.71 8.63 0.01
N ASP A 677 37.15 9.68 -0.69
CA ASP A 677 38.30 9.58 -1.57
C ASP A 677 39.58 9.51 -0.75
N SER A 678 40.71 9.41 -1.45
CA SER A 678 41.99 9.23 -0.78
C SER A 678 42.37 10.46 0.06
N ILE A 679 42.02 11.65 -0.41
CA ILE A 679 42.33 12.86 0.35
C ILE A 679 41.59 12.85 1.68
N THR A 680 40.28 12.62 1.64
CA THR A 680 39.51 12.55 2.87
C THR A 680 39.91 11.33 3.70
N GLU A 681 40.25 10.23 3.03
CA GLU A 681 40.72 9.04 3.76
C GLU A 681 41.93 9.36 4.62
N ASN A 682 42.97 9.96 4.02
CA ASN A 682 44.17 10.26 4.78
C ASN A 682 43.93 11.35 5.81
N HIS A 683 43.11 12.35 5.47
CA HIS A 683 42.82 13.41 6.43
C HIS A 683 42.14 12.85 7.67
N ILE A 684 41.11 12.02 7.49
CA ILE A 684 40.42 11.44 8.63
C ILE A 684 41.30 10.43 9.35
N LYS A 685 42.19 9.76 8.62
CA LYS A 685 43.09 8.80 9.26
C LYS A 685 44.04 9.50 10.22
N ASP A 686 44.67 10.60 9.77
CA ASP A 686 45.55 11.35 10.64
C ASP A 686 44.76 12.06 11.74
N ALA A 687 43.53 12.48 11.46
CA ALA A 687 42.71 13.12 12.48
C ALA A 687 42.36 12.15 13.60
N ILE A 688 42.03 10.91 13.25
CA ILE A 688 41.62 9.92 14.26
C ILE A 688 42.81 9.23 14.91
N TYR A 689 43.97 9.21 14.25
CA TYR A 689 45.14 8.59 14.85
C TYR A 689 45.61 9.36 16.08
N GLY A 690 45.63 10.68 15.99
CA GLY A 690 46.03 11.51 17.12
C GLY A 690 44.88 12.00 17.97
N LEU A 691 44.17 11.07 18.60
CA LEU A 691 43.06 11.40 19.48
C LEU A 691 43.53 11.45 20.94
N GLU A 692 42.89 12.31 21.72
CA GLU A 692 43.27 12.57 23.09
C GLU A 692 42.22 12.00 24.04
N ASP A 693 42.41 12.28 25.34
CA ASP A 693 41.50 11.87 26.41
C ASP A 693 41.36 10.37 26.54
N ASP A 694 42.37 9.61 26.07
CA ASP A 694 42.40 8.16 26.19
C ASP A 694 41.14 7.52 25.62
N VAL A 695 40.92 7.77 24.32
CA VAL A 695 39.73 7.31 23.63
C VAL A 695 40.08 6.03 22.86
N THR A 696 39.40 4.95 23.19
CA THR A 696 39.57 3.70 22.44
C THR A 696 38.83 3.79 21.12
N VAL A 697 39.51 3.45 20.04
CA VAL A 697 38.97 3.54 18.69
C VAL A 697 39.10 2.19 18.01
N ILE A 698 38.00 1.66 17.50
CA ILE A 698 37.98 0.40 16.77
C ILE A 698 37.51 0.70 15.35
N ILE A 699 38.31 0.31 14.37
CA ILE A 699 37.99 0.49 12.95
C ILE A 699 37.90 -0.89 12.32
N ILE A 700 36.75 -1.19 11.73
CA ILE A 700 36.50 -2.46 11.08
C ILE A 700 36.51 -2.24 9.58
N ALA A 701 37.37 -2.99 8.87
CA ALA A 701 37.51 -2.84 7.44
C ALA A 701 37.64 -4.21 6.79
N HIS A 702 37.24 -4.28 5.51
CA HIS A 702 37.47 -5.47 4.71
C HIS A 702 38.64 -5.32 3.75
N ARG A 703 39.08 -4.08 3.50
CA ARG A 703 40.26 -3.82 2.69
C ARG A 703 41.48 -3.73 3.59
N LEU A 704 42.42 -4.66 3.42
CA LEU A 704 43.59 -4.70 4.29
C LEU A 704 44.46 -3.46 4.13
N SER A 705 44.64 -3.00 2.88
CA SER A 705 45.55 -1.90 2.60
C SER A 705 45.02 -0.55 3.06
N THR A 706 43.73 -0.44 3.39
CA THR A 706 43.17 0.84 3.79
C THR A 706 43.78 1.34 5.09
N ILE A 707 43.94 0.45 6.08
CA ILE A 707 44.41 0.84 7.40
C ILE A 707 45.69 0.05 7.71
N VAL A 708 46.74 0.76 8.08
CA VAL A 708 48.04 0.13 8.32
C VAL A 708 48.62 0.44 9.70
N ASN A 709 48.28 1.56 10.34
CA ASN A 709 49.05 2.06 11.47
C ASN A 709 48.39 1.84 12.83
N CYS A 710 47.42 0.94 12.93
CA CYS A 710 46.89 0.59 14.24
C CYS A 710 47.85 -0.30 15.01
N ASP A 711 47.75 -0.25 16.34
CA ASP A 711 48.67 -1.00 17.19
C ASP A 711 48.51 -2.50 17.00
N LYS A 712 47.26 -2.98 17.04
CA LYS A 712 46.98 -4.41 16.92
C LYS A 712 45.96 -4.64 15.81
N ILE A 713 46.13 -5.74 15.09
CA ILE A 713 45.24 -6.13 13.99
C ILE A 713 44.60 -7.45 14.36
N TYR A 714 43.27 -7.52 14.24
CA TYR A 714 42.51 -8.73 14.49
C TYR A 714 41.88 -9.22 13.20
N LEU A 715 41.90 -10.54 13.00
CA LEU A 715 41.38 -11.16 11.78
C LEU A 715 40.22 -12.09 12.13
N LEU A 716 39.13 -11.96 11.40
CA LEU A 716 37.95 -12.82 11.55
C LEU A 716 37.82 -13.64 10.28
N LYS A 717 38.07 -14.95 10.38
CA LYS A 717 38.04 -15.83 9.22
C LYS A 717 36.77 -16.69 9.19
N ASP A 718 36.53 -17.50 10.22
CA ASP A 718 35.28 -18.26 10.32
C ASP A 718 34.98 -18.45 11.80
N GLY A 719 34.21 -17.53 12.37
CA GLY A 719 33.78 -17.61 13.75
C GLY A 719 34.91 -17.77 14.75
N GLU A 720 36.12 -17.35 14.38
CA GLU A 720 37.29 -17.55 15.22
C GLU A 720 38.43 -16.68 14.71
N ILE A 721 39.20 -16.13 15.64
CA ILE A 721 40.40 -15.39 15.28
C ILE A 721 41.54 -16.38 15.06
N VAL A 722 42.32 -16.15 14.00
CA VAL A 722 43.41 -17.06 13.66
C VAL A 722 44.72 -16.52 14.23
N GLU A 723 44.81 -15.21 14.38
CA GLU A 723 46.00 -14.58 14.91
C GLU A 723 45.69 -13.16 15.36
N SER A 724 46.45 -12.67 16.33
CA SER A 724 46.30 -11.32 16.83
C SER A 724 47.68 -10.72 17.08
N GLY A 725 47.85 -9.46 16.71
CA GLY A 725 49.12 -8.80 16.91
C GLY A 725 49.23 -7.57 16.01
N SER A 726 50.42 -6.98 16.04
CA SER A 726 50.72 -5.83 15.22
C SER A 726 50.96 -6.24 13.77
N HIS A 727 51.02 -5.25 12.89
CA HIS A 727 51.23 -5.53 11.47
C HIS A 727 52.55 -6.24 11.23
N THR A 728 53.64 -5.71 11.78
CA THR A 728 54.96 -6.28 11.53
C THR A 728 55.08 -7.68 12.11
N GLU A 729 54.51 -7.90 13.30
CA GLU A 729 54.66 -9.19 13.97
C GLU A 729 53.87 -10.28 13.25
N LEU A 730 52.69 -9.94 12.71
CA LEU A 730 51.83 -10.96 12.12
C LEU A 730 52.31 -11.43 10.76
N ILE A 731 52.94 -10.55 9.97
CA ILE A 731 53.41 -10.97 8.64
C ILE A 731 54.54 -11.98 8.78
N ALA A 732 55.41 -11.81 9.78
CA ALA A 732 56.49 -12.76 9.99
C ALA A 732 55.94 -14.15 10.31
N LEU A 733 54.90 -14.23 11.12
CA LEU A 733 54.24 -15.50 11.43
C LEU A 733 53.35 -15.89 10.25
N LYS A 734 53.83 -16.81 9.43
CA LYS A 734 53.09 -17.21 8.24
C LYS A 734 51.75 -17.81 8.62
N GLY A 735 50.70 -17.38 7.92
CA GLY A 735 49.35 -17.86 8.21
C GLY A 735 48.31 -17.30 7.27
N CYS A 736 47.08 -17.12 7.77
CA CYS A 736 46.00 -16.62 6.93
C CYS A 736 46.27 -15.17 6.48
N TYR A 737 46.75 -14.33 7.39
CA TYR A 737 46.89 -12.91 7.10
C TYR A 737 47.81 -12.69 5.91
N PHE A 738 48.96 -13.37 5.89
CA PHE A 738 49.88 -13.25 4.77
C PHE A 738 49.26 -13.75 3.48
N LYS A 739 48.48 -14.84 3.55
CA LYS A 739 47.84 -15.39 2.36
C LYS A 739 46.87 -14.37 1.75
N MET A 740 45.99 -13.80 2.58
CA MET A 740 45.06 -12.80 2.07
C MET A 740 45.77 -11.55 1.59
N TRP A 741 46.85 -11.14 2.27
CA TRP A 741 47.60 -9.97 1.81
C TRP A 741 48.20 -10.20 0.44
N LYS A 742 48.78 -11.38 0.22
CA LYS A 742 49.39 -11.68 -1.07
C LYS A 742 48.33 -11.84 -2.15
N GLN A 743 47.17 -12.38 -1.80
CA GLN A 743 46.10 -12.54 -2.78
C GLN A 743 45.39 -11.23 -3.10
N THR A 744 45.49 -10.24 -2.22
CA THR A 744 44.90 -8.93 -2.48
C THR A 744 45.86 -7.96 -3.15
N GLU A 745 47.12 -8.32 -3.30
CA GLU A 745 48.10 -7.46 -3.96
C GLU A 745 48.63 -8.11 -5.23
N VAL B 34 -5.81 28.71 -15.99
CA VAL B 34 -5.94 27.27 -16.17
C VAL B 34 -4.89 26.53 -15.36
N CYS B 35 -5.33 25.54 -14.58
CA CYS B 35 -4.43 24.73 -13.75
C CYS B 35 -4.88 23.27 -13.87
N VAL B 36 -4.17 22.50 -14.69
CA VAL B 36 -4.49 21.09 -14.87
C VAL B 36 -3.93 20.30 -13.70
N ARG B 37 -4.78 19.46 -13.10
CA ARG B 37 -4.33 18.62 -11.99
C ARG B 37 -3.35 17.56 -12.48
N GLN B 38 -2.30 17.35 -11.70
CA GLN B 38 -1.33 16.31 -12.02
C GLN B 38 -1.88 14.94 -11.69
N TYR B 39 -1.51 13.96 -12.51
CA TYR B 39 -1.94 12.58 -12.30
C TYR B 39 -1.00 11.79 -11.41
N ASP B 40 0.30 12.05 -11.51
CA ASP B 40 1.31 11.32 -10.77
C ASP B 40 2.21 12.30 -10.03
N LEU B 41 3.26 11.78 -9.40
CA LEU B 41 4.16 12.59 -8.60
C LEU B 41 5.38 13.06 -9.36
N THR B 42 5.51 12.71 -10.64
CA THR B 42 6.71 13.04 -11.42
C THR B 42 6.41 13.88 -12.65
N ASP B 43 5.17 14.33 -12.84
CA ASP B 43 4.78 15.08 -14.03
C ASP B 43 4.38 16.51 -13.69
N CYS B 44 5.10 17.14 -12.75
CA CYS B 44 4.80 18.52 -12.40
C CYS B 44 5.14 19.47 -13.55
N GLY B 45 6.33 19.31 -14.12
CA GLY B 45 6.71 20.17 -15.24
C GLY B 45 5.84 19.97 -16.46
N ALA B 46 5.47 18.71 -16.74
CA ALA B 46 4.56 18.44 -17.85
C ALA B 46 3.21 19.10 -17.61
N ALA B 47 2.71 19.05 -16.37
CA ALA B 47 1.45 19.70 -16.04
C ALA B 47 1.54 21.21 -16.22
N CYS B 48 2.66 21.81 -15.80
CA CYS B 48 2.84 23.25 -15.97
C CYS B 48 2.89 23.63 -17.44
N LEU B 49 3.61 22.86 -18.25
CA LEU B 49 3.68 23.14 -19.68
C LEU B 49 2.32 22.98 -20.34
N SER B 50 1.56 21.96 -19.92
CA SER B 50 0.21 21.78 -20.44
C SER B 50 -0.68 22.95 -20.06
N SER B 51 -0.54 23.46 -18.84
CA SER B 51 -1.30 24.64 -18.44
C SER B 51 -0.96 25.85 -19.30
N ILE B 52 0.33 26.05 -19.56
CA ILE B 52 0.74 27.16 -20.43
C ILE B 52 0.15 27.02 -21.82
N ALA B 53 0.22 25.80 -22.38
CA ALA B 53 -0.29 25.57 -23.72
C ALA B 53 -1.81 25.78 -23.77
N GLN B 54 -2.53 25.32 -22.74
CA GLN B 54 -3.97 25.52 -22.69
C GLN B 54 -4.32 27.00 -22.57
N TYR B 55 -3.53 27.75 -21.78
CA TYR B 55 -3.75 29.20 -21.70
C TYR B 55 -3.54 29.85 -23.05
N TYR B 56 -2.52 29.41 -23.79
CA TYR B 56 -2.25 29.97 -25.11
C TYR B 56 -3.13 29.37 -26.20
N GLY B 57 -4.05 28.48 -25.87
CA GLY B 57 -5.00 27.97 -26.83
C GLY B 57 -4.68 26.65 -27.48
N LEU B 58 -3.67 25.92 -26.99
CA LEU B 58 -3.30 24.63 -27.54
C LEU B 58 -3.48 23.57 -26.46
N LYS B 59 -4.54 22.76 -26.59
CA LYS B 59 -4.82 21.70 -25.63
C LYS B 59 -4.46 20.36 -26.26
N MET B 60 -3.62 19.60 -25.56
CA MET B 60 -3.20 18.29 -26.02
C MET B 60 -3.12 17.34 -24.83
N SER B 61 -2.98 16.06 -25.13
CA SER B 61 -2.93 15.04 -24.08
C SER B 61 -1.70 15.24 -23.20
N LEU B 62 -1.88 15.04 -21.89
CA LEU B 62 -0.78 15.18 -20.96
C LEU B 62 0.27 14.10 -21.14
N ALA B 63 -0.14 12.90 -21.56
CA ALA B 63 0.82 11.82 -21.79
C ALA B 63 1.77 12.18 -22.93
N LYS B 64 1.25 12.77 -24.01
CA LYS B 64 2.11 13.17 -25.12
C LYS B 64 3.10 14.23 -24.68
N ILE B 65 2.66 15.19 -23.86
CA ILE B 65 3.56 16.22 -23.37
C ILE B 65 4.64 15.60 -22.47
N ARG B 66 4.24 14.69 -21.58
CA ARG B 66 5.19 14.04 -20.69
C ARG B 66 6.23 13.26 -21.48
N GLU B 67 5.80 12.58 -22.55
CA GLU B 67 6.74 11.90 -23.43
C GLU B 67 7.65 12.89 -24.14
N MET B 68 7.11 14.04 -24.54
CA MET B 68 7.90 15.03 -25.27
C MET B 68 8.94 15.69 -24.36
N THR B 69 8.62 15.89 -23.08
CA THR B 69 9.57 16.48 -22.15
C THR B 69 10.68 15.53 -21.75
N GLY B 70 10.60 14.26 -22.15
CA GLY B 70 11.60 13.29 -21.74
C GLY B 70 11.60 13.04 -20.25
N THR B 71 10.41 13.05 -19.63
CA THR B 71 10.32 12.88 -18.19
C THR B 71 10.67 11.44 -17.81
N ASP B 72 11.50 11.30 -16.78
CA ASP B 72 11.88 10.01 -16.23
C ASP B 72 11.25 9.84 -14.86
N THR B 73 11.63 8.76 -14.16
CA THR B 73 11.12 8.54 -12.81
C THR B 73 11.56 9.62 -11.84
N GLN B 74 12.61 10.38 -12.17
CA GLN B 74 13.08 11.48 -11.35
C GLN B 74 12.52 12.83 -11.79
N GLY B 75 11.76 12.88 -12.87
CA GLY B 75 11.20 14.11 -13.37
C GLY B 75 12.15 14.85 -14.30
N THR B 76 11.60 15.84 -15.00
CA THR B 76 12.38 16.68 -15.91
C THR B 76 13.09 17.77 -15.11
N ASN B 77 14.42 17.72 -15.07
CA ASN B 77 15.16 18.67 -14.25
C ASN B 77 15.03 20.10 -14.74
N ALA B 78 15.64 20.42 -15.88
CA ALA B 78 15.46 21.73 -16.47
C ALA B 78 15.21 21.68 -17.97
N TYR B 79 15.90 20.77 -18.66
CA TYR B 79 16.01 20.84 -20.12
C TYR B 79 14.73 20.37 -20.82
N GLY B 80 13.97 19.48 -20.19
CA GLY B 80 12.80 18.92 -20.85
C GLY B 80 11.76 19.97 -21.18
N LEU B 81 11.49 20.89 -20.25
CA LEU B 81 10.49 21.92 -20.50
C LEU B 81 10.90 22.81 -21.67
N ILE B 82 12.16 23.24 -21.70
CA ILE B 82 12.64 24.10 -22.77
C ILE B 82 12.56 23.37 -24.11
N HIS B 83 13.03 22.11 -24.14
CA HIS B 83 13.03 21.37 -25.40
C HIS B 83 11.60 21.14 -25.91
N ALA B 84 10.69 20.75 -25.01
CA ALA B 84 9.32 20.50 -25.43
C ALA B 84 8.63 21.77 -25.88
N ALA B 85 8.88 22.89 -25.19
CA ALA B 85 8.30 24.17 -25.62
C ALA B 85 8.84 24.59 -26.97
N LYS B 86 10.14 24.39 -27.21
CA LYS B 86 10.70 24.70 -28.53
C LYS B 86 10.08 23.83 -29.61
N GLN B 87 9.88 22.53 -29.32
CA GLN B 87 9.25 21.65 -30.29
C GLN B 87 7.81 22.07 -30.57
N LEU B 88 7.08 22.49 -29.54
CA LEU B 88 5.69 22.91 -29.69
C LEU B 88 5.55 24.29 -30.31
N GLY B 89 6.64 25.03 -30.47
CA GLY B 89 6.61 26.35 -31.08
C GLY B 89 6.91 27.49 -30.13
N PHE B 90 6.93 27.25 -28.83
CA PHE B 90 7.25 28.30 -27.87
C PHE B 90 8.72 28.69 -27.99
N SER B 91 9.00 29.98 -27.81
CA SER B 91 10.37 30.48 -27.78
C SER B 91 10.91 30.37 -26.36
N ALA B 92 11.13 29.13 -25.95
CA ALA B 92 11.53 28.85 -24.57
C ALA B 92 12.93 29.36 -24.28
N LYS B 93 13.16 29.72 -23.02
CA LYS B 93 14.47 30.13 -22.55
C LYS B 93 14.53 29.93 -21.05
N GLY B 94 15.75 29.79 -20.55
CA GLY B 94 16.00 29.62 -19.12
C GLY B 94 16.86 30.74 -18.59
N VAL B 95 16.51 31.23 -17.40
CA VAL B 95 17.24 32.32 -16.77
C VAL B 95 17.12 32.18 -15.26
N LYS B 96 18.18 32.55 -14.55
CA LYS B 96 18.20 32.54 -13.10
C LYS B 96 17.94 33.96 -12.61
N ALA B 97 16.84 34.14 -11.87
CA ALA B 97 16.40 35.45 -11.43
C ALA B 97 16.20 35.44 -9.92
N SER B 98 16.26 36.64 -9.33
CA SER B 98 16.08 36.84 -7.90
C SER B 98 14.85 37.72 -7.67
N LYS B 99 14.65 38.13 -6.42
CA LYS B 99 13.50 38.97 -6.07
C LYS B 99 13.53 40.30 -6.80
N GLU B 100 14.72 40.81 -7.11
CA GLU B 100 14.82 42.10 -7.80
C GLU B 100 14.30 42.01 -9.24
N ASP B 101 14.52 40.88 -9.92
CA ASP B 101 14.06 40.74 -11.29
C ASP B 101 12.53 40.63 -11.37
N LEU B 102 11.90 40.07 -10.34
CA LEU B 102 10.45 39.93 -10.35
C LEU B 102 9.73 41.27 -10.32
N LEU B 103 10.39 42.33 -9.86
CA LEU B 103 9.72 43.62 -9.74
C LEU B 103 9.47 44.26 -11.09
N LYS B 104 10.47 44.23 -11.98
CA LYS B 104 10.38 45.00 -13.22
C LYS B 104 9.23 44.55 -14.12
N ASP B 105 9.37 43.37 -14.73
CA ASP B 105 8.34 42.77 -15.58
C ASP B 105 8.86 41.45 -16.13
N PHE B 106 7.94 40.66 -16.65
CA PHE B 106 8.22 39.56 -17.57
C PHE B 106 6.89 39.05 -18.12
N ARG B 107 6.97 38.09 -19.03
CA ARG B 107 5.77 37.49 -19.58
C ARG B 107 4.99 36.78 -18.48
N LEU B 108 3.68 36.96 -18.48
CA LEU B 108 2.85 36.41 -17.41
C LEU B 108 2.92 34.89 -17.30
N PRO B 109 2.81 34.11 -18.38
CA PRO B 109 2.96 32.65 -18.25
C PRO B 109 4.44 32.28 -18.16
N ALA B 110 4.83 31.71 -17.03
CA ALA B 110 6.21 31.29 -16.82
C ALA B 110 6.27 30.24 -15.73
N ILE B 111 7.17 29.28 -15.90
CA ILE B 111 7.35 28.20 -14.93
C ILE B 111 8.47 28.60 -13.98
N ALA B 112 8.20 28.49 -12.67
CA ALA B 112 9.17 28.81 -11.64
C ALA B 112 9.52 27.55 -10.87
N ASN B 113 10.81 27.30 -10.69
CA ASN B 113 11.28 26.13 -9.96
C ASN B 113 11.19 26.38 -8.46
N VAL B 114 10.56 25.45 -7.76
CA VAL B 114 10.38 25.54 -6.31
C VAL B 114 10.84 24.23 -5.68
N ILE B 115 11.12 24.29 -4.37
CA ILE B 115 11.53 23.13 -3.61
C ILE B 115 10.49 22.96 -2.49
N VAL B 116 9.26 23.38 -2.79
CA VAL B 116 8.14 23.30 -1.84
C VAL B 116 8.46 24.02 -0.54
N ALA B 121 11.53 17.95 -7.60
CA ALA B 121 10.56 17.35 -8.51
C ALA B 121 9.19 18.00 -8.37
N HIS B 122 9.18 19.33 -8.31
CA HIS B 122 7.94 20.08 -8.18
C HIS B 122 8.14 21.47 -8.79
N PHE B 123 7.35 21.78 -9.82
CA PHE B 123 7.42 23.06 -10.51
C PHE B 123 6.10 23.80 -10.35
N VAL B 124 6.18 25.13 -10.32
CA VAL B 124 5.04 25.99 -10.08
C VAL B 124 5.03 27.11 -11.12
N VAL B 125 3.86 27.40 -11.67
CA VAL B 125 3.70 28.40 -12.72
C VAL B 125 3.02 29.64 -12.13
N ILE B 126 3.60 30.81 -12.39
CA ILE B 126 3.02 32.06 -11.94
C ILE B 126 2.10 32.61 -13.02
N TYR B 127 1.22 33.53 -12.64
CA TYR B 127 0.27 34.06 -13.61
C TYR B 127 0.25 35.59 -13.70
N SER B 128 0.40 36.30 -12.59
CA SER B 128 0.35 37.75 -12.63
C SER B 128 1.05 38.33 -11.42
N ILE B 129 1.37 39.62 -11.50
CA ILE B 129 2.01 40.36 -10.42
C ILE B 129 1.10 41.52 -10.07
N LYS B 130 0.34 41.40 -8.99
CA LYS B 130 -0.50 42.46 -8.49
C LYS B 130 0.23 43.21 -7.37
N ASN B 131 -0.48 44.08 -6.68
CA ASN B 131 0.12 44.93 -5.65
C ASN B 131 0.53 44.07 -4.46
N ARG B 132 1.84 43.81 -4.35
CA ARG B 132 2.44 43.09 -3.24
C ARG B 132 1.86 41.69 -3.04
N ILE B 133 1.24 41.12 -4.08
CA ILE B 133 0.77 39.75 -4.04
C ILE B 133 1.12 39.08 -5.36
N ILE B 134 1.19 37.75 -5.32
CA ILE B 134 1.46 36.94 -6.52
C ILE B 134 0.46 35.79 -6.54
N THR B 135 0.21 35.26 -7.75
CA THR B 135 -0.69 34.14 -7.93
C THR B 135 0.06 33.00 -8.60
N VAL B 136 -0.15 31.79 -8.10
CA VAL B 136 0.52 30.60 -8.60
C VAL B 136 -0.49 29.46 -8.68
N ALA B 137 -0.38 28.65 -9.73
CA ALA B 137 -1.27 27.52 -9.94
C ALA B 137 -0.41 26.26 -10.01
N ASP B 138 -0.12 25.69 -8.84
CA ASP B 138 0.67 24.47 -8.81
C ASP B 138 -0.22 23.25 -9.09
N PRO B 139 0.34 22.22 -9.73
CA PRO B 139 -0.44 20.99 -9.94
C PRO B 139 -0.87 20.32 -8.65
N GLY B 140 -0.08 20.43 -7.59
CA GLY B 140 -0.41 19.75 -6.35
C GLY B 140 -1.65 20.29 -5.67
N LYS B 141 -1.79 21.62 -5.64
CA LYS B 141 -2.89 22.26 -4.92
C LYS B 141 -3.88 22.95 -5.85
N GLY B 142 -3.40 23.85 -6.69
CA GLY B 142 -4.26 24.59 -7.60
C GLY B 142 -3.90 26.06 -7.59
N ILE B 143 -4.87 26.89 -7.96
CA ILE B 143 -4.65 28.34 -8.02
C ILE B 143 -4.61 28.86 -6.59
N VAL B 144 -3.43 29.28 -6.13
CA VAL B 144 -3.24 29.83 -4.80
C VAL B 144 -2.42 31.11 -4.92
N ARG B 145 -2.41 31.89 -3.84
CA ARG B 145 -1.72 33.16 -3.80
C ARG B 145 -0.65 33.14 -2.71
N TYR B 146 0.47 33.81 -2.99
CA TYR B 146 1.59 33.84 -2.07
C TYR B 146 2.17 35.25 -2.03
N SER B 147 2.85 35.56 -0.92
CA SER B 147 3.59 36.81 -0.81
C SER B 147 4.98 36.66 -1.43
N MET B 148 5.64 37.79 -1.64
CA MET B 148 6.96 37.76 -2.25
C MET B 148 7.99 37.08 -1.35
N ASP B 149 7.94 37.34 -0.04
CA ASP B 149 8.97 36.85 0.86
C ASP B 149 8.98 35.33 0.91
N ASP B 150 7.82 34.71 1.18
CA ASP B 150 7.76 33.25 1.19
C ASP B 150 8.06 32.70 -0.19
N PHE B 151 7.73 33.44 -1.25
CA PHE B 151 8.05 32.99 -2.60
C PHE B 151 9.56 32.84 -2.78
N CYS B 152 10.33 33.90 -2.48
CA CYS B 152 11.78 33.77 -2.61
C CYS B 152 12.35 32.80 -1.60
N SER B 153 11.65 32.57 -0.48
CA SER B 153 12.08 31.52 0.43
C SER B 153 11.93 30.13 -0.18
N ILE B 154 10.91 29.94 -1.03
CA ILE B 154 10.65 28.63 -1.60
C ILE B 154 11.01 28.53 -3.09
N TRP B 155 11.02 29.65 -3.82
CA TRP B 155 11.23 29.62 -5.26
C TRP B 155 12.72 29.66 -5.55
N THR B 156 13.25 28.56 -6.08
CA THR B 156 14.66 28.50 -6.47
C THR B 156 14.91 29.42 -7.67
N GLY B 157 16.12 29.98 -7.72
CA GLY B 157 16.42 31.02 -8.71
C GLY B 157 16.15 30.61 -10.14
N GLY B 158 16.14 29.31 -10.42
CA GLY B 158 15.83 28.82 -11.75
C GLY B 158 14.47 29.23 -12.25
N LEU B 159 14.41 29.75 -13.47
CA LEU B 159 13.17 30.27 -14.05
C LEU B 159 13.14 29.96 -15.54
N VAL B 160 11.94 29.66 -16.05
CA VAL B 160 11.72 29.34 -17.45
C VAL B 160 10.72 30.33 -18.03
N LEU B 161 11.09 30.96 -19.14
CA LEU B 161 10.23 31.91 -19.83
C LEU B 161 9.88 31.36 -21.20
N LEU B 162 8.63 31.57 -21.62
CA LEU B 162 8.13 31.06 -22.88
C LEU B 162 7.40 32.15 -23.65
N GLU B 163 7.33 31.97 -24.96
CA GLU B 163 6.64 32.89 -25.86
C GLU B 163 6.28 32.16 -27.15
N PRO B 164 5.02 32.18 -27.57
CA PRO B 164 4.62 31.44 -28.77
C PRO B 164 5.36 31.96 -30.02
N GLY B 165 5.68 31.03 -30.91
CA GLY B 165 6.38 31.34 -32.14
C GLY B 165 5.44 31.37 -33.35
N GLU B 166 6.06 31.35 -34.53
CA GLU B 166 5.29 31.41 -35.77
C GLU B 166 4.43 30.16 -35.95
N ALA B 167 4.99 28.98 -35.65
CA ALA B 167 4.29 27.72 -35.85
C ALA B 167 3.59 27.31 -34.55
N PHE B 168 2.50 28.01 -34.25
CA PHE B 168 1.69 27.78 -33.06
C PHE B 168 0.21 27.76 -33.43
N GLN B 169 -0.15 26.99 -34.45
CA GLN B 169 -1.54 26.86 -34.84
C GLN B 169 -2.36 26.28 -33.69
N LYS B 170 -3.38 27.03 -33.25
CA LYS B 170 -4.22 26.59 -32.16
C LYS B 170 -5.05 25.38 -32.57
N GLY B 171 -5.31 24.50 -31.61
CA GLY B 171 -6.09 23.31 -31.88
C GLY B 171 -6.43 22.59 -30.60
N ASP B 172 -7.21 21.53 -30.74
CA ASP B 172 -7.65 20.69 -29.63
C ASP B 172 -7.31 19.24 -29.99
N TYR B 173 -6.09 18.82 -29.65
CA TYR B 173 -5.59 17.50 -30.03
C TYR B 173 -5.86 16.49 -28.91
N THR B 174 -7.13 16.34 -28.58
CA THR B 174 -7.57 15.36 -27.60
C THR B 174 -8.99 14.92 -27.91
N GLN B 175 -9.41 13.85 -27.26
CA GLN B 175 -10.73 13.28 -27.48
C GLN B 175 -11.43 13.07 -26.14
N ASN B 176 -12.75 13.22 -26.14
CA ASN B 176 -13.55 12.97 -24.95
C ASN B 176 -13.47 11.49 -24.57
N MET B 177 -12.76 11.20 -23.48
CA MET B 177 -12.53 9.80 -23.11
C MET B 177 -13.78 9.15 -22.54
N MET B 178 -14.68 9.94 -21.95
CA MET B 178 -15.90 9.37 -21.39
C MET B 178 -16.78 8.77 -22.48
N VAL B 179 -16.83 9.41 -23.65
CA VAL B 179 -17.57 8.84 -24.77
C VAL B 179 -16.91 7.57 -25.27
N LYS B 180 -15.58 7.55 -25.32
CA LYS B 180 -14.87 6.36 -25.77
C LYS B 180 -15.14 5.17 -24.87
N PHE B 181 -15.14 5.37 -23.55
CA PHE B 181 -15.42 4.28 -22.63
C PHE B 181 -16.90 3.95 -22.57
N ALA B 182 -17.79 4.93 -22.81
CA ALA B 182 -19.21 4.65 -22.89
C ALA B 182 -19.55 3.86 -24.16
N GLY B 183 -18.69 3.91 -25.17
CA GLY B 183 -18.86 3.08 -26.35
C GLY B 183 -18.77 1.60 -26.08
N PHE B 184 -18.25 1.21 -24.91
CA PHE B 184 -18.23 -0.19 -24.50
C PHE B 184 -19.61 -0.74 -24.19
N LEU B 185 -20.63 0.13 -24.09
CA LEU B 185 -21.98 -0.30 -23.81
C LEU B 185 -22.72 -0.81 -25.05
N LYS B 186 -22.16 -0.60 -26.24
CA LYS B 186 -22.83 -1.04 -27.46
C LYS B 186 -23.06 -2.54 -27.51
N PRO B 187 -22.07 -3.41 -27.22
CA PRO B 187 -22.39 -4.84 -27.16
C PRO B 187 -23.41 -5.19 -26.09
N LEU B 188 -23.43 -4.46 -24.98
CA LEU B 188 -24.36 -4.71 -23.89
C LEU B 188 -25.57 -3.79 -24.04
N LYS B 189 -26.34 -4.03 -25.10
CA LYS B 189 -27.55 -3.27 -25.37
C LYS B 189 -28.82 -4.04 -25.08
N LYS B 190 -28.71 -5.30 -24.67
CA LYS B 190 -29.87 -6.08 -24.24
C LYS B 190 -29.97 -6.19 -22.72
N THR B 191 -28.84 -6.26 -22.03
CA THR B 191 -28.87 -6.23 -20.57
C THR B 191 -29.29 -4.86 -20.05
N VAL B 192 -28.89 -3.79 -20.75
CA VAL B 192 -29.33 -2.45 -20.37
C VAL B 192 -30.84 -2.32 -20.52
N LEU B 193 -31.39 -2.83 -21.62
CA LEU B 193 -32.83 -2.72 -21.85
C LEU B 193 -33.61 -3.47 -20.78
N CYS B 194 -33.15 -4.66 -20.39
CA CYS B 194 -33.80 -5.41 -19.32
C CYS B 194 -33.64 -4.77 -17.95
N ILE B 195 -32.77 -3.77 -17.84
CA ILE B 195 -32.62 -3.03 -16.58
C ILE B 195 -33.53 -1.82 -16.55
N PHE B 196 -33.65 -1.10 -17.67
CA PHE B 196 -34.54 0.05 -17.73
C PHE B 196 -36.00 -0.36 -17.55
N LEU B 197 -36.41 -1.45 -18.20
CA LEU B 197 -37.78 -1.93 -18.04
C LEU B 197 -38.03 -2.41 -16.62
N ALA B 198 -37.05 -3.08 -16.02
CA ALA B 198 -37.20 -3.50 -14.62
C ALA B 198 -37.33 -2.30 -13.70
N SER B 199 -36.54 -1.24 -13.93
CA SER B 199 -36.66 -0.03 -13.12
C SER B 199 -38.04 0.62 -13.30
N LEU B 200 -38.52 0.68 -14.54
CA LEU B 200 -39.82 1.26 -14.80
C LEU B 200 -40.92 0.50 -14.07
N LEU B 201 -40.90 -0.82 -14.17
CA LEU B 201 -41.93 -1.63 -13.51
C LEU B 201 -41.81 -1.56 -12.00
N TYR B 202 -40.59 -1.53 -11.47
CA TYR B 202 -40.37 -1.42 -10.03
C TYR B 202 -40.93 -0.10 -9.50
N THR B 203 -40.65 1.01 -10.19
CA THR B 203 -41.15 2.29 -9.73
C THR B 203 -42.67 2.37 -9.87
N ALA B 204 -43.22 1.82 -10.96
CA ALA B 204 -44.68 1.81 -11.10
C ALA B 204 -45.34 1.02 -9.98
N LEU B 205 -44.77 -0.14 -9.63
CA LEU B 205 -45.32 -0.93 -8.53
C LEU B 205 -45.20 -0.18 -7.20
N GLY B 206 -44.07 0.48 -6.96
CA GLY B 206 -43.92 1.25 -5.73
C GLY B 206 -44.92 2.38 -5.62
N ILE B 207 -45.13 3.11 -6.73
CA ILE B 207 -46.09 4.21 -6.74
C ILE B 207 -47.50 3.68 -6.51
N ALA B 208 -47.84 2.56 -7.16
CA ALA B 208 -49.16 1.97 -6.97
C ALA B 208 -49.36 1.51 -5.53
N GLY B 209 -48.32 0.96 -4.91
CA GLY B 209 -48.43 0.49 -3.54
C GLY B 209 -48.34 1.55 -2.48
N SER B 210 -47.87 2.75 -2.84
CA SER B 210 -47.82 3.84 -1.86
C SER B 210 -49.21 4.23 -1.39
N PHE B 211 -50.23 4.10 -2.24
CA PHE B 211 -51.59 4.54 -1.96
C PHE B 211 -52.33 3.66 -0.93
N TYR B 212 -51.64 2.71 -0.30
CA TYR B 212 -52.27 1.89 0.73
C TYR B 212 -52.76 2.75 1.89
N ILE B 213 -51.94 3.71 2.33
CA ILE B 213 -52.34 4.56 3.45
C ILE B 213 -53.49 5.47 3.07
N LYS B 214 -53.56 5.89 1.81
CA LYS B 214 -54.71 6.69 1.35
C LYS B 214 -55.98 5.85 1.33
N PHE B 215 -55.88 4.60 0.87
CA PHE B 215 -57.07 3.74 0.82
C PHE B 215 -57.50 3.32 2.22
N LEU B 216 -56.57 3.29 3.17
CA LEU B 216 -56.92 2.89 4.53
C LEU B 216 -57.79 3.92 5.22
N PHE B 217 -57.40 5.19 5.16
CA PHE B 217 -58.04 6.24 5.94
C PHE B 217 -59.27 6.82 5.26
N ASP B 218 -59.25 6.95 3.93
CA ASP B 218 -60.35 7.61 3.24
C ASP B 218 -61.59 6.72 3.17
N ASP B 219 -61.41 5.44 2.88
CA ASP B 219 -62.54 4.54 2.64
C ASP B 219 -62.63 3.41 3.65
N LEU B 220 -61.52 2.75 3.99
CA LEU B 220 -61.59 1.55 4.79
C LEU B 220 -61.85 1.85 6.26
N ILE B 221 -61.03 2.70 6.87
CA ILE B 221 -61.19 3.01 8.29
C ILE B 221 -62.48 3.80 8.53
N LYS B 222 -62.77 4.77 7.67
CA LYS B 222 -63.91 5.66 7.88
C LYS B 222 -65.23 4.89 7.81
N PHE B 223 -65.37 3.98 6.85
CA PHE B 223 -66.62 3.28 6.61
C PHE B 223 -66.70 1.93 7.31
N GLU B 224 -65.65 1.53 8.04
CA GLU B 224 -65.64 0.28 8.81
C GLU B 224 -65.87 -0.93 7.91
N LYS B 225 -64.94 -1.15 6.99
CA LYS B 225 -64.93 -2.32 6.12
C LYS B 225 -63.81 -3.26 6.54
N LEU B 226 -64.15 -4.53 6.73
CA LEU B 226 -63.20 -5.53 7.20
C LEU B 226 -62.75 -6.50 6.12
N ASN B 227 -63.69 -7.11 5.39
CA ASN B 227 -63.31 -8.01 4.30
C ASN B 227 -62.57 -7.27 3.21
N ASP B 228 -63.04 -6.07 2.86
CA ASP B 228 -62.32 -5.23 1.90
C ASP B 228 -60.94 -4.88 2.43
N LEU B 229 -60.83 -4.61 3.73
CA LEU B 229 -59.54 -4.34 4.33
C LEU B 229 -58.58 -5.51 4.13
N HIS B 230 -59.04 -6.73 4.43
CA HIS B 230 -58.18 -7.90 4.28
C HIS B 230 -57.77 -8.09 2.82
N ILE B 231 -58.73 -7.97 1.90
CA ILE B 231 -58.44 -8.20 0.48
C ILE B 231 -57.43 -7.17 -0.03
N ILE B 232 -57.64 -5.90 0.31
CA ILE B 232 -56.77 -4.84 -0.17
C ILE B 232 -55.37 -4.97 0.43
N SER B 233 -55.30 -5.34 1.72
CA SER B 233 -53.99 -5.55 2.33
C SER B 233 -53.24 -6.70 1.67
N ALA B 234 -53.93 -7.80 1.38
CA ALA B 234 -53.29 -8.90 0.68
C ALA B 234 -52.80 -8.48 -0.70
N GLY B 235 -53.62 -7.72 -1.42
CA GLY B 235 -53.21 -7.24 -2.73
C GLY B 235 -51.98 -6.37 -2.68
N PHE B 236 -51.92 -5.47 -1.70
CA PHE B 236 -50.77 -4.58 -1.60
C PHE B 236 -49.53 -5.34 -1.14
N ALA B 237 -49.68 -6.36 -0.30
CA ALA B 237 -48.56 -7.21 0.06
C ALA B 237 -48.01 -7.94 -1.17
N VAL B 238 -48.92 -8.43 -2.03
CA VAL B 238 -48.49 -9.09 -3.27
C VAL B 238 -47.76 -8.10 -4.17
N ILE B 239 -48.26 -6.86 -4.26
CA ILE B 239 -47.59 -5.84 -5.05
C ILE B 239 -46.18 -5.58 -4.52
N PHE B 240 -46.04 -5.49 -3.19
CA PHE B 240 -44.72 -5.25 -2.63
C PHE B 240 -43.77 -6.42 -2.89
N LEU B 241 -44.29 -7.65 -2.82
CA LEU B 241 -43.45 -8.81 -3.11
C LEU B 241 -42.98 -8.80 -4.56
N LEU B 242 -43.87 -8.42 -5.48
CA LEU B 242 -43.48 -8.27 -6.88
C LEU B 242 -42.40 -7.20 -7.02
N GLN B 243 -42.54 -6.10 -6.28
CA GLN B 243 -41.53 -5.04 -6.29
C GLN B 243 -40.18 -5.57 -5.84
N ILE B 244 -40.17 -6.37 -4.78
CA ILE B 244 -38.91 -6.91 -4.25
C ILE B 244 -38.27 -7.85 -5.25
N PHE B 245 -39.07 -8.72 -5.89
CA PHE B 245 -38.51 -9.63 -6.88
C PHE B 245 -37.93 -8.86 -8.07
N LEU B 246 -38.61 -7.80 -8.50
CA LEU B 246 -38.08 -6.97 -9.59
C LEU B 246 -36.78 -6.31 -9.19
N ASN B 247 -36.70 -5.82 -7.95
CA ASN B 247 -35.45 -5.22 -7.47
C ASN B 247 -34.32 -6.24 -7.44
N TYR B 248 -34.62 -7.47 -7.01
CA TYR B 248 -33.62 -8.54 -7.02
C TYR B 248 -33.09 -8.78 -8.42
N TYR B 249 -34.00 -8.93 -9.39
CA TYR B 249 -33.58 -9.17 -10.77
C TYR B 249 -32.73 -8.02 -11.30
N ARG B 250 -33.17 -6.78 -11.05
CA ARG B 250 -32.44 -5.62 -11.54
C ARG B 250 -31.06 -5.52 -10.92
N SER B 251 -30.95 -5.81 -9.61
CA SER B 251 -29.65 -5.76 -8.96
C SER B 251 -28.70 -6.81 -9.53
N ILE B 252 -29.21 -8.02 -9.79
CA ILE B 252 -28.36 -9.05 -10.39
C ILE B 252 -27.85 -8.60 -11.75
N LEU B 253 -28.76 -8.06 -12.57
CA LEU B 253 -28.36 -7.61 -13.90
C LEU B 253 -27.34 -6.48 -13.83
N VAL B 254 -27.54 -5.54 -12.91
CA VAL B 254 -26.61 -4.41 -12.77
C VAL B 254 -25.24 -4.89 -12.35
N THR B 255 -25.19 -5.83 -11.40
CA THR B 255 -23.89 -6.37 -10.98
C THR B 255 -23.19 -7.06 -12.14
N LYS B 256 -23.92 -7.86 -12.92
CA LYS B 256 -23.30 -8.55 -14.04
C LYS B 256 -22.75 -7.55 -15.06
N LEU B 257 -23.54 -6.52 -15.39
CA LEU B 257 -23.09 -5.53 -16.37
C LEU B 257 -21.86 -4.78 -15.88
N GLY B 258 -21.85 -4.39 -14.60
CA GLY B 258 -20.70 -3.70 -14.07
C GLY B 258 -19.45 -4.55 -14.09
N MET B 259 -19.57 -5.83 -13.71
CA MET B 259 -18.42 -6.71 -13.76
C MET B 259 -17.88 -6.84 -15.18
N SER B 260 -18.78 -7.02 -16.15
CA SER B 260 -18.35 -7.16 -17.54
C SER B 260 -17.63 -5.92 -18.03
N ILE B 261 -18.19 -4.73 -17.75
CA ILE B 261 -17.57 -3.49 -18.22
C ILE B 261 -16.21 -3.28 -17.57
N ASP B 262 -16.10 -3.53 -16.26
CA ASP B 262 -14.83 -3.34 -15.57
C ASP B 262 -13.78 -4.28 -16.15
N LYS B 263 -14.15 -5.55 -16.36
CA LYS B 263 -13.19 -6.50 -16.93
C LYS B 263 -12.75 -6.07 -18.32
N SER B 264 -13.68 -5.62 -19.15
CA SER B 264 -13.34 -5.19 -20.50
C SER B 264 -12.35 -4.03 -20.47
N ILE B 265 -12.62 -3.02 -19.63
CA ILE B 265 -11.74 -1.86 -19.56
C ILE B 265 -10.36 -2.25 -19.06
N MET B 266 -10.29 -3.07 -18.01
CA MET B 266 -9.01 -3.48 -17.47
C MET B 266 -8.21 -4.29 -18.48
N MET B 267 -8.86 -5.21 -19.19
CA MET B 267 -8.16 -6.00 -20.20
C MET B 267 -7.67 -5.13 -21.34
N GLU B 268 -8.48 -4.15 -21.77
CA GLU B 268 -8.05 -3.24 -22.82
C GLU B 268 -6.79 -2.48 -22.38
N TYR B 269 -6.83 -1.93 -21.17
CA TYR B 269 -5.67 -1.16 -20.68
C TYR B 269 -4.42 -2.03 -20.60
N TYR B 270 -4.54 -3.24 -20.06
CA TYR B 270 -3.37 -4.09 -19.91
C TYR B 270 -2.82 -4.52 -21.28
N SER B 271 -3.72 -4.86 -22.21
CA SER B 271 -3.28 -5.26 -23.55
C SER B 271 -2.57 -4.12 -24.26
N HIS B 272 -3.02 -2.87 -24.06
CA HIS B 272 -2.31 -1.75 -24.67
C HIS B 272 -1.00 -1.44 -23.95
N VAL B 273 -0.94 -1.66 -22.64
CA VAL B 273 0.29 -1.44 -21.90
C VAL B 273 1.37 -2.41 -22.34
N LEU B 274 1.02 -3.68 -22.53
CA LEU B 274 2.03 -4.66 -22.94
C LEU B 274 2.61 -4.37 -24.31
N LYS B 275 1.97 -3.51 -25.12
CA LYS B 275 2.43 -3.19 -26.46
C LYS B 275 3.27 -1.93 -26.53
N LEU B 276 3.40 -1.19 -25.43
CA LEU B 276 4.09 0.09 -25.44
C LEU B 276 5.60 -0.10 -25.53
N PRO B 277 6.31 0.90 -26.05
CA PRO B 277 7.77 0.80 -26.18
C PRO B 277 8.45 0.73 -24.82
N MET B 278 9.76 0.48 -24.88
CA MET B 278 10.53 0.31 -23.64
C MET B 278 10.76 1.63 -22.91
N ASN B 279 10.82 2.74 -23.65
CA ASN B 279 11.02 4.03 -23.00
C ASN B 279 9.83 4.44 -22.15
N PHE B 280 8.68 3.78 -22.31
CA PHE B 280 7.54 4.03 -21.44
C PHE B 280 7.69 3.35 -20.09
N PHE B 281 8.36 2.20 -20.05
CA PHE B 281 8.40 1.40 -18.82
C PHE B 281 9.47 1.92 -17.87
N ASN B 282 10.67 2.20 -18.37
CA ASN B 282 11.75 2.66 -17.50
C ASN B 282 11.57 4.11 -17.05
N SER B 283 10.64 4.84 -17.67
CA SER B 283 10.34 6.21 -17.27
C SER B 283 9.19 6.30 -16.29
N ARG B 284 8.64 5.17 -15.84
CA ARG B 284 7.51 5.16 -14.93
C ARG B 284 7.72 4.10 -13.86
N LYS B 285 7.14 4.35 -12.69
CA LYS B 285 7.21 3.40 -11.58
C LYS B 285 6.14 2.33 -11.75
N VAL B 286 6.29 1.25 -10.98
CA VAL B 286 5.34 0.14 -11.05
C VAL B 286 3.95 0.60 -10.62
N GLY B 287 3.88 1.34 -9.51
CA GLY B 287 2.60 1.84 -9.04
C GLY B 287 1.94 2.79 -10.02
N GLU B 288 2.75 3.57 -10.74
CA GLU B 288 2.24 4.48 -11.77
C GLU B 288 1.47 3.73 -12.86
N ILE B 289 1.82 2.48 -13.11
CA ILE B 289 1.10 1.66 -14.08
C ILE B 289 0.01 0.82 -13.42
N ILE B 290 0.16 0.47 -12.15
CA ILE B 290 -0.82 -0.38 -11.49
C ILE B 290 -2.06 0.41 -11.07
N SER B 291 -1.91 1.70 -10.77
CA SER B 291 -3.05 2.50 -10.31
C SER B 291 -4.17 2.58 -11.34
N ARG B 292 -3.86 2.36 -12.62
CA ARG B 292 -4.89 2.45 -13.63
C ARG B 292 -5.93 1.34 -13.51
N PHE B 293 -5.65 0.27 -12.77
CA PHE B 293 -6.66 -0.77 -12.58
C PHE B 293 -7.79 -0.26 -11.69
N MET B 294 -7.47 0.36 -10.56
CA MET B 294 -8.50 1.00 -9.76
C MET B 294 -9.07 2.23 -10.45
N ASP B 295 -8.30 2.87 -11.34
CA ASP B 295 -8.88 3.91 -12.18
C ASP B 295 -9.98 3.33 -13.07
N ALA B 296 -9.74 2.15 -13.65
CA ALA B 296 -10.77 1.48 -14.45
C ALA B 296 -11.95 1.07 -13.58
N SER B 297 -11.68 0.66 -12.35
CA SER B 297 -12.77 0.35 -11.41
C SER B 297 -13.64 1.57 -11.17
N LYS B 298 -13.03 2.73 -10.99
CA LYS B 298 -13.81 3.97 -10.85
C LYS B 298 -14.58 4.28 -12.12
N ILE B 299 -13.97 4.04 -13.28
CA ILE B 299 -14.67 4.26 -14.55
C ILE B 299 -15.91 3.38 -14.62
N ARG B 300 -15.79 2.12 -14.21
CA ARG B 300 -16.95 1.23 -14.17
C ARG B 300 -17.99 1.73 -13.18
N GLN B 301 -17.56 2.18 -12.01
CA GLN B 301 -18.49 2.74 -11.03
C GLN B 301 -19.26 3.90 -11.64
N ALA B 302 -18.63 4.66 -12.54
CA ALA B 302 -19.33 5.72 -13.24
C ALA B 302 -20.33 5.16 -14.25
N ILE B 303 -19.82 4.42 -15.24
CA ILE B 303 -20.65 4.04 -16.39
C ILE B 303 -21.78 3.12 -15.98
N SER B 304 -21.49 2.12 -15.13
CA SER B 304 -22.52 1.20 -14.69
C SER B 304 -23.58 1.91 -13.86
N GLY B 305 -23.16 2.80 -12.97
CA GLY B 305 -24.10 3.47 -12.09
C GLY B 305 -24.69 4.75 -12.65
N ALA B 306 -23.83 5.72 -12.99
CA ALA B 306 -24.30 7.06 -13.31
C ALA B 306 -25.12 7.08 -14.60
N THR B 307 -24.66 6.39 -15.64
CA THR B 307 -25.36 6.44 -16.92
C THR B 307 -26.77 5.89 -16.81
N LEU B 308 -26.94 4.76 -16.11
CA LEU B 308 -28.27 4.21 -15.91
C LEU B 308 -29.11 5.09 -15.00
N THR B 309 -28.54 5.50 -13.86
CA THR B 309 -29.33 6.20 -12.87
C THR B 309 -29.75 7.59 -13.33
N ILE B 310 -29.02 8.20 -14.26
CA ILE B 310 -29.44 9.50 -14.77
C ILE B 310 -30.80 9.39 -15.44
N MET B 311 -30.93 8.45 -16.39
CA MET B 311 -32.21 8.26 -17.07
C MET B 311 -33.28 7.77 -16.10
N ILE B 312 -32.92 6.79 -15.26
CA ILE B 312 -33.90 6.21 -14.34
C ILE B 312 -34.47 7.29 -13.43
N ASP B 313 -33.59 8.07 -12.80
CA ASP B 313 -34.02 9.07 -11.85
C ASP B 313 -34.72 10.23 -12.53
N THR B 314 -34.30 10.64 -13.73
CA THR B 314 -35.00 11.74 -14.38
C THR B 314 -36.42 11.35 -14.77
N ILE B 315 -36.61 10.12 -15.28
CA ILE B 315 -37.97 9.72 -15.65
C ILE B 315 -38.83 9.48 -14.41
N MET B 316 -38.26 8.85 -13.38
CA MET B 316 -39.03 8.64 -12.15
C MET B 316 -39.37 9.97 -11.48
N ALA B 317 -38.45 10.94 -11.54
CA ALA B 317 -38.72 12.26 -10.98
C ALA B 317 -39.79 12.99 -11.76
N VAL B 318 -39.80 12.83 -13.08
CA VAL B 318 -40.88 13.42 -13.88
C VAL B 318 -42.22 12.84 -13.47
N ILE B 319 -42.28 11.51 -13.33
CA ILE B 319 -43.53 10.87 -12.91
C ILE B 319 -43.93 11.35 -11.52
N GLY B 320 -42.98 11.39 -10.59
CA GLY B 320 -43.28 11.80 -9.23
C GLY B 320 -43.74 13.24 -9.14
N GLY B 321 -43.09 14.14 -9.89
CA GLY B 321 -43.52 15.53 -9.90
C GLY B 321 -44.90 15.70 -10.49
N ILE B 322 -45.20 14.97 -11.56
CA ILE B 322 -46.54 15.02 -12.15
C ILE B 322 -47.58 14.56 -11.12
N LEU B 323 -47.29 13.46 -10.43
CA LEU B 323 -48.23 12.95 -9.43
C LEU B 323 -48.40 13.93 -8.28
N LEU B 324 -47.31 14.54 -7.82
CA LEU B 324 -47.40 15.50 -6.72
C LEU B 324 -48.21 16.72 -7.14
N TYR B 325 -48.01 17.21 -8.36
CA TYR B 325 -48.82 18.32 -8.84
C TYR B 325 -50.28 17.92 -8.97
N ILE B 326 -50.54 16.65 -9.31
CA ILE B 326 -51.93 16.17 -9.36
C ILE B 326 -52.55 16.20 -7.96
N GLN B 327 -51.81 15.74 -6.95
CA GLN B 327 -52.36 15.69 -5.60
C GLN B 327 -52.61 17.08 -5.04
N ASN B 328 -51.60 17.95 -5.10
CA ASN B 328 -51.73 19.30 -4.55
C ASN B 328 -50.53 20.13 -5.03
N SER B 329 -50.82 21.36 -5.48
CA SER B 329 -49.77 22.20 -6.05
C SER B 329 -48.86 22.79 -4.97
N SER B 330 -49.44 23.28 -3.87
CA SER B 330 -48.64 23.96 -2.85
C SER B 330 -47.65 23.02 -2.19
N LEU B 331 -48.09 21.81 -1.85
CA LEU B 331 -47.19 20.84 -1.24
C LEU B 331 -46.08 20.44 -2.21
N PHE B 332 -46.41 20.33 -3.50
CA PHE B 332 -45.39 20.04 -4.50
C PHE B 332 -44.36 21.17 -4.58
N PHE B 333 -44.83 22.42 -4.50
CA PHE B 333 -43.91 23.55 -4.51
C PHE B 333 -43.01 23.53 -3.28
N ILE B 334 -43.57 23.18 -2.12
CA ILE B 334 -42.75 23.05 -0.91
C ILE B 334 -41.68 21.98 -1.11
N SER B 335 -42.07 20.84 -1.70
CA SER B 335 -41.09 19.78 -1.96
C SER B 335 -40.00 20.25 -2.91
N PHE B 336 -40.37 21.00 -3.94
CA PHE B 336 -39.38 21.54 -4.87
C PHE B 336 -38.41 22.47 -4.17
N ILE B 337 -38.92 23.33 -3.30
CA ILE B 337 -38.05 24.22 -2.52
C ILE B 337 -37.11 23.41 -1.64
N ILE B 338 -37.63 22.36 -1.00
CA ILE B 338 -36.81 21.50 -0.14
C ILE B 338 -35.66 20.92 -0.94
N ILE B 339 -35.96 20.36 -2.10
CA ILE B 339 -34.91 19.69 -2.89
C ILE B 339 -33.92 20.71 -3.44
N LEU B 340 -34.38 21.92 -3.79
CA LEU B 340 -33.46 22.95 -4.26
C LEU B 340 -32.47 23.34 -3.16
N LEU B 341 -32.99 23.55 -1.95
CA LEU B 341 -32.10 23.88 -0.83
C LEU B 341 -31.13 22.75 -0.54
N TYR B 342 -31.62 21.51 -0.60
CA TYR B 342 -30.75 20.36 -0.37
C TYR B 342 -29.61 20.31 -1.38
N GLY B 343 -29.92 20.51 -2.65
CA GLY B 343 -28.88 20.47 -3.67
C GLY B 343 -27.86 21.58 -3.50
N ILE B 344 -28.34 22.80 -3.24
CA ILE B 344 -27.44 23.93 -3.04
C ILE B 344 -26.47 23.64 -1.90
N ILE B 345 -27.02 23.23 -0.75
CA ILE B 345 -26.17 22.94 0.40
C ILE B 345 -25.19 21.81 0.10
N VAL B 346 -25.67 20.79 -0.61
CA VAL B 346 -24.84 19.62 -0.89
C VAL B 346 -23.61 20.02 -1.70
N THR B 347 -23.80 20.79 -2.76
CA THR B 347 -22.64 21.20 -3.56
C THR B 347 -21.72 22.14 -2.79
N VAL B 348 -22.32 23.13 -2.10
CA VAL B 348 -21.55 24.15 -1.40
C VAL B 348 -20.64 23.51 -0.36
N PHE B 349 -21.13 22.49 0.34
CA PHE B 349 -20.28 21.77 1.29
C PHE B 349 -19.53 20.61 0.66
N ASN B 350 -19.84 20.25 -0.59
CA ASN B 350 -19.10 19.19 -1.27
C ASN B 350 -17.69 19.67 -1.64
N LYS B 351 -17.56 20.92 -2.07
CA LYS B 351 -16.23 21.41 -2.44
C LYS B 351 -15.23 21.39 -1.28
N PRO B 352 -15.46 22.08 -0.15
CA PRO B 352 -14.44 22.09 0.91
C PRO B 352 -14.24 20.74 1.55
N ILE B 353 -15.21 19.83 1.47
CA ILE B 353 -15.01 18.47 1.97
C ILE B 353 -13.90 17.79 1.17
N GLN B 354 -13.94 17.94 -0.15
CA GLN B 354 -12.86 17.41 -0.98
C GLN B 354 -11.52 18.04 -0.64
N ASN B 355 -11.52 19.38 -0.44
CA ASN B 355 -10.26 20.03 -0.08
C ASN B 355 -9.70 19.47 1.24
N ALA B 356 -10.56 19.33 2.24
CA ALA B 356 -10.11 18.83 3.54
C ALA B 356 -9.66 17.37 3.46
N ASN B 357 -10.32 16.57 2.62
CA ASN B 357 -9.88 15.20 2.43
C ASN B 357 -8.49 15.14 1.80
N ARG B 358 -8.23 16.02 0.84
CA ARG B 358 -6.88 16.09 0.28
C ARG B 358 -5.87 16.44 1.36
N GLN B 359 -6.20 17.43 2.20
CA GLN B 359 -5.26 17.85 3.24
C GLN B 359 -4.98 16.73 4.24
N ILE B 360 -6.02 16.02 4.68
CA ILE B 360 -5.81 14.95 5.65
C ILE B 360 -5.04 13.80 5.02
N MET B 361 -5.27 13.52 3.73
CA MET B 361 -4.47 12.49 3.06
C MET B 361 -2.99 12.87 3.03
N GLU B 362 -2.70 14.15 2.74
CA GLU B 362 -1.31 14.60 2.75
C GLU B 362 -0.68 14.44 4.13
N ASP B 363 -1.42 14.83 5.18
CA ASP B 363 -0.86 14.73 6.53
C ASP B 363 -0.64 13.29 6.94
N ASN B 364 -1.57 12.40 6.58
CA ASN B 364 -1.40 10.98 6.89
C ASN B 364 -0.20 10.41 6.15
N ALA B 365 0.01 10.81 4.89
CA ALA B 365 1.17 10.35 4.15
C ALA B 365 2.46 10.81 4.82
N LYS B 366 2.51 12.07 5.26
CA LYS B 366 3.69 12.57 5.95
C LYS B 366 3.94 11.79 7.25
N LEU B 367 2.89 11.52 8.01
CA LEU B 367 3.05 10.78 9.25
C LEU B 367 3.56 9.35 8.98
N THR B 368 3.03 8.71 7.94
CA THR B 368 3.50 7.37 7.60
C THR B 368 4.97 7.39 7.19
N SER B 369 5.37 8.41 6.42
CA SER B 369 6.78 8.51 6.03
C SER B 369 7.67 8.70 7.26
N ALA B 370 7.23 9.53 8.21
CA ALA B 370 8.00 9.72 9.44
C ALA B 370 8.11 8.42 10.23
N LEU B 371 7.02 7.67 10.30
CA LEU B 371 7.05 6.38 10.99
C LEU B 371 8.02 5.41 10.31
N VAL B 372 8.01 5.38 8.98
CA VAL B 372 8.92 4.51 8.25
C VAL B 372 10.37 4.89 8.53
N GLU B 373 10.66 6.19 8.49
CA GLU B 373 12.04 6.64 8.75
C GLU B 373 12.47 6.31 10.17
N SER B 374 11.56 6.44 11.14
CA SER B 374 11.93 6.17 12.52
C SER B 374 12.06 4.68 12.80
N VAL B 375 11.31 3.84 12.08
CA VAL B 375 11.35 2.41 12.34
C VAL B 375 12.51 1.73 11.61
N LYS B 376 12.72 2.03 10.33
CA LYS B 376 13.77 1.38 9.57
C LYS B 376 15.17 1.84 9.96
N GLY B 377 15.29 2.88 10.78
CA GLY B 377 16.58 3.31 11.27
C GLY B 377 16.64 3.25 12.78
N ILE B 378 16.03 2.22 13.36
CA ILE B 378 15.89 2.11 14.81
C ILE B 378 17.25 1.91 15.48
N GLU B 379 18.24 1.36 14.77
CA GLU B 379 19.54 1.07 15.40
C GLU B 379 20.21 2.35 15.89
N THR B 380 20.34 3.35 15.02
CA THR B 380 20.99 4.59 15.40
C THR B 380 20.19 5.33 16.47
N ILE B 381 18.86 5.29 16.37
CA ILE B 381 18.01 5.93 17.38
C ILE B 381 18.26 5.30 18.74
N LYS B 382 18.30 3.97 18.80
CA LYS B 382 18.49 3.30 20.07
C LYS B 382 19.89 3.52 20.62
N SER B 383 20.91 3.51 19.77
CA SER B 383 22.28 3.71 20.26
C SER B 383 22.63 5.20 20.33
N PHE B 384 21.71 5.99 20.90
CA PHE B 384 21.99 7.35 21.34
C PHE B 384 21.33 7.72 22.65
N GLY B 385 20.38 6.94 23.15
CA GLY B 385 19.56 7.38 24.26
C GLY B 385 18.50 8.40 23.89
N ALA B 386 18.23 8.57 22.59
CA ALA B 386 17.32 9.60 22.10
C ALA B 386 15.95 9.05 21.74
N GLU B 387 15.46 8.04 22.47
CA GLU B 387 14.12 7.54 22.23
C GLU B 387 13.06 8.57 22.60
N GLU B 388 13.32 9.36 23.65
CA GLU B 388 12.35 10.35 24.09
C GLU B 388 12.10 11.43 23.03
N GLN B 389 13.14 11.80 22.27
CA GLN B 389 12.96 12.81 21.24
C GLN B 389 12.04 12.32 20.12
N THR B 390 12.15 11.04 19.75
CA THR B 390 11.33 10.50 18.67
C THR B 390 9.86 10.46 19.05
N GLU B 391 9.56 10.19 20.32
CA GLU B 391 8.18 10.21 20.78
C GLU B 391 7.56 11.58 20.58
N LYS B 392 8.28 12.63 20.98
CA LYS B 392 7.78 13.99 20.80
C LYS B 392 7.66 14.35 19.33
N SER B 393 8.64 13.94 18.52
CA SER B 393 8.59 14.25 17.09
C SER B 393 7.39 13.60 16.41
N THR B 394 7.07 12.36 16.79
CA THR B 394 5.91 11.69 16.23
C THR B 394 4.60 12.23 16.80
N ARG B 395 4.60 12.66 18.06
CA ARG B 395 3.40 13.26 18.63
C ARG B 395 3.07 14.58 17.94
N ASP B 396 4.09 15.37 17.62
CA ASP B 396 3.87 16.63 16.93
C ASP B 396 3.30 16.46 15.53
N LYS B 397 3.37 15.25 14.96
CA LYS B 397 2.76 14.94 13.68
C LYS B 397 1.40 14.27 13.82
N ILE B 398 1.23 13.42 14.83
CA ILE B 398 -0.07 12.80 15.08
C ILE B 398 -1.08 13.85 15.50
N GLU B 399 -0.65 14.84 16.29
CA GLU B 399 -1.53 15.95 16.64
C GLU B 399 -1.93 16.76 15.41
N THR B 400 -0.99 16.94 14.48
CA THR B 400 -1.32 17.63 13.23
C THR B 400 -2.33 16.82 12.41
N VAL B 401 -2.16 15.50 12.37
CA VAL B 401 -3.13 14.65 11.68
C VAL B 401 -4.50 14.77 12.31
N MET B 402 -4.55 14.78 13.66
CA MET B 402 -5.83 14.92 14.35
C MET B 402 -6.47 16.29 14.06
N LYS B 403 -5.68 17.35 14.08
CA LYS B 403 -6.22 18.69 13.85
C LYS B 403 -6.61 18.89 12.39
N SER B 404 -6.05 18.11 11.46
CA SER B 404 -6.49 18.17 10.07
C SER B 404 -7.70 17.29 9.81
N SER B 405 -7.87 16.22 10.60
CA SER B 405 -9.08 15.42 10.52
C SER B 405 -10.27 16.12 11.16
N PHE B 406 -10.01 16.94 12.17
CA PHE B 406 -11.12 17.66 12.81
C PHE B 406 -11.75 18.67 11.86
N LYS B 407 -10.99 19.21 10.91
CA LYS B 407 -11.57 20.11 9.92
C LYS B 407 -12.58 19.38 9.05
N GLU B 408 -12.22 18.19 8.56
CA GLU B 408 -13.15 17.40 7.77
C GLU B 408 -14.34 16.97 8.60
N GLY B 409 -14.11 16.62 9.87
CA GLY B 409 -15.22 16.29 10.75
C GLY B 409 -16.17 17.45 10.94
N MET B 410 -15.63 18.66 11.12
CA MET B 410 -16.45 19.86 11.25
C MET B 410 -17.26 20.12 9.98
N LEU B 411 -16.63 19.96 8.82
CA LEU B 411 -17.35 20.16 7.56
C LEU B 411 -18.48 19.15 7.41
N TYR B 412 -18.20 17.88 7.72
CA TYR B 412 -19.24 16.85 7.64
C TYR B 412 -20.37 17.14 8.62
N ILE B 413 -20.03 17.58 9.83
CA ILE B 413 -21.05 17.86 10.84
C ILE B 413 -21.92 19.03 10.42
N ASN B 414 -21.30 20.10 9.90
CA ASN B 414 -22.07 21.24 9.43
C ASN B 414 -23.00 20.86 8.28
N LEU B 415 -22.48 20.08 7.31
CA LEU B 415 -23.31 19.65 6.20
C LEU B 415 -24.47 18.79 6.67
N SER B 416 -24.21 17.85 7.57
CA SER B 416 -25.27 16.99 8.07
C SER B 416 -26.31 17.77 8.85
N SER B 417 -25.87 18.74 9.67
CA SER B 417 -26.82 19.54 10.44
C SER B 417 -27.69 20.39 9.52
N LEU B 418 -27.10 21.03 8.52
CA LEU B 418 -27.89 21.84 7.61
C LEU B 418 -28.88 21.00 6.81
N THR B 419 -28.41 19.85 6.30
CA THR B 419 -29.31 18.97 5.54
C THR B 419 -30.43 18.43 6.42
N GLY B 420 -30.11 18.04 7.66
CA GLY B 420 -31.15 17.57 8.56
C GLY B 420 -32.15 18.64 8.90
N ILE B 421 -31.69 19.87 9.14
CA ILE B 421 -32.60 20.98 9.39
C ILE B 421 -33.54 21.14 8.20
N VAL B 422 -32.98 21.19 6.99
CA VAL B 422 -33.79 21.43 5.81
C VAL B 422 -34.83 20.32 5.64
N ALA B 423 -34.39 19.06 5.73
CA ALA B 423 -35.30 17.95 5.50
C ALA B 423 -36.39 17.87 6.56
N GLY B 424 -36.01 17.95 7.84
CA GLY B 424 -37.00 17.83 8.90
C GLY B 424 -37.98 18.99 8.92
N LEU B 425 -37.48 20.22 8.77
CA LEU B 425 -38.38 21.36 8.75
C LEU B 425 -39.27 21.34 7.53
N GLY B 426 -38.76 20.86 6.39
CA GLY B 426 -39.61 20.73 5.22
C GLY B 426 -40.70 19.70 5.40
N GLY B 427 -40.38 18.56 6.04
CA GLY B 427 -41.40 17.58 6.33
C GLY B 427 -42.45 18.10 7.27
N ILE B 428 -42.03 18.83 8.31
CA ILE B 428 -42.98 19.39 9.26
C ILE B 428 -43.86 20.43 8.57
N VAL B 429 -43.27 21.27 7.71
CA VAL B 429 -44.03 22.27 6.98
C VAL B 429 -45.00 21.61 6.00
N ILE B 430 -44.60 20.48 5.40
CA ILE B 430 -45.49 19.76 4.50
C ILE B 430 -46.69 19.21 5.26
N LEU B 431 -46.44 18.63 6.45
CA LEU B 431 -47.55 18.17 7.28
C LEU B 431 -48.46 19.33 7.67
N TRP B 432 -47.86 20.47 7.99
CA TRP B 432 -48.63 21.66 8.38
C TRP B 432 -49.52 22.13 7.23
N ALA B 433 -48.95 22.25 6.03
CA ALA B 433 -49.72 22.71 4.88
C ALA B 433 -50.79 21.69 4.49
N GLY B 434 -50.50 20.40 4.61
CA GLY B 434 -51.51 19.40 4.35
C GLY B 434 -52.66 19.47 5.33
N ALA B 435 -52.36 19.68 6.61
CA ALA B 435 -53.41 19.85 7.60
C ALA B 435 -54.25 21.09 7.28
N TYR B 436 -53.60 22.18 6.90
CA TYR B 436 -54.34 23.40 6.55
C TYR B 436 -55.23 23.17 5.34
N ASN B 437 -54.73 22.47 4.33
CA ASN B 437 -55.52 22.22 3.13
C ASN B 437 -56.70 21.30 3.43
N VAL B 438 -56.50 20.30 4.29
CA VAL B 438 -57.61 19.45 4.71
C VAL B 438 -58.65 20.26 5.46
N ILE B 439 -58.20 21.20 6.30
CA ILE B 439 -59.14 22.07 7.00
C ILE B 439 -59.94 22.90 6.00
N LYS B 440 -59.27 23.42 4.97
CA LYS B 440 -59.96 24.16 3.91
C LYS B 440 -60.61 23.24 2.88
N GLY B 441 -60.45 21.93 3.02
CA GLY B 441 -61.09 21.00 2.11
C GLY B 441 -60.58 21.02 0.68
N ASN B 442 -59.29 21.29 0.49
CA ASN B 442 -58.69 21.14 -0.83
C ASN B 442 -58.27 19.70 -1.11
N MET B 443 -57.90 18.95 -0.08
CA MET B 443 -57.65 17.53 -0.18
C MET B 443 -58.49 16.80 0.86
N SER B 444 -58.29 15.49 1.01
CA SER B 444 -59.17 14.69 1.87
C SER B 444 -58.36 13.64 2.64
N GLY B 445 -57.98 13.98 3.86
CA GLY B 445 -57.46 13.00 4.81
C GLY B 445 -56.24 12.23 4.35
N GLY B 446 -56.43 10.94 4.06
CA GLY B 446 -55.34 10.07 3.65
C GLY B 446 -54.61 10.51 2.40
N GLN B 447 -55.17 11.48 1.67
CA GLN B 447 -54.43 12.06 0.54
C GLN B 447 -53.12 12.69 1.01
N LEU B 448 -53.10 13.25 2.22
CA LEU B 448 -51.87 13.84 2.75
C LEU B 448 -50.82 12.76 3.02
N LEU B 449 -51.23 11.63 3.58
CA LEU B 449 -50.29 10.54 3.84
C LEU B 449 -49.79 9.93 2.54
N ALA B 450 -50.68 9.79 1.55
CA ALA B 450 -50.25 9.34 0.23
C ALA B 450 -49.28 10.32 -0.40
N PHE B 451 -49.51 11.61 -0.20
CA PHE B 451 -48.58 12.62 -0.70
C PHE B 451 -47.24 12.52 0.02
N ASN B 452 -47.25 12.19 1.31
CA ASN B 452 -45.99 11.97 2.02
C ASN B 452 -45.21 10.79 1.43
N ALA B 453 -45.92 9.69 1.14
CA ALA B 453 -45.27 8.53 0.55
C ALA B 453 -44.70 8.87 -0.83
N LEU B 454 -45.49 9.56 -1.66
CA LEU B 454 -44.98 9.99 -2.96
C LEU B 454 -43.87 11.02 -2.82
N LEU B 455 -43.89 11.81 -1.75
CA LEU B 455 -42.82 12.76 -1.49
C LEU B 455 -41.51 12.03 -1.24
N ALA B 456 -41.56 10.97 -0.44
CA ALA B 456 -40.36 10.15 -0.24
C ALA B 456 -39.91 9.54 -1.57
N TYR B 457 -40.87 8.97 -2.31
CA TYR B 457 -40.54 8.27 -3.55
C TYR B 457 -40.09 9.22 -4.66
N PHE B 458 -40.32 10.52 -4.49
CA PHE B 458 -39.88 11.52 -5.46
C PHE B 458 -38.62 12.25 -5.03
N LEU B 459 -38.41 12.41 -3.73
CA LEU B 459 -37.23 13.10 -3.22
C LEU B 459 -36.01 12.19 -3.16
N THR B 460 -36.19 10.91 -2.87
CA THR B 460 -35.04 10.00 -2.84
C THR B 460 -34.35 9.89 -4.19
N PRO B 461 -35.04 9.66 -5.32
CA PRO B 461 -34.33 9.64 -6.61
C PRO B 461 -33.64 10.95 -6.95
N VAL B 462 -34.26 12.09 -6.66
CA VAL B 462 -33.65 13.37 -7.03
C VAL B 462 -32.41 13.63 -6.18
N LYS B 463 -32.46 13.30 -4.89
CA LYS B 463 -31.26 13.47 -4.07
C LYS B 463 -30.18 12.48 -4.45
N ASN B 464 -30.56 11.27 -4.89
CA ASN B 464 -29.57 10.32 -5.39
C ASN B 464 -28.90 10.84 -6.66
N LEU B 465 -29.68 11.49 -7.53
CA LEU B 465 -29.09 12.12 -8.71
C LEU B 465 -28.21 13.30 -8.33
N ILE B 466 -28.60 14.07 -7.31
CA ILE B 466 -27.85 15.26 -6.94
C ILE B 466 -26.50 14.90 -6.33
N ASP B 467 -26.48 13.92 -5.43
CA ASP B 467 -25.22 13.59 -4.76
C ASP B 467 -24.40 12.62 -5.61
N LEU B 468 -24.21 12.97 -6.87
CA LEU B 468 -23.40 12.19 -7.81
C LEU B 468 -22.14 12.92 -8.26
N GLN B 469 -22.06 14.23 -8.00
CA GLN B 469 -20.93 15.05 -8.39
C GLN B 469 -19.59 14.50 -7.87
N PRO B 470 -19.50 14.07 -6.60
CA PRO B 470 -18.23 13.45 -6.17
C PRO B 470 -17.87 12.22 -6.99
N LEU B 471 -18.86 11.41 -7.39
CA LEU B 471 -18.56 10.21 -8.16
C LEU B 471 -18.16 10.57 -9.58
N ILE B 472 -18.90 11.49 -10.23
CA ILE B 472 -18.64 11.80 -11.62
C ILE B 472 -17.34 12.58 -11.79
N GLN B 473 -16.96 13.40 -10.82
CA GLN B 473 -15.72 14.17 -10.95
C GLN B 473 -14.50 13.26 -10.90
N THR B 474 -14.41 12.41 -9.88
CA THR B 474 -13.32 11.44 -9.82
C THR B 474 -13.41 10.45 -10.97
N ALA B 475 -14.62 10.21 -11.48
CA ALA B 475 -14.77 9.34 -12.63
C ALA B 475 -14.15 9.95 -13.87
N VAL B 476 -14.38 11.24 -14.11
CA VAL B 476 -13.76 11.93 -15.24
C VAL B 476 -12.25 11.96 -15.07
N VAL B 477 -11.79 12.20 -13.84
CA VAL B 477 -10.35 12.22 -13.57
C VAL B 477 -9.73 10.87 -13.93
N ALA B 478 -10.33 9.79 -13.45
CA ALA B 478 -9.80 8.45 -13.72
C ALA B 478 -9.90 8.11 -15.21
N SER B 479 -10.97 8.54 -15.87
CA SER B 479 -11.14 8.26 -17.29
C SER B 479 -10.04 8.94 -18.11
N ASN B 480 -9.77 10.21 -17.81
CA ASN B 480 -8.69 10.90 -18.50
C ASN B 480 -7.35 10.24 -18.19
N ARG B 481 -7.12 9.87 -16.93
CA ARG B 481 -5.85 9.27 -16.53
C ARG B 481 -5.60 7.96 -17.26
N LEU B 482 -6.64 7.14 -17.40
CA LEU B 482 -6.49 5.87 -18.10
C LEU B 482 -6.40 6.05 -19.61
N GLY B 483 -7.19 6.97 -20.17
CA GLY B 483 -7.18 7.16 -21.61
C GLY B 483 -5.99 7.90 -22.15
N GLU B 484 -5.21 8.56 -21.28
CA GLU B 484 -3.96 9.17 -21.74
C GLU B 484 -3.00 8.11 -22.27
N ILE B 485 -2.91 6.98 -21.59
CA ILE B 485 -1.97 5.92 -22.00
C ILE B 485 -2.44 5.28 -23.31
N LEU B 486 -3.74 5.10 -23.48
CA LEU B 486 -4.26 4.40 -24.65
C LEU B 486 -3.95 5.13 -25.96
N GLU B 487 -3.63 6.42 -25.89
CA GLU B 487 -3.26 7.17 -27.08
C GLU B 487 -1.78 7.06 -27.42
N LEU B 488 -0.97 6.48 -26.54
CA LEU B 488 0.46 6.37 -26.80
C LEU B 488 0.74 5.44 -27.97
N ALA B 489 1.75 5.79 -28.77
CA ALA B 489 2.10 4.99 -29.92
C ALA B 489 2.63 3.62 -29.50
N THR B 490 2.33 2.62 -30.32
CA THR B 490 2.76 1.25 -30.06
C THR B 490 4.06 0.95 -30.80
N GLU B 491 4.72 -0.13 -30.39
CA GLU B 491 5.98 -0.51 -31.01
C GLU B 491 5.82 -0.86 -32.47
N LYS B 492 4.76 -1.60 -32.81
CA LYS B 492 4.57 -2.06 -34.18
C LYS B 492 4.36 -0.90 -35.14
N GLU B 493 3.55 0.09 -34.75
CA GLU B 493 3.26 1.21 -35.63
C GLU B 493 4.38 2.23 -35.69
N LEU B 494 5.30 2.23 -34.71
CA LEU B 494 6.44 3.14 -34.75
C LEU B 494 7.46 2.71 -35.79
N ARG B 495 7.44 1.45 -36.22
CA ARG B 495 8.36 1.00 -37.25
C ARG B 495 8.01 1.64 -38.59
N GLU B 496 9.05 2.09 -39.31
CA GLU B 496 8.82 2.75 -40.59
C GLU B 496 8.35 1.77 -41.65
N ASP B 497 8.99 0.61 -41.76
CA ASP B 497 8.61 -0.40 -42.73
C ASP B 497 9.27 -1.71 -42.32
N SER B 498 8.81 -2.80 -42.94
CA SER B 498 9.34 -4.13 -42.69
C SER B 498 9.67 -4.82 -44.00
N ASP B 499 10.82 -5.47 -44.04
CA ASP B 499 11.23 -6.21 -45.25
C ASP B 499 10.54 -7.57 -45.28
N ASP B 500 10.47 -8.13 -46.49
CA ASP B 500 9.74 -9.38 -46.73
C ASP B 500 10.65 -10.56 -47.03
N PHE B 501 11.59 -10.42 -47.96
CA PHE B 501 12.40 -11.55 -48.40
C PHE B 501 13.44 -11.97 -47.37
N VAL B 502 13.66 -11.18 -46.32
CA VAL B 502 14.60 -11.56 -45.27
C VAL B 502 13.96 -12.62 -44.38
N ILE B 503 14.72 -13.67 -44.08
CA ILE B 503 14.20 -14.78 -43.28
C ILE B 503 15.03 -14.90 -42.01
N SER B 504 16.28 -14.46 -42.06
CA SER B 504 17.19 -14.58 -40.93
C SER B 504 18.14 -13.38 -40.91
N LEU B 505 18.75 -13.17 -39.75
CA LEU B 505 19.71 -12.09 -39.54
C LEU B 505 21.14 -12.51 -39.88
N LYS B 506 21.31 -13.48 -40.76
CA LYS B 506 22.65 -13.98 -41.10
C LYS B 506 23.40 -12.91 -41.89
N GLY B 507 24.32 -12.23 -41.22
CA GLY B 507 25.13 -11.21 -41.88
C GLY B 507 25.96 -10.38 -40.94
N ASP B 508 27.01 -9.76 -41.45
CA ASP B 508 27.93 -8.99 -40.62
C ASP B 508 27.20 -7.86 -39.90
N ILE B 509 27.51 -7.69 -38.62
CA ILE B 509 26.86 -6.70 -37.77
C ILE B 509 27.74 -5.45 -37.80
N GLU B 510 27.33 -4.43 -38.56
CA GLU B 510 28.11 -3.22 -38.72
C GLU B 510 27.50 -2.09 -37.90
N PHE B 511 28.35 -1.39 -37.15
CA PHE B 511 27.94 -0.29 -36.29
C PHE B 511 28.67 0.97 -36.75
N ARG B 512 27.92 1.87 -37.39
CA ARG B 512 28.45 3.17 -37.82
C ARG B 512 28.37 4.15 -36.64
N ASN B 513 28.57 5.43 -36.91
CA ASN B 513 28.58 6.44 -35.85
C ASN B 513 27.21 6.51 -35.18
N VAL B 514 27.11 5.97 -33.97
CA VAL B 514 25.85 5.82 -33.26
C VAL B 514 25.87 6.67 -32.00
N ASP B 515 24.76 7.37 -31.75
CA ASP B 515 24.57 8.16 -30.54
C ASP B 515 23.33 7.67 -29.81
N PHE B 516 23.44 7.57 -28.48
CA PHE B 516 22.30 7.17 -27.67
C PHE B 516 22.40 7.88 -26.32
N ARG B 517 21.25 8.32 -25.82
CA ARG B 517 21.17 8.96 -24.51
C ARG B 517 19.82 8.63 -23.88
N TYR B 518 19.85 8.21 -22.62
CA TYR B 518 18.63 7.85 -21.91
C TYR B 518 17.81 9.12 -21.67
N GLY B 519 16.75 9.29 -22.45
CA GLY B 519 15.95 10.51 -22.33
C GLY B 519 16.77 11.71 -22.74
N LEU B 520 16.83 12.71 -21.84
CA LEU B 520 17.62 13.91 -22.05
C LEU B 520 18.79 13.98 -21.07
N ARG B 521 19.26 12.83 -20.60
CA ARG B 521 20.34 12.76 -19.62
C ARG B 521 21.69 12.74 -20.35
N LYS B 522 22.74 12.41 -19.61
CA LYS B 522 24.09 12.44 -20.18
C LYS B 522 24.23 11.39 -21.29
N PRO B 523 25.01 11.69 -22.32
CA PRO B 523 25.21 10.72 -23.39
C PRO B 523 25.98 9.50 -22.91
N VAL B 524 25.68 8.35 -23.53
CA VAL B 524 26.35 7.10 -23.24
C VAL B 524 27.10 6.56 -24.45
N LEU B 525 26.49 6.61 -25.62
CA LEU B 525 27.10 6.15 -26.86
C LEU B 525 27.45 7.37 -27.70
N LYS B 526 28.73 7.48 -28.10
CA LYS B 526 29.20 8.67 -28.78
C LYS B 526 29.62 8.39 -30.23
N ASN B 527 30.65 7.58 -30.45
CA ASN B 527 31.16 7.33 -31.80
C ASN B 527 31.51 5.86 -31.97
N ILE B 528 30.66 4.96 -31.47
CA ILE B 528 31.00 3.54 -31.48
C ILE B 528 30.86 3.01 -32.90
N ASN B 529 31.96 2.49 -33.45
CA ASN B 529 31.98 1.90 -34.78
C ASN B 529 32.66 0.54 -34.69
N LEU B 530 32.02 -0.48 -35.26
CA LEU B 530 32.57 -1.83 -35.15
C LEU B 530 31.97 -2.72 -36.22
N THR B 531 32.48 -3.95 -36.30
CA THR B 531 31.99 -4.94 -37.24
C THR B 531 32.14 -6.32 -36.62
N ILE B 532 31.03 -7.02 -36.45
CA ILE B 532 30.99 -8.36 -35.87
C ILE B 532 30.82 -9.36 -37.01
N PRO B 533 31.77 -10.27 -37.22
CA PRO B 533 31.61 -11.30 -38.24
C PRO B 533 30.70 -12.43 -37.77
N LYS B 534 30.29 -13.25 -38.73
CA LYS B 534 29.34 -14.31 -38.47
C LYS B 534 30.05 -15.58 -38.03
N GLY B 535 29.47 -16.24 -37.02
CA GLY B 535 29.97 -17.53 -36.55
C GLY B 535 31.15 -17.46 -35.61
N LYS B 536 31.65 -16.28 -35.30
CA LYS B 536 32.82 -16.11 -34.45
C LYS B 536 32.38 -15.56 -33.10
N THR B 537 32.77 -16.23 -32.02
CA THR B 537 32.48 -15.75 -30.69
C THR B 537 33.23 -14.44 -30.43
N VAL B 538 32.55 -13.50 -29.77
CA VAL B 538 33.10 -12.18 -29.51
C VAL B 538 32.83 -11.81 -28.06
N ALA B 539 33.84 -11.32 -27.36
CA ALA B 539 33.70 -10.87 -25.99
C ALA B 539 33.97 -9.37 -25.91
N ILE B 540 33.04 -8.65 -25.29
CA ILE B 540 33.20 -7.23 -24.99
C ILE B 540 33.37 -7.10 -23.48
N VAL B 541 34.42 -6.40 -23.07
CA VAL B 541 34.78 -6.29 -21.66
C VAL B 541 34.83 -4.82 -21.27
N GLY B 542 34.35 -4.52 -20.07
CA GLY B 542 34.42 -3.17 -19.55
C GLY B 542 33.99 -3.17 -18.09
N GLU B 543 34.13 -1.99 -17.48
CA GLU B 543 33.74 -1.83 -16.08
C GLU B 543 32.28 -1.40 -15.97
N SER B 544 31.79 -1.38 -14.75
CA SER B 544 30.40 -1.00 -14.51
C SER B 544 30.17 0.46 -14.88
N GLY B 545 29.03 0.73 -15.52
CA GLY B 545 28.71 2.07 -15.96
C GLY B 545 29.33 2.49 -17.28
N SER B 546 30.02 1.58 -17.98
CA SER B 546 30.64 1.95 -19.23
C SER B 546 29.62 2.11 -20.35
N GLY B 547 28.51 1.40 -20.28
CA GLY B 547 27.51 1.45 -21.33
C GLY B 547 27.50 0.22 -22.21
N LYS B 548 27.65 -0.96 -21.60
CA LYS B 548 27.68 -2.22 -22.33
C LYS B 548 26.29 -2.85 -22.41
N THR B 549 25.57 -2.87 -21.29
CA THR B 549 24.21 -3.41 -21.29
C THR B 549 23.32 -2.61 -22.23
N THR B 550 23.47 -1.29 -22.24
CA THR B 550 22.71 -0.47 -23.19
C THR B 550 23.12 -0.77 -24.62
N LEU B 551 24.40 -1.07 -24.87
CA LEU B 551 24.84 -1.47 -26.21
C LEU B 551 24.13 -2.74 -26.64
N ALA B 552 24.05 -3.73 -25.75
CA ALA B 552 23.28 -4.93 -26.03
C ALA B 552 21.82 -4.59 -26.28
N LYS B 553 21.29 -3.59 -25.56
CA LYS B 553 19.90 -3.19 -25.74
C LYS B 553 19.65 -2.68 -27.15
N LEU B 554 20.50 -1.79 -27.63
CA LEU B 554 20.36 -1.30 -28.99
C LEU B 554 20.61 -2.43 -29.98
N LEU B 555 21.42 -3.41 -29.59
CA LEU B 555 21.74 -4.51 -30.50
C LEU B 555 20.50 -5.29 -30.92
N MET B 556 19.45 -5.26 -30.10
CA MET B 556 18.22 -6.02 -30.37
C MET B 556 17.00 -5.10 -30.38
N ASN B 557 17.20 -3.86 -30.88
CA ASN B 557 16.16 -2.89 -31.17
C ASN B 557 15.43 -2.35 -29.95
N PHE B 558 15.92 -2.61 -28.74
CA PHE B 558 15.43 -1.84 -27.60
C PHE B 558 15.97 -0.42 -27.70
N TYR B 559 15.06 0.56 -27.58
CA TYR B 559 15.37 1.95 -27.89
C TYR B 559 15.85 2.09 -29.33
N SER B 560 16.30 3.27 -29.71
CA SER B 560 16.80 3.49 -31.06
C SER B 560 17.99 4.43 -31.03
N PRO B 561 18.93 4.27 -31.95
CA PRO B 561 20.06 5.21 -32.04
C PRO B 561 19.62 6.51 -32.70
N GLU B 562 19.80 7.63 -31.98
CA GLU B 562 19.40 8.92 -32.52
C GLU B 562 20.24 9.32 -33.72
N LYS B 563 21.44 8.77 -33.86
CA LYS B 563 22.30 9.05 -35.00
C LYS B 563 22.89 7.74 -35.51
N GLY B 564 23.12 7.69 -36.82
CA GLY B 564 23.70 6.51 -37.43
C GLY B 564 22.68 5.40 -37.64
N ASP B 565 23.21 4.22 -37.98
CA ASP B 565 22.37 3.07 -38.27
C ASP B 565 23.12 1.81 -37.92
N ILE B 566 22.37 0.72 -37.74
CA ILE B 566 22.90 -0.60 -37.46
C ILE B 566 22.63 -1.47 -38.67
N LEU B 567 23.68 -2.02 -39.27
CA LEU B 567 23.56 -2.75 -40.54
C LEU B 567 23.72 -4.23 -40.29
N ILE B 568 22.80 -5.03 -40.84
CA ILE B 568 22.84 -6.48 -40.76
C ILE B 568 22.75 -7.02 -42.17
N ASN B 569 23.81 -7.68 -42.64
CA ASN B 569 23.86 -8.28 -43.98
C ASN B 569 23.53 -7.24 -45.05
N GLY B 570 23.99 -6.02 -44.84
CA GLY B 570 23.67 -4.92 -45.74
C GLY B 570 22.31 -4.32 -45.54
N HIS B 571 21.54 -4.78 -44.55
CA HIS B 571 20.19 -4.29 -44.30
C HIS B 571 20.14 -3.65 -42.92
N SER B 572 19.48 -2.49 -42.84
CA SER B 572 19.38 -1.78 -41.58
C SER B 572 18.41 -2.50 -40.64
N ILE B 573 18.67 -2.35 -39.33
CA ILE B 573 17.82 -2.96 -38.32
C ILE B 573 16.41 -2.38 -38.32
N LYS B 574 16.24 -1.15 -38.79
CA LYS B 574 14.93 -0.51 -38.79
C LYS B 574 14.08 -0.90 -39.99
N ASN B 575 14.66 -1.49 -41.04
CA ASN B 575 13.92 -1.87 -42.23
C ASN B 575 13.50 -3.33 -42.25
N ILE B 576 13.74 -4.07 -41.18
CA ILE B 576 13.37 -5.47 -41.11
C ILE B 576 12.25 -5.63 -40.07
N SER B 577 11.63 -6.81 -40.08
CA SER B 577 10.49 -7.07 -39.20
C SER B 577 10.91 -6.99 -37.74
N LEU B 578 10.11 -6.28 -36.95
CA LEU B 578 10.40 -6.14 -35.52
C LEU B 578 10.28 -7.46 -34.79
N GLU B 579 9.23 -8.24 -35.10
CA GLU B 579 9.06 -9.53 -34.44
C GLU B 579 10.14 -10.52 -34.86
N LEU B 580 10.69 -10.36 -36.07
CA LEU B 580 11.79 -11.21 -36.49
C LEU B 580 13.02 -10.99 -35.64
N ILE B 581 13.32 -9.72 -35.30
CA ILE B 581 14.48 -9.42 -34.47
C ILE B 581 14.32 -10.03 -33.09
N ARG B 582 13.14 -9.90 -32.49
CA ARG B 582 12.88 -10.48 -31.18
C ARG B 582 12.85 -12.00 -31.20
N LYS B 583 12.76 -12.61 -32.37
CA LYS B 583 12.70 -14.07 -32.48
C LYS B 583 14.06 -14.70 -32.79
N LYS B 584 14.94 -13.99 -33.51
CA LYS B 584 16.23 -14.54 -33.90
C LYS B 584 17.38 -14.02 -33.04
N ILE B 585 17.08 -13.32 -31.95
CA ILE B 585 18.11 -12.81 -31.04
C ILE B 585 17.74 -13.20 -29.62
N ALA B 586 18.64 -13.90 -28.95
CA ALA B 586 18.47 -14.26 -27.55
C ALA B 586 19.33 -13.36 -26.67
N PHE B 587 18.78 -12.97 -25.52
CA PHE B 587 19.42 -12.00 -24.65
C PHE B 587 19.29 -12.48 -23.21
N VAL B 588 20.41 -12.48 -22.48
CA VAL B 588 20.42 -12.86 -21.07
C VAL B 588 21.22 -11.82 -20.31
N SER B 589 20.58 -11.15 -19.35
CA SER B 589 21.16 -10.05 -18.61
C SER B 589 21.72 -10.54 -17.28
N GLN B 590 22.11 -9.59 -16.42
CA GLN B 590 22.61 -9.89 -15.09
C GLN B 590 21.52 -9.97 -14.04
N ASP B 591 20.28 -9.64 -14.39
CA ASP B 591 19.19 -9.65 -13.43
C ASP B 591 18.09 -10.59 -13.88
N VAL B 592 18.47 -11.80 -14.31
CA VAL B 592 17.49 -12.75 -14.83
C VAL B 592 16.51 -13.16 -13.73
N PHE B 593 15.35 -13.67 -14.16
CA PHE B 593 14.29 -14.04 -13.25
C PHE B 593 13.46 -15.15 -13.88
N ILE B 594 12.74 -15.87 -13.02
CA ILE B 594 11.82 -16.93 -13.44
C ILE B 594 10.42 -16.56 -12.98
N PHE B 595 9.47 -16.55 -13.91
CA PHE B 595 8.10 -16.24 -13.58
C PHE B 595 7.47 -17.34 -12.72
N SER B 596 6.46 -16.96 -11.93
CA SER B 596 5.77 -17.88 -11.05
C SER B 596 4.87 -18.79 -11.90
N GLY B 597 5.49 -19.83 -12.45
CA GLY B 597 4.77 -20.77 -13.29
C GLY B 597 5.56 -22.04 -13.45
N THR B 598 5.03 -22.93 -14.28
CA THR B 598 5.68 -24.22 -14.52
C THR B 598 6.99 -24.03 -15.30
N VAL B 599 7.90 -24.97 -15.11
CA VAL B 599 9.21 -24.89 -15.75
C VAL B 599 9.10 -25.07 -17.25
N LYS B 600 8.11 -25.85 -17.71
CA LYS B 600 7.93 -26.02 -19.15
C LYS B 600 7.57 -24.69 -19.81
N GLU B 601 6.74 -23.89 -19.16
CA GLU B 601 6.46 -22.55 -19.66
C GLU B 601 7.71 -21.67 -19.63
N ASN B 602 8.53 -21.82 -18.59
CA ASN B 602 9.74 -21.02 -18.49
C ASN B 602 10.71 -21.32 -19.63
N LEU B 603 10.87 -22.60 -19.98
CA LEU B 603 11.80 -22.98 -21.03
C LEU B 603 11.24 -22.74 -22.42
N CYS B 604 9.94 -22.54 -22.55
CA CYS B 604 9.27 -22.23 -23.81
C CYS B 604 8.45 -20.96 -23.66
N LEU B 605 9.09 -19.91 -23.11
CA LEU B 605 8.38 -18.68 -22.81
C LEU B 605 7.80 -18.05 -24.06
N GLY B 606 8.58 -18.01 -25.15
CA GLY B 606 8.13 -17.39 -26.37
C GLY B 606 7.66 -18.36 -27.43
N ASN B 607 7.84 -19.65 -27.19
CA ASN B 607 7.49 -20.69 -28.15
C ASN B 607 6.34 -21.53 -27.60
N GLU B 608 5.35 -21.79 -28.46
CA GLU B 608 4.15 -22.52 -28.06
C GLU B 608 4.06 -23.93 -28.61
N ASN B 609 4.87 -24.29 -29.61
CA ASN B 609 4.83 -25.60 -30.24
C ASN B 609 6.24 -26.18 -30.25
N VAL B 610 6.60 -26.88 -29.17
CA VAL B 610 7.89 -27.55 -29.06
C VAL B 610 7.66 -28.97 -28.58
N ASP B 611 8.66 -29.82 -28.79
CA ASP B 611 8.65 -31.20 -28.33
C ASP B 611 9.80 -31.37 -27.34
N MET B 612 9.62 -32.31 -26.40
CA MET B 612 10.49 -32.41 -25.23
C MET B 612 11.93 -32.78 -25.56
N ASP B 613 12.22 -33.26 -26.78
CA ASP B 613 13.58 -33.70 -27.08
C ASP B 613 14.57 -32.54 -27.00
N GLU B 614 14.27 -31.43 -27.68
CA GLU B 614 15.16 -30.27 -27.61
C GLU B 614 15.18 -29.66 -26.21
N ILE B 615 14.06 -29.75 -25.47
CA ILE B 615 14.03 -29.26 -24.10
C ILE B 615 15.04 -30.03 -23.25
N ILE B 616 15.02 -31.36 -23.34
CA ILE B 616 15.94 -32.18 -22.58
C ILE B 616 17.38 -31.93 -23.03
N LYS B 617 17.58 -31.79 -24.35
CA LYS B 617 18.93 -31.53 -24.86
C LYS B 617 19.48 -30.23 -24.31
N ALA B 618 18.68 -29.16 -24.32
CA ALA B 618 19.13 -27.88 -23.80
C ALA B 618 19.34 -27.92 -22.30
N ALA B 619 18.48 -28.66 -21.58
CA ALA B 619 18.70 -28.82 -20.15
C ALA B 619 20.04 -29.49 -19.87
N LYS B 620 20.37 -30.53 -20.64
CA LYS B 620 21.70 -31.12 -20.54
C LYS B 620 22.76 -30.18 -21.11
N MET B 621 22.42 -29.44 -22.17
CA MET B 621 23.40 -28.58 -22.83
C MET B 621 23.86 -27.46 -21.90
N ALA B 622 22.93 -26.84 -21.19
CA ALA B 622 23.22 -25.67 -20.37
C ALA B 622 23.46 -26.01 -18.91
N ASN B 623 23.68 -27.28 -18.58
CA ASN B 623 23.92 -27.73 -17.21
C ASN B 623 22.74 -27.37 -16.31
N ALA B 624 21.56 -27.85 -16.71
CA ALA B 624 20.34 -27.63 -15.93
C ALA B 624 19.50 -28.88 -15.75
N HIS B 625 19.73 -29.95 -16.51
CA HIS B 625 18.96 -31.18 -16.31
C HIS B 625 19.25 -31.81 -14.95
N ASP B 626 20.51 -31.79 -14.52
CA ASP B 626 20.85 -32.33 -13.21
C ASP B 626 20.21 -31.53 -12.10
N PHE B 627 20.17 -30.19 -12.25
CA PHE B 627 19.54 -29.36 -11.24
C PHE B 627 18.06 -29.66 -11.10
N ILE B 628 17.36 -29.82 -12.24
CA ILE B 628 15.94 -30.12 -12.20
C ILE B 628 15.68 -31.51 -11.64
N GLU B 629 16.50 -32.48 -12.04
CA GLU B 629 16.36 -33.83 -11.49
C GLU B 629 16.63 -33.85 -10.00
N LYS B 630 17.64 -33.10 -9.54
CA LYS B 630 17.88 -32.97 -8.11
C LYS B 630 16.72 -32.27 -7.42
N LEU B 631 16.11 -31.29 -8.10
CA LEU B 631 14.94 -30.63 -7.56
C LEU B 631 13.77 -31.61 -7.46
N PRO B 632 12.89 -31.43 -6.47
CA PRO B 632 11.77 -32.36 -6.31
C PRO B 632 10.81 -32.27 -7.49
N LEU B 633 9.86 -33.20 -7.49
CA LEU B 633 8.82 -33.32 -8.53
C LEU B 633 9.53 -33.60 -9.86
N LYS B 634 9.08 -33.01 -10.95
CA LYS B 634 9.59 -33.29 -12.30
C LYS B 634 9.49 -32.01 -13.11
N TYR B 635 9.53 -32.13 -14.43
CA TYR B 635 9.47 -30.96 -15.31
C TYR B 635 8.06 -30.39 -15.37
N ASP B 636 7.50 -30.08 -14.19
CA ASP B 636 6.16 -29.52 -14.09
C ASP B 636 6.11 -28.45 -13.01
N GLU B 648 20.51 -18.02 -7.03
CA GLU B 648 20.56 -17.19 -8.23
C GLU B 648 21.18 -17.97 -9.39
N GLY B 649 22.08 -18.90 -9.07
CA GLY B 649 22.71 -19.70 -10.09
C GLY B 649 21.72 -20.55 -10.87
N GLN B 650 20.70 -21.08 -10.18
CA GLN B 650 19.66 -21.84 -10.85
C GLN B 650 18.89 -20.98 -11.83
N LYS B 651 18.51 -19.77 -11.41
CA LYS B 651 17.82 -18.86 -12.31
C LYS B 651 18.69 -18.51 -13.51
N GLN B 652 19.98 -18.28 -13.28
CA GLN B 652 20.88 -17.93 -14.37
C GLN B 652 21.01 -19.05 -15.38
N ARG B 653 21.28 -20.27 -14.89
CA ARG B 653 21.43 -21.40 -15.82
C ARG B 653 20.13 -21.66 -16.57
N LEU B 654 18.98 -21.48 -15.90
CA LEU B 654 17.70 -21.53 -16.60
C LEU B 654 17.63 -20.49 -17.70
N ALA B 655 18.18 -19.30 -17.44
CA ALA B 655 18.16 -18.23 -18.44
C ALA B 655 18.97 -18.61 -19.68
N ILE B 656 20.20 -19.10 -19.50
CA ILE B 656 20.94 -19.51 -20.69
C ILE B 656 20.27 -20.71 -21.35
N ALA B 657 19.66 -21.59 -20.56
CA ALA B 657 18.97 -22.74 -21.15
C ALA B 657 17.85 -22.30 -22.07
N ARG B 658 17.00 -21.37 -21.63
CA ARG B 658 15.90 -20.92 -22.48
C ARG B 658 16.43 -20.10 -23.66
N ALA B 659 17.49 -19.31 -23.45
CA ALA B 659 18.06 -18.53 -24.53
C ALA B 659 18.58 -19.44 -25.64
N LEU B 660 19.26 -20.53 -25.26
CA LEU B 660 19.76 -21.45 -26.27
C LEU B 660 18.62 -22.26 -26.89
N LEU B 661 17.59 -22.57 -26.10
CA LEU B 661 16.39 -23.23 -26.61
C LEU B 661 15.75 -22.38 -27.71
N LYS B 662 15.83 -21.07 -27.57
CA LYS B 662 15.33 -20.17 -28.61
C LYS B 662 15.98 -20.46 -29.95
N LYS B 663 17.24 -20.95 -29.91
CA LYS B 663 18.03 -21.27 -31.10
C LYS B 663 18.13 -20.06 -32.02
N PRO B 664 18.79 -18.99 -31.59
CA PRO B 664 18.81 -17.76 -32.40
C PRO B 664 19.97 -17.71 -33.37
N ASP B 665 20.07 -16.60 -34.12
CA ASP B 665 21.26 -16.32 -34.90
C ASP B 665 22.26 -15.47 -34.12
N ILE B 666 21.80 -14.69 -33.15
CA ILE B 666 22.65 -13.90 -32.27
C ILE B 666 22.28 -14.24 -30.83
N LEU B 667 23.28 -14.52 -30.01
CA LEU B 667 23.08 -14.94 -28.63
C LEU B 667 23.96 -14.05 -27.75
N ILE B 668 23.33 -13.24 -26.91
CA ILE B 668 24.00 -12.21 -26.13
C ILE B 668 23.89 -12.55 -24.64
N LEU B 669 25.03 -12.54 -23.96
CA LEU B 669 25.08 -12.79 -22.51
C LEU B 669 25.86 -11.66 -21.87
N ASP B 670 25.17 -10.77 -21.15
CA ASP B 670 25.81 -9.68 -20.43
C ASP B 670 25.83 -10.01 -18.94
N GLU B 671 27.04 -10.24 -18.41
CA GLU B 671 27.25 -10.54 -17.00
C GLU B 671 26.40 -11.74 -16.56
N ALA B 672 26.71 -12.89 -17.17
CA ALA B 672 25.98 -14.13 -16.91
C ALA B 672 26.87 -15.24 -16.38
N THR B 673 28.00 -15.51 -17.02
CA THR B 673 28.84 -16.63 -16.63
C THR B 673 29.61 -16.38 -15.34
N SER B 674 29.70 -15.13 -14.87
CA SER B 674 30.51 -14.83 -13.70
C SER B 674 29.87 -15.31 -12.40
N ASN B 675 28.61 -15.72 -12.44
CA ASN B 675 27.88 -16.14 -11.24
C ASN B 675 27.81 -17.65 -11.09
N LEU B 676 28.59 -18.39 -11.88
CA LEU B 676 28.60 -19.85 -11.81
C LEU B 676 29.90 -20.34 -11.17
N ASP B 677 29.93 -21.63 -10.85
CA ASP B 677 31.13 -22.24 -10.31
C ASP B 677 32.11 -22.56 -11.43
N SER B 678 33.34 -22.91 -11.04
CA SER B 678 34.40 -23.12 -12.01
C SER B 678 34.08 -24.26 -12.96
N ILE B 679 33.57 -25.37 -12.42
CA ILE B 679 33.19 -26.50 -13.27
C ILE B 679 32.08 -26.09 -14.23
N THR B 680 31.03 -25.44 -13.70
CA THR B 680 29.97 -24.93 -14.55
C THR B 680 30.50 -23.87 -15.51
N GLU B 681 31.44 -23.04 -15.04
CA GLU B 681 32.02 -22.02 -15.90
C GLU B 681 32.66 -22.64 -17.14
N ASN B 682 33.54 -23.62 -16.95
CA ASN B 682 34.21 -24.19 -18.11
C ASN B 682 33.26 -25.03 -18.94
N HIS B 683 32.28 -25.70 -18.30
CA HIS B 683 31.30 -26.45 -19.08
C HIS B 683 30.49 -25.54 -19.98
N ILE B 684 30.02 -24.41 -19.46
CA ILE B 684 29.28 -23.45 -20.26
C ILE B 684 30.18 -22.87 -21.34
N LYS B 685 31.44 -22.62 -21.01
CA LYS B 685 32.37 -22.06 -21.99
C LYS B 685 32.52 -22.98 -23.19
N ASP B 686 32.82 -24.26 -22.95
CA ASP B 686 33.01 -25.18 -24.07
C ASP B 686 31.69 -25.52 -24.74
N ALA B 687 30.56 -25.41 -24.03
CA ALA B 687 29.27 -25.67 -24.64
C ALA B 687 28.87 -24.58 -25.61
N ILE B 688 29.04 -23.31 -25.19
CA ILE B 688 28.73 -22.19 -26.06
C ILE B 688 29.79 -22.00 -27.14
N TYR B 689 30.99 -22.54 -26.93
CA TYR B 689 32.00 -22.51 -27.98
C TYR B 689 31.67 -23.49 -29.09
N GLY B 690 31.13 -24.65 -28.73
CA GLY B 690 30.75 -25.66 -29.70
C GLY B 690 29.29 -25.56 -30.12
N LEU B 691 28.91 -24.42 -30.70
CA LEU B 691 27.56 -24.21 -31.19
C LEU B 691 27.57 -24.25 -32.72
N GLU B 692 26.65 -25.03 -33.29
CA GLU B 692 26.59 -25.22 -34.73
C GLU B 692 25.65 -24.19 -35.35
N ASP B 693 25.31 -24.39 -36.63
CA ASP B 693 24.36 -23.56 -37.37
C ASP B 693 24.84 -22.13 -37.55
N ASP B 694 26.14 -21.87 -37.34
CA ASP B 694 26.75 -20.56 -37.57
C ASP B 694 26.04 -19.48 -36.76
N VAL B 695 26.11 -19.62 -35.44
CA VAL B 695 25.42 -18.74 -34.50
C VAL B 695 26.42 -17.73 -33.97
N THR B 696 26.13 -16.45 -34.16
CA THR B 696 26.95 -15.40 -33.59
C THR B 696 26.72 -15.32 -32.08
N VAL B 697 27.80 -15.29 -31.31
CA VAL B 697 27.74 -15.33 -29.86
C VAL B 697 28.54 -14.16 -29.30
N ILE B 698 27.92 -13.41 -28.40
CA ILE B 698 28.55 -12.24 -27.78
C ILE B 698 28.45 -12.41 -26.26
N ILE B 699 29.60 -12.35 -25.59
CA ILE B 699 29.68 -12.35 -24.13
C ILE B 699 30.25 -11.00 -23.70
N ILE B 700 29.49 -10.28 -22.89
CA ILE B 700 29.96 -9.04 -22.26
C ILE B 700 30.29 -9.38 -20.81
N ALA B 701 31.53 -9.10 -20.42
CA ALA B 701 32.04 -9.52 -19.12
C ALA B 701 32.79 -8.37 -18.46
N HIS B 702 32.87 -8.44 -17.13
CA HIS B 702 33.61 -7.47 -16.34
C HIS B 702 34.93 -8.02 -15.80
N ARG B 703 35.16 -9.33 -15.86
CA ARG B 703 36.42 -9.95 -15.46
C ARG B 703 37.11 -10.47 -16.71
N LEU B 704 38.35 -10.01 -16.93
CA LEU B 704 39.13 -10.48 -18.07
C LEU B 704 39.43 -11.97 -17.99
N SER B 705 39.81 -12.45 -16.81
CA SER B 705 40.24 -13.84 -16.67
C SER B 705 39.12 -14.84 -16.90
N THR B 706 37.86 -14.40 -16.78
CA THR B 706 36.75 -15.33 -16.96
C THR B 706 36.66 -15.85 -18.39
N ILE B 707 36.85 -14.96 -19.37
CA ILE B 707 36.70 -15.30 -20.78
C ILE B 707 37.97 -14.91 -21.52
N VAL B 708 38.60 -15.89 -22.17
CA VAL B 708 39.89 -15.67 -22.83
C VAL B 708 39.92 -16.13 -24.28
N ASN B 709 39.07 -17.08 -24.71
CA ASN B 709 39.30 -17.83 -25.94
C ASN B 709 38.42 -17.39 -27.10
N CYS B 710 38.19 -16.09 -27.26
CA CYS B 710 37.42 -15.61 -28.40
C CYS B 710 38.34 -15.14 -29.53
N ASP B 711 37.74 -14.99 -30.71
CA ASP B 711 38.51 -14.59 -31.88
C ASP B 711 38.88 -13.11 -31.83
N LYS B 712 37.95 -12.25 -31.40
CA LYS B 712 38.18 -10.82 -31.35
C LYS B 712 37.57 -10.25 -30.08
N ILE B 713 38.29 -9.34 -29.43
CA ILE B 713 37.89 -8.77 -28.15
C ILE B 713 37.68 -7.28 -28.33
N TYR B 714 36.55 -6.77 -27.84
CA TYR B 714 36.27 -5.34 -27.83
C TYR B 714 36.34 -4.81 -26.40
N LEU B 715 36.89 -3.61 -26.25
CA LEU B 715 37.02 -2.96 -24.95
C LEU B 715 36.44 -1.55 -25.02
N LEU B 716 35.60 -1.23 -24.04
CA LEU B 716 34.98 0.09 -23.94
C LEU B 716 35.26 0.65 -22.56
N LYS B 717 35.90 1.83 -22.52
CA LYS B 717 36.28 2.45 -21.25
C LYS B 717 35.33 3.56 -20.83
N ASP B 718 35.20 4.60 -21.67
CA ASP B 718 34.33 5.74 -21.37
C ASP B 718 33.48 6.03 -22.60
N GLY B 719 32.38 5.30 -22.73
CA GLY B 719 31.43 5.52 -23.81
C GLY B 719 32.01 5.34 -25.21
N GLU B 720 33.18 4.75 -25.31
CA GLU B 720 33.85 4.59 -26.59
C GLU B 720 34.86 3.44 -26.49
N ILE B 721 35.21 2.90 -27.66
CA ILE B 721 36.20 1.83 -27.74
C ILE B 721 37.58 2.44 -27.90
N VAL B 722 38.57 1.83 -27.24
CA VAL B 722 39.95 2.27 -27.32
C VAL B 722 40.82 1.25 -28.03
N GLU B 723 40.59 -0.04 -27.80
CA GLU B 723 41.34 -1.10 -28.43
C GLU B 723 40.39 -2.19 -28.92
N SER B 724 40.82 -2.91 -29.95
CA SER B 724 40.02 -3.98 -30.54
C SER B 724 40.95 -4.99 -31.19
N GLY B 725 40.82 -6.24 -30.80
CA GLY B 725 41.65 -7.29 -31.37
C GLY B 725 41.67 -8.51 -30.48
N SER B 726 42.37 -9.53 -30.95
CA SER B 726 42.50 -10.76 -30.20
C SER B 726 43.36 -10.55 -28.96
N HIS B 727 43.23 -11.46 -28.00
CA HIS B 727 43.98 -11.34 -26.76
C HIS B 727 45.49 -11.39 -27.02
N THR B 728 45.93 -12.24 -27.95
CA THR B 728 47.35 -12.29 -28.29
C THR B 728 47.82 -10.96 -28.86
N GLU B 729 47.01 -10.34 -29.72
CA GLU B 729 47.38 -9.02 -30.24
C GLU B 729 47.20 -7.93 -29.19
N LEU B 730 46.23 -8.10 -28.28
CA LEU B 730 46.02 -7.10 -27.25
C LEU B 730 47.20 -7.01 -26.30
N ILE B 731 47.80 -8.15 -25.95
CA ILE B 731 48.98 -8.14 -25.09
C ILE B 731 50.14 -7.45 -25.78
N ALA B 732 50.37 -7.77 -27.06
CA ALA B 732 51.47 -7.16 -27.79
C ALA B 732 51.24 -5.67 -28.00
N LEU B 733 50.02 -5.29 -28.37
CA LEU B 733 49.70 -3.89 -28.64
C LEU B 733 49.49 -3.19 -27.29
N LYS B 734 50.47 -2.40 -26.88
CA LYS B 734 50.39 -1.70 -25.61
C LYS B 734 49.23 -0.71 -25.63
N GLY B 735 48.48 -0.67 -24.53
CA GLY B 735 47.33 0.20 -24.46
C GLY B 735 46.67 0.08 -23.10
N CYS B 736 45.47 0.67 -22.99
CA CYS B 736 44.73 0.59 -21.74
C CYS B 736 44.37 -0.84 -21.39
N TYR B 737 44.06 -1.67 -22.39
CA TYR B 737 43.69 -3.06 -22.12
C TYR B 737 44.80 -3.78 -21.39
N PHE B 738 46.06 -3.53 -21.77
CA PHE B 738 47.19 -4.11 -21.07
C PHE B 738 47.25 -3.63 -19.62
N LYS B 739 46.92 -2.36 -19.38
CA LYS B 739 46.91 -1.85 -18.01
C LYS B 739 45.88 -2.56 -17.16
N MET B 740 44.66 -2.74 -17.68
CA MET B 740 43.64 -3.47 -16.93
C MET B 740 44.00 -4.94 -16.76
N TRP B 741 44.62 -5.55 -17.77
CA TRP B 741 45.10 -6.92 -17.62
C TRP B 741 46.12 -7.03 -16.49
N LYS B 742 47.06 -6.08 -16.43
CA LYS B 742 48.06 -6.11 -15.36
C LYS B 742 47.43 -5.87 -14.00
N GLN B 743 46.49 -4.92 -13.91
CA GLN B 743 45.91 -4.59 -12.61
C GLN B 743 44.96 -5.67 -12.11
N THR B 744 44.37 -6.46 -13.01
CA THR B 744 43.47 -7.53 -12.61
C THR B 744 44.18 -8.80 -12.17
N GLU B 745 45.50 -8.87 -12.38
CA GLU B 745 46.27 -10.06 -11.98
C GLU B 745 47.24 -9.71 -10.86
PB ADP C . 28.26 -7.63 7.72
O1B ADP C . 29.67 -7.70 8.28
O2B ADP C . 28.21 -7.42 6.22
O3B ADP C . 27.32 -6.75 8.50
PA ADP C . 28.03 -9.96 9.26
O1A ADP C . 29.44 -10.47 9.13
O2A ADP C . 27.63 -9.15 10.47
O3A ADP C . 27.68 -9.11 7.93
O5' ADP C . 27.02 -11.21 9.13
C5' ADP C . 27.23 -12.40 9.90
C4' ADP C . 25.99 -13.27 9.79
O4' ADP C . 24.96 -12.75 10.65
C3' ADP C . 25.43 -13.31 8.38
O3' ADP C . 25.58 -14.61 7.82
C2' ADP C . 23.95 -12.97 8.50
O2' ADP C . 23.15 -14.06 8.04
C1' ADP C . 23.70 -12.75 9.99
N9 ADP C . 23.04 -11.43 10.19
C8 ADP C . 23.57 -10.23 9.87
N7 ADP C . 22.73 -9.22 10.17
C5 ADP C . 21.63 -9.77 10.71
C6 ADP C . 20.34 -9.27 11.25
N6 ADP C . 20.06 -7.94 11.28
N1 ADP C . 19.46 -10.18 11.72
C2 ADP C . 19.72 -11.49 11.70
N3 ADP C . 20.87 -12.02 11.22
C4 ADP C . 21.83 -11.23 10.72
MG MG D . 29.50 -5.55 8.08
PB ADP E . 27.23 -1.91 -17.90
O1B ADP E . 26.73 -2.68 -19.09
O2B ADP E . 28.73 -1.92 -17.72
O3B ADP E . 26.46 -2.15 -16.62
PA ADP E . 25.41 0.06 -18.69
O1A ADP E . 25.18 -0.41 -20.10
O2A ADP E . 24.46 -0.35 -17.59
O3A ADP E . 26.90 -0.37 -18.26
O5' ADP E . 25.50 1.67 -18.71
C5' ADP E . 24.38 2.42 -19.15
C4' ADP E . 24.42 3.83 -18.56
O4' ADP E . 23.18 4.48 -18.82
C3' ADP E . 24.62 3.80 -17.05
O3' ADP E . 25.85 4.44 -16.71
C2' ADP E . 23.46 4.55 -16.45
O2' ADP E . 23.93 5.69 -15.74
C1' ADP E . 22.59 4.99 -17.62
N9 ADP E . 21.24 4.39 -17.47
C8 ADP E . 20.96 3.08 -17.50
N7 ADP E . 19.63 2.86 -17.32
C5 ADP E . 19.04 4.06 -17.18
C6 ADP E . 17.66 4.55 -16.95
N6 ADP E . 16.62 3.68 -16.85
N1 ADP E . 17.47 5.89 -16.85
C2 ADP E . 18.50 6.75 -16.96
N3 ADP E . 19.77 6.38 -17.15
C4 ADP E . 20.10 5.07 -17.26
MG MG F . 25.16 -3.81 -16.97
#